data_2E6S
#
_entry.id   2E6S
#
loop_
_entity.id
_entity.type
_entity.pdbx_description
1 polymer 'E3 ubiquitin-protein ligase UHRF2'
2 non-polymer 'ZINC ION'
#
_entity_poly.entity_id   1
_entity_poly.type   'polypeptide(L)'
_entity_poly.pdbx_seq_one_letter_code
;GSSGSSGRNDTECDLCGGDPEKKCHSCSCRVCGGKHEPNMQLLCDECNVAYHIYCLNPPLDKVPEEEYWYCPSCKTD
;
_entity_poly.pdbx_strand_id   A
#
loop_
_chem_comp.id
_chem_comp.type
_chem_comp.name
_chem_comp.formula
ZN non-polymer 'ZINC ION' 'Zn 2'
#
# COMPACT_ATOMS: atom_id res chain seq x y z
N GLY A 1 -22.24 20.69 -10.88
CA GLY A 1 -22.53 20.88 -12.29
C GLY A 1 -21.51 20.24 -13.20
N SER A 2 -21.04 20.99 -14.19
CA SER A 2 -20.05 20.47 -15.13
C SER A 2 -18.73 20.16 -14.42
N SER A 3 -17.94 19.28 -15.02
CA SER A 3 -16.65 18.89 -14.46
C SER A 3 -15.59 19.94 -14.76
N GLY A 4 -15.00 20.50 -13.70
CA GLY A 4 -13.97 21.50 -13.87
C GLY A 4 -12.82 21.33 -12.89
N SER A 5 -12.53 22.38 -12.14
CA SER A 5 -11.44 22.35 -11.16
C SER A 5 -10.11 22.09 -11.85
N SER A 6 -9.57 23.12 -12.50
CA SER A 6 -8.31 23.01 -13.20
C SER A 6 -7.15 22.82 -12.22
N GLY A 7 -7.07 23.72 -11.23
CA GLY A 7 -6.01 23.63 -10.24
C GLY A 7 -6.29 22.57 -9.19
N ARG A 8 -5.40 21.58 -9.11
CA ARG A 8 -5.55 20.49 -8.15
C ARG A 8 -4.31 19.61 -8.12
N ASN A 9 -3.73 19.46 -6.93
CA ASN A 9 -2.54 18.64 -6.77
C ASN A 9 -2.84 17.38 -5.96
N ASP A 10 -3.78 16.59 -6.45
CA ASP A 10 -4.16 15.35 -5.78
C ASP A 10 -4.46 14.25 -6.79
N THR A 11 -4.92 13.10 -6.29
CA THR A 11 -5.24 11.97 -7.16
C THR A 11 -5.92 10.86 -6.37
N GLU A 12 -6.84 10.16 -7.02
CA GLU A 12 -7.57 9.07 -6.38
C GLU A 12 -7.13 7.72 -6.94
N CYS A 13 -7.65 6.64 -6.37
CA CYS A 13 -7.31 5.30 -6.80
C CYS A 13 -8.33 4.78 -7.82
N ASP A 14 -7.83 4.34 -8.96
CA ASP A 14 -8.70 3.81 -10.01
C ASP A 14 -8.88 2.31 -9.86
N LEU A 15 -7.89 1.64 -9.28
CA LEU A 15 -7.95 0.20 -9.07
C LEU A 15 -9.24 -0.20 -8.36
N CYS A 16 -9.72 0.67 -7.49
CA CYS A 16 -10.94 0.41 -6.74
C CYS A 16 -11.95 1.53 -6.95
N GLY A 17 -11.46 2.76 -7.06
CA GLY A 17 -12.34 3.90 -7.25
C GLY A 17 -12.39 4.82 -6.05
N GLY A 18 -12.10 4.26 -4.88
CA GLY A 18 -12.12 5.06 -3.67
C GLY A 18 -13.26 4.68 -2.74
N ASP A 19 -13.30 3.40 -2.34
CA ASP A 19 -14.34 2.91 -1.45
C ASP A 19 -13.87 1.68 -0.69
N PRO A 20 -14.48 1.44 0.48
CA PRO A 20 -14.14 0.29 1.33
C PRO A 20 -14.58 -1.03 0.72
N GLU A 21 -15.83 -1.08 0.26
CA GLU A 21 -16.37 -2.29 -0.33
C GLU A 21 -15.58 -2.68 -1.58
N LYS A 22 -15.17 -1.68 -2.36
CA LYS A 22 -14.40 -1.92 -3.57
C LYS A 22 -13.03 -2.50 -3.24
N LYS A 23 -12.92 -3.82 -3.29
CA LYS A 23 -11.65 -4.49 -2.99
C LYS A 23 -10.53 -3.93 -3.86
N CYS A 24 -9.36 -3.78 -3.27
CA CYS A 24 -8.20 -3.27 -4.00
C CYS A 24 -6.95 -4.06 -3.65
N HIS A 25 -5.95 -4.01 -4.53
CA HIS A 25 -4.70 -4.71 -4.32
C HIS A 25 -3.61 -3.77 -3.80
N SER A 26 -3.75 -2.49 -4.14
CA SER A 26 -2.77 -1.49 -3.72
C SER A 26 -3.14 -0.92 -2.35
N CYS A 27 -4.36 -0.41 -2.23
CA CYS A 27 -4.84 0.16 -0.98
C CYS A 27 -4.71 -0.85 0.16
N SER A 28 -4.74 -2.14 -0.20
CA SER A 28 -4.64 -3.20 0.79
C SER A 28 -3.56 -4.20 0.41
N CYS A 29 -3.51 -5.32 1.11
CA CYS A 29 -2.53 -6.37 0.85
C CYS A 29 -2.55 -6.77 -0.63
N ARG A 30 -1.38 -6.72 -1.26
CA ARG A 30 -1.27 -7.08 -2.67
C ARG A 30 -0.90 -8.55 -2.83
N VAL A 31 -0.34 -9.14 -1.77
CA VAL A 31 0.07 -10.53 -1.80
C VAL A 31 -1.15 -11.46 -1.86
N CYS A 32 -1.86 -11.58 -0.74
CA CYS A 32 -3.05 -12.42 -0.68
C CYS A 32 -4.25 -11.72 -1.29
N GLY A 33 -4.22 -10.39 -1.28
CA GLY A 33 -5.32 -9.63 -1.84
C GLY A 33 -6.44 -9.41 -0.84
N GLY A 34 -6.07 -9.20 0.42
CA GLY A 34 -7.07 -8.98 1.46
C GLY A 34 -7.20 -7.52 1.82
N LYS A 35 -8.40 -7.12 2.24
CA LYS A 35 -8.66 -5.74 2.63
C LYS A 35 -9.17 -5.66 4.06
N HIS A 36 -8.56 -6.43 4.95
CA HIS A 36 -8.95 -6.45 6.35
C HIS A 36 -7.75 -6.21 7.26
N GLU A 37 -8.01 -6.06 8.56
CA GLU A 37 -6.94 -5.83 9.52
C GLU A 37 -6.10 -4.61 9.13
N PRO A 38 -6.73 -3.42 9.21
CA PRO A 38 -6.06 -2.17 8.86
C PRO A 38 -4.99 -1.77 9.88
N ASN A 39 -5.05 -2.39 11.05
CA ASN A 39 -4.08 -2.11 12.12
C ASN A 39 -2.80 -2.90 11.89
N MET A 40 -2.92 -4.09 11.31
CA MET A 40 -1.77 -4.93 11.04
C MET A 40 -1.27 -4.75 9.60
N GLN A 41 -1.54 -3.57 9.04
CA GLN A 41 -1.12 -3.27 7.68
C GLN A 41 0.07 -2.31 7.67
N LEU A 42 1.11 -2.69 6.95
CA LEU A 42 2.32 -1.87 6.86
C LEU A 42 2.33 -1.06 5.56
N LEU A 43 2.53 0.24 5.69
CA LEU A 43 2.57 1.13 4.52
C LEU A 43 4.00 1.42 4.11
N CYS A 44 4.26 1.43 2.81
CA CYS A 44 5.58 1.69 2.28
C CYS A 44 5.83 3.20 2.17
N ASP A 45 7.07 3.60 2.46
CA ASP A 45 7.44 5.01 2.40
C ASP A 45 8.03 5.37 1.03
N GLU A 46 7.45 4.80 -0.03
CA GLU A 46 7.91 5.06 -1.38
C GLU A 46 6.78 4.94 -2.39
N CYS A 47 6.15 3.76 -2.44
CA CYS A 47 5.05 3.52 -3.35
C CYS A 47 3.71 3.62 -2.63
N ASN A 48 3.76 3.62 -1.30
CA ASN A 48 2.55 3.72 -0.49
C ASN A 48 1.65 2.51 -0.71
N VAL A 49 2.13 1.35 -0.31
CA VAL A 49 1.38 0.11 -0.47
C VAL A 49 1.17 -0.59 0.88
N ALA A 50 -0.04 -1.05 1.13
CA ALA A 50 -0.37 -1.73 2.38
C ALA A 50 -0.11 -3.23 2.26
N TYR A 51 0.70 -3.76 3.17
CA TYR A 51 1.03 -5.17 3.18
C TYR A 51 0.87 -5.77 4.57
N HIS A 52 0.28 -6.96 4.64
CA HIS A 52 0.07 -7.63 5.91
C HIS A 52 1.40 -8.08 6.52
N ILE A 53 1.39 -8.36 7.81
CA ILE A 53 2.59 -8.79 8.52
C ILE A 53 2.84 -10.29 8.31
N TYR A 54 1.83 -10.99 7.81
CA TYR A 54 1.94 -12.42 7.57
C TYR A 54 1.81 -12.72 6.08
N CYS A 55 2.17 -11.75 5.25
CA CYS A 55 2.11 -11.92 3.80
C CYS A 55 3.37 -11.37 3.13
N LEU A 56 4.43 -11.23 3.91
CA LEU A 56 5.70 -10.72 3.39
C LEU A 56 6.58 -11.86 2.90
N ASN A 57 7.78 -11.52 2.44
CA ASN A 57 8.73 -12.51 1.95
C ASN A 57 10.17 -12.07 2.21
N PRO A 58 10.73 -12.57 3.33
CA PRO A 58 10.03 -13.47 4.24
C PRO A 58 8.91 -12.77 5.00
N PRO A 59 8.07 -13.56 5.68
CA PRO A 59 6.95 -13.03 6.46
C PRO A 59 7.42 -12.29 7.71
N LEU A 60 6.45 -11.85 8.53
CA LEU A 60 6.76 -11.12 9.76
C LEU A 60 5.95 -11.67 10.92
N ASP A 61 6.66 -12.15 11.95
CA ASP A 61 6.01 -12.69 13.13
C ASP A 61 5.02 -11.70 13.71
N LYS A 62 5.29 -10.41 13.51
CA LYS A 62 4.42 -9.35 14.01
C LYS A 62 4.73 -8.02 13.34
N VAL A 63 4.14 -6.96 13.86
CA VAL A 63 4.36 -5.62 13.31
C VAL A 63 5.67 -5.02 13.81
N PRO A 64 6.44 -4.44 12.89
CA PRO A 64 7.73 -3.82 13.21
C PRO A 64 7.57 -2.54 14.02
N GLU A 65 8.69 -1.98 14.46
CA GLU A 65 8.67 -0.75 15.26
C GLU A 65 9.96 0.04 15.05
N GLU A 66 10.60 -0.14 13.90
CA GLU A 66 11.84 0.56 13.59
C GLU A 66 11.55 1.95 13.04
N GLU A 67 12.59 2.60 12.53
CA GLU A 67 12.44 3.94 11.96
C GLU A 67 11.32 3.99 10.94
N TYR A 68 11.43 3.15 9.91
CA TYR A 68 10.41 3.10 8.86
C TYR A 68 10.28 1.68 8.31
N TRP A 69 9.28 1.48 7.46
CA TRP A 69 9.05 0.17 6.85
C TRP A 69 8.87 0.30 5.35
N TYR A 70 9.71 -0.42 4.60
CA TYR A 70 9.64 -0.38 3.14
C TYR A 70 9.29 -1.76 2.57
N CYS A 71 8.25 -1.80 1.74
CA CYS A 71 7.80 -3.04 1.14
C CYS A 71 8.96 -3.76 0.47
N PRO A 72 8.83 -5.09 0.33
CA PRO A 72 9.87 -5.93 -0.30
C PRO A 72 9.96 -5.69 -1.79
N SER A 73 9.01 -4.93 -2.34
CA SER A 73 8.99 -4.64 -3.76
C SER A 73 9.82 -3.40 -4.07
N CYS A 74 10.12 -2.63 -3.03
CA CYS A 74 10.92 -1.41 -3.18
C CYS A 74 12.35 -1.62 -2.70
N LYS A 75 12.49 -2.16 -1.49
CA LYS A 75 13.80 -2.41 -0.91
C LYS A 75 14.66 -3.21 -1.88
N THR A 76 15.67 -2.56 -2.44
CA THR A 76 16.59 -3.19 -3.38
C THR A 76 17.87 -3.64 -2.68
N ASP A 77 17.75 -3.99 -1.41
CA ASP A 77 18.90 -4.44 -0.63
C ASP A 77 19.95 -3.34 -0.53
ZN ZN B . -2.38 -10.45 3.16
ZN ZN C . 7.13 0.12 -1.85
ZN ZN D . -7.39 1.29 -4.39
N GLY A 1 -0.83 25.50 -14.19
CA GLY A 1 0.59 25.73 -14.35
C GLY A 1 1.41 24.45 -14.24
N SER A 2 2.28 24.21 -15.22
CA SER A 2 3.11 23.02 -15.24
C SER A 2 4.42 23.26 -14.51
N SER A 3 4.77 22.37 -13.60
CA SER A 3 6.01 22.48 -12.83
C SER A 3 6.69 21.13 -12.67
N GLY A 4 6.46 20.24 -13.64
CA GLY A 4 7.05 18.92 -13.59
C GLY A 4 6.72 18.09 -14.81
N SER A 5 7.36 16.93 -14.93
CA SER A 5 7.12 16.03 -16.06
C SER A 5 5.77 15.33 -15.93
N SER A 6 5.33 15.15 -14.69
CA SER A 6 4.06 14.49 -14.42
C SER A 6 2.89 15.36 -14.88
N GLY A 7 1.71 14.76 -14.97
CA GLY A 7 0.53 15.49 -15.39
C GLY A 7 -0.32 15.93 -14.22
N ARG A 8 0.32 16.22 -13.09
CA ARG A 8 -0.39 16.64 -11.89
C ARG A 8 -1.40 15.59 -11.45
N ASN A 9 -1.10 14.34 -11.75
CA ASN A 9 -1.99 13.23 -11.39
C ASN A 9 -1.28 12.23 -10.47
N ASP A 10 -1.26 12.54 -9.18
CA ASP A 10 -0.61 11.67 -8.19
C ASP A 10 -1.47 11.53 -6.95
N THR A 11 -2.77 11.29 -7.14
CA THR A 11 -3.69 11.13 -6.02
C THR A 11 -4.85 10.22 -6.38
N GLU A 12 -5.69 9.92 -5.41
CA GLU A 12 -6.84 9.04 -5.62
C GLU A 12 -6.38 7.66 -6.10
N CYS A 13 -7.35 6.78 -6.34
CA CYS A 13 -7.06 5.43 -6.81
C CYS A 13 -8.06 5.00 -7.87
N ASP A 14 -7.54 4.65 -9.06
CA ASP A 14 -8.38 4.20 -10.16
C ASP A 14 -8.62 2.70 -10.10
N LEU A 15 -7.67 1.99 -9.50
CA LEU A 15 -7.78 0.54 -9.37
C LEU A 15 -9.10 0.13 -8.73
N CYS A 16 -9.50 0.88 -7.70
CA CYS A 16 -10.76 0.60 -7.00
C CYS A 16 -11.73 1.76 -7.16
N GLY A 17 -11.19 2.97 -7.19
CA GLY A 17 -12.03 4.15 -7.34
C GLY A 17 -12.09 4.97 -6.06
N GLY A 18 -11.92 4.32 -4.92
CA GLY A 18 -11.96 5.01 -3.65
C GLY A 18 -13.17 4.63 -2.82
N ASP A 19 -13.29 3.34 -2.52
CA ASP A 19 -14.42 2.86 -1.72
C ASP A 19 -14.05 1.57 -1.00
N PRO A 20 -14.75 1.30 0.12
CA PRO A 20 -14.51 0.10 0.94
C PRO A 20 -14.97 -1.17 0.23
N GLU A 21 -16.18 -1.14 -0.31
CA GLU A 21 -16.73 -2.30 -1.01
C GLU A 21 -15.81 -2.74 -2.14
N LYS A 22 -15.47 -1.80 -3.02
CA LYS A 22 -14.59 -2.08 -4.14
C LYS A 22 -13.19 -2.47 -3.67
N LYS A 23 -12.98 -3.78 -3.50
CA LYS A 23 -11.69 -4.28 -3.06
C LYS A 23 -10.56 -3.76 -3.93
N CYS A 24 -9.36 -3.66 -3.36
CA CYS A 24 -8.20 -3.17 -4.09
C CYS A 24 -6.95 -3.97 -3.72
N HIS A 25 -5.97 -3.99 -4.62
CA HIS A 25 -4.73 -4.71 -4.40
C HIS A 25 -3.65 -3.77 -3.86
N SER A 26 -3.76 -2.49 -4.21
CA SER A 26 -2.79 -1.49 -3.79
C SER A 26 -3.16 -0.94 -2.42
N CYS A 27 -4.37 -0.41 -2.31
CA CYS A 27 -4.85 0.16 -1.05
C CYS A 27 -4.74 -0.85 0.08
N SER A 28 -4.77 -2.13 -0.27
CA SER A 28 -4.69 -3.20 0.72
C SER A 28 -3.59 -4.19 0.35
N CYS A 29 -3.55 -5.32 1.06
CA CYS A 29 -2.56 -6.35 0.80
C CYS A 29 -2.55 -6.75 -0.67
N ARG A 30 -1.38 -6.71 -1.29
CA ARG A 30 -1.23 -7.06 -2.70
C ARG A 30 -0.85 -8.54 -2.85
N VAL A 31 -0.34 -9.13 -1.78
CA VAL A 31 0.06 -10.53 -1.79
C VAL A 31 -1.15 -11.44 -1.85
N CYS A 32 -1.86 -11.56 -0.74
CA CYS A 32 -3.04 -12.41 -0.66
C CYS A 32 -4.25 -11.71 -1.29
N GLY A 33 -4.22 -10.39 -1.31
CA GLY A 33 -5.32 -9.63 -1.89
C GLY A 33 -6.46 -9.43 -0.92
N GLY A 34 -6.12 -9.21 0.35
CA GLY A 34 -7.14 -9.00 1.36
C GLY A 34 -7.24 -7.56 1.81
N LYS A 35 -8.44 -7.14 2.21
CA LYS A 35 -8.65 -5.77 2.66
C LYS A 35 -9.17 -5.75 4.09
N HIS A 36 -8.55 -6.54 4.96
CA HIS A 36 -8.95 -6.59 6.36
C HIS A 36 -7.76 -6.32 7.28
N GLU A 37 -8.03 -6.19 8.57
CA GLU A 37 -6.98 -5.93 9.56
C GLU A 37 -6.14 -4.73 9.14
N PRO A 38 -6.75 -3.53 9.15
CA PRO A 38 -6.08 -2.29 8.78
C PRO A 38 -5.03 -1.87 9.80
N ASN A 39 -5.12 -2.44 11.00
CA ASN A 39 -4.18 -2.13 12.07
C ASN A 39 -2.87 -2.90 11.88
N MET A 40 -2.97 -4.07 11.27
CA MET A 40 -1.79 -4.91 11.03
C MET A 40 -1.28 -4.73 9.61
N GLN A 41 -1.56 -3.57 9.02
CA GLN A 41 -1.12 -3.29 7.66
C GLN A 41 0.06 -2.32 7.66
N LEU A 42 1.12 -2.70 6.95
CA LEU A 42 2.32 -1.87 6.87
C LEU A 42 2.35 -1.07 5.57
N LEU A 43 2.52 0.24 5.70
CA LEU A 43 2.56 1.12 4.53
C LEU A 43 4.01 1.40 4.11
N CYS A 44 4.24 1.42 2.80
CA CYS A 44 5.58 1.67 2.27
C CYS A 44 5.86 3.18 2.23
N ASP A 45 7.13 3.54 2.46
CA ASP A 45 7.53 4.94 2.44
C ASP A 45 8.10 5.33 1.08
N GLU A 46 7.56 4.72 0.03
CA GLU A 46 8.02 5.00 -1.33
C GLU A 46 6.86 4.90 -2.31
N CYS A 47 6.26 3.72 -2.41
CA CYS A 47 5.14 3.50 -3.32
C CYS A 47 3.82 3.63 -2.59
N ASN A 48 3.87 3.62 -1.26
CA ASN A 48 2.67 3.74 -0.45
C ASN A 48 1.74 2.55 -0.67
N VAL A 49 2.19 1.37 -0.27
CA VAL A 49 1.40 0.16 -0.42
C VAL A 49 1.18 -0.53 0.92
N ALA A 50 -0.03 -1.04 1.12
CA ALA A 50 -0.37 -1.73 2.36
C ALA A 50 -0.11 -3.22 2.25
N TYR A 51 0.69 -3.74 3.17
CA TYR A 51 1.03 -5.17 3.18
C TYR A 51 0.86 -5.75 4.59
N HIS A 52 0.29 -6.95 4.65
CA HIS A 52 0.07 -7.63 5.92
C HIS A 52 1.40 -8.08 6.52
N ILE A 53 1.39 -8.36 7.83
CA ILE A 53 2.58 -8.81 8.52
C ILE A 53 2.83 -10.30 8.31
N TYR A 54 1.81 -10.99 7.82
CA TYR A 54 1.90 -12.42 7.57
C TYR A 54 1.78 -12.73 6.08
N CYS A 55 2.15 -11.75 5.25
CA CYS A 55 2.08 -11.91 3.81
C CYS A 55 3.33 -11.37 3.13
N LEU A 56 4.40 -11.25 3.91
CA LEU A 56 5.68 -10.74 3.40
C LEU A 56 6.55 -11.88 2.90
N ASN A 57 7.76 -11.54 2.44
CA ASN A 57 8.70 -12.53 1.94
C ASN A 57 10.13 -12.10 2.21
N PRO A 58 10.70 -12.61 3.32
CA PRO A 58 9.99 -13.50 4.23
C PRO A 58 8.88 -12.81 5.00
N PRO A 59 8.04 -13.60 5.68
CA PRO A 59 6.92 -13.08 6.47
C PRO A 59 7.39 -12.33 7.72
N LEU A 60 6.43 -11.88 8.53
CA LEU A 60 6.75 -11.17 9.76
C LEU A 60 5.93 -11.71 10.93
N ASP A 61 6.63 -12.21 11.94
CA ASP A 61 5.97 -12.75 13.12
C ASP A 61 5.00 -11.75 13.72
N LYS A 62 5.28 -10.46 13.51
CA LYS A 62 4.43 -9.39 14.03
C LYS A 62 4.74 -8.06 13.36
N VAL A 63 4.15 -6.98 13.86
CA VAL A 63 4.37 -5.66 13.31
C VAL A 63 5.68 -5.06 13.81
N PRO A 64 6.48 -4.49 12.90
CA PRO A 64 7.76 -3.87 13.23
C PRO A 64 7.60 -2.59 14.04
N GLU A 65 8.71 -1.93 14.33
CA GLU A 65 8.69 -0.69 15.10
C GLU A 65 10.00 0.08 14.92
N GLU A 66 10.66 -0.15 13.79
CA GLU A 66 11.92 0.53 13.50
C GLU A 66 11.68 1.93 12.95
N GLU A 67 12.73 2.56 12.45
CA GLU A 67 12.64 3.91 11.89
C GLU A 67 11.52 3.98 10.85
N TYR A 68 11.57 3.07 9.88
CA TYR A 68 10.57 3.04 8.82
C TYR A 68 10.43 1.63 8.25
N TRP A 69 9.37 1.42 7.47
CA TRP A 69 9.12 0.11 6.87
C TRP A 69 8.94 0.24 5.36
N TYR A 70 9.76 -0.48 4.60
CA TYR A 70 9.69 -0.45 3.16
C TYR A 70 9.33 -1.82 2.59
N CYS A 71 8.28 -1.86 1.78
CA CYS A 71 7.83 -3.11 1.17
C CYS A 71 8.98 -3.84 0.49
N PRO A 72 8.86 -5.15 0.35
CA PRO A 72 9.88 -5.99 -0.29
C PRO A 72 9.97 -5.75 -1.79
N SER A 73 9.01 -5.01 -2.32
CA SER A 73 8.98 -4.71 -3.76
C SER A 73 9.80 -3.47 -4.06
N CYS A 74 10.12 -2.70 -3.02
CA CYS A 74 10.91 -1.49 -3.19
C CYS A 74 12.35 -1.70 -2.71
N LYS A 75 12.49 -2.22 -1.51
CA LYS A 75 13.81 -2.49 -0.93
C LYS A 75 14.67 -3.29 -1.90
N THR A 76 15.72 -2.65 -2.41
CA THR A 76 16.63 -3.30 -3.35
C THR A 76 17.92 -3.73 -2.66
N ASP A 77 17.82 -4.07 -1.38
CA ASP A 77 18.98 -4.50 -0.61
C ASP A 77 20.04 -3.41 -0.57
ZN ZN B . -2.39 -10.41 3.15
ZN ZN C . 7.14 0.06 -1.83
ZN ZN D . -7.31 1.39 -4.46
N GLY A 1 14.64 26.88 -24.98
CA GLY A 1 13.65 26.15 -25.76
C GLY A 1 12.25 26.25 -25.17
N SER A 2 11.61 25.09 -24.99
CA SER A 2 10.27 25.06 -24.44
C SER A 2 10.29 24.65 -22.97
N SER A 3 9.17 24.86 -22.28
CA SER A 3 9.08 24.51 -20.87
C SER A 3 7.71 23.91 -20.55
N GLY A 4 7.66 22.58 -20.53
CA GLY A 4 6.41 21.90 -20.25
C GLY A 4 6.10 21.85 -18.77
N SER A 5 5.46 22.90 -18.26
CA SER A 5 5.10 22.98 -16.85
C SER A 5 3.62 22.69 -16.64
N SER A 6 3.23 21.44 -16.90
CA SER A 6 1.85 21.02 -16.75
C SER A 6 1.75 19.73 -15.94
N GLY A 7 0.67 19.59 -15.18
CA GLY A 7 0.49 18.40 -14.37
C GLY A 7 -0.97 18.15 -14.03
N ARG A 8 -1.20 17.42 -12.95
CA ARG A 8 -2.56 17.11 -12.51
C ARG A 8 -2.60 16.82 -11.01
N ASN A 9 -3.37 17.61 -10.28
CA ASN A 9 -3.49 17.42 -8.84
C ASN A 9 -4.65 16.49 -8.50
N ASP A 10 -4.79 16.15 -7.22
CA ASP A 10 -5.85 15.25 -6.78
C ASP A 10 -5.75 13.91 -7.48
N THR A 11 -4.89 13.03 -6.97
CA THR A 11 -4.71 11.71 -7.55
C THR A 11 -5.47 10.65 -6.76
N GLU A 12 -6.48 10.07 -7.39
CA GLU A 12 -7.30 9.04 -6.75
C GLU A 12 -6.92 7.65 -7.25
N CYS A 13 -7.45 6.63 -6.59
CA CYS A 13 -7.17 5.24 -6.97
C CYS A 13 -8.20 4.73 -7.97
N ASP A 14 -7.73 4.24 -9.10
CA ASP A 14 -8.61 3.71 -10.14
C ASP A 14 -8.84 2.21 -9.95
N LEU A 15 -7.87 1.54 -9.35
CA LEU A 15 -7.96 0.10 -9.10
C LEU A 15 -9.26 -0.24 -8.38
N CYS A 16 -9.67 0.65 -7.48
CA CYS A 16 -10.91 0.44 -6.72
C CYS A 16 -11.87 1.60 -6.91
N GLY A 17 -11.33 2.82 -7.00
CA GLY A 17 -12.15 3.99 -7.19
C GLY A 17 -12.24 4.85 -5.95
N GLY A 18 -11.98 4.24 -4.80
CA GLY A 18 -12.04 4.97 -3.54
C GLY A 18 -13.24 4.58 -2.70
N ASP A 19 -13.22 3.36 -2.17
CA ASP A 19 -14.32 2.87 -1.34
C ASP A 19 -13.91 1.63 -0.57
N PRO A 20 -14.58 1.38 0.56
CA PRO A 20 -14.29 0.21 1.41
C PRO A 20 -14.72 -1.09 0.77
N GLU A 21 -15.94 -1.12 0.24
CA GLU A 21 -16.46 -2.32 -0.41
C GLU A 21 -15.62 -2.68 -1.63
N LYS A 22 -15.26 -1.68 -2.42
CA LYS A 22 -14.46 -1.89 -3.62
C LYS A 22 -13.07 -2.43 -3.26
N LYS A 23 -12.91 -3.75 -3.32
CA LYS A 23 -11.65 -4.38 -3.00
C LYS A 23 -10.52 -3.79 -3.85
N CYS A 24 -9.30 -3.84 -3.31
CA CYS A 24 -8.14 -3.32 -4.02
C CYS A 24 -6.88 -4.10 -3.66
N HIS A 25 -5.89 -4.06 -4.55
CA HIS A 25 -4.64 -4.77 -4.32
C HIS A 25 -3.56 -3.82 -3.82
N SER A 26 -3.68 -2.54 -4.18
CA SER A 26 -2.71 -1.53 -3.76
C SER A 26 -3.07 -0.97 -2.39
N CYS A 27 -4.28 -0.43 -2.27
CA CYS A 27 -4.74 0.14 -1.01
C CYS A 27 -4.64 -0.87 0.12
N SER A 28 -4.68 -2.16 -0.23
CA SER A 28 -4.60 -3.23 0.75
C SER A 28 -3.53 -4.23 0.38
N CYS A 29 -3.49 -5.35 1.09
CA CYS A 29 -2.51 -6.39 0.83
C CYS A 29 -2.52 -6.80 -0.65
N ARG A 30 -1.35 -6.77 -1.27
CA ARG A 30 -1.23 -7.13 -2.68
C ARG A 30 -0.85 -8.60 -2.83
N VAL A 31 -0.31 -9.18 -1.76
CA VAL A 31 0.09 -10.58 -1.77
C VAL A 31 -1.12 -11.50 -1.85
N CYS A 32 -1.83 -11.61 -0.72
CA CYS A 32 -3.01 -12.46 -0.66
C CYS A 32 -4.22 -11.76 -1.28
N GLY A 33 -4.19 -10.44 -1.28
CA GLY A 33 -5.29 -9.68 -1.86
C GLY A 33 -6.42 -9.45 -0.86
N GLY A 34 -6.06 -9.24 0.40
CA GLY A 34 -7.05 -9.01 1.43
C GLY A 34 -7.18 -7.56 1.80
N LYS A 35 -8.39 -7.15 2.21
CA LYS A 35 -8.64 -5.77 2.61
C LYS A 35 -9.13 -5.69 4.04
N HIS A 36 -8.61 -6.56 4.89
CA HIS A 36 -8.99 -6.59 6.30
C HIS A 36 -7.78 -6.35 7.20
N GLU A 37 -8.04 -6.19 8.50
CA GLU A 37 -6.98 -5.95 9.47
C GLU A 37 -6.11 -4.76 9.04
N PRO A 38 -6.71 -3.57 9.05
CA PRO A 38 -6.02 -2.33 8.67
C PRO A 38 -4.96 -1.92 9.68
N ASN A 39 -5.12 -2.40 10.93
CA ASN A 39 -4.18 -2.08 11.99
C ASN A 39 -2.88 -2.86 11.82
N MET A 40 -2.98 -4.05 11.26
CA MET A 40 -1.81 -4.90 11.03
C MET A 40 -1.29 -4.73 9.61
N GLN A 41 -1.55 -3.57 9.02
CA GLN A 41 -1.10 -3.29 7.66
C GLN A 41 0.08 -2.31 7.67
N LEU A 42 1.14 -2.68 6.97
CA LEU A 42 2.33 -1.84 6.90
C LEU A 42 2.35 -1.05 5.60
N LEU A 43 2.53 0.27 5.70
CA LEU A 43 2.57 1.14 4.53
C LEU A 43 4.01 1.43 4.12
N CYS A 44 4.27 1.41 2.83
CA CYS A 44 5.61 1.68 2.31
C CYS A 44 5.85 3.18 2.18
N ASP A 45 7.08 3.60 2.48
CA ASP A 45 7.44 5.02 2.40
C ASP A 45 8.04 5.34 1.04
N GLU A 46 7.44 4.80 -0.01
CA GLU A 46 7.92 5.04 -1.37
C GLU A 46 6.79 4.91 -2.38
N CYS A 47 6.18 3.73 -2.44
CA CYS A 47 5.08 3.48 -3.36
C CYS A 47 3.73 3.59 -2.64
N ASN A 48 3.77 3.59 -1.32
CA ASN A 48 2.56 3.69 -0.51
C ASN A 48 1.66 2.48 -0.74
N VAL A 49 2.14 1.31 -0.34
CA VAL A 49 1.38 0.07 -0.49
C VAL A 49 1.18 -0.61 0.85
N ALA A 50 -0.05 -1.07 1.10
CA ALA A 50 -0.38 -1.75 2.34
C ALA A 50 -0.12 -3.24 2.24
N TYR A 51 0.68 -3.76 3.17
CA TYR A 51 1.02 -5.18 3.17
C TYR A 51 0.86 -5.77 4.58
N HIS A 52 0.27 -6.96 4.64
CA HIS A 52 0.06 -7.63 5.91
C HIS A 52 1.38 -8.06 6.53
N ILE A 53 1.36 -8.33 7.83
CA ILE A 53 2.57 -8.76 8.54
C ILE A 53 2.82 -10.25 8.35
N TYR A 54 1.81 -10.96 7.85
CA TYR A 54 1.92 -12.39 7.61
C TYR A 54 1.80 -12.71 6.13
N CYS A 55 2.17 -11.74 5.29
CA CYS A 55 2.11 -11.92 3.84
C CYS A 55 3.37 -11.37 3.18
N LEU A 56 4.43 -11.23 3.96
CA LEU A 56 5.69 -10.72 3.43
C LEU A 56 6.59 -11.86 2.96
N ASN A 57 7.78 -11.51 2.50
CA ASN A 57 8.74 -12.50 2.02
C ASN A 57 10.18 -12.06 2.29
N PRO A 58 10.74 -12.55 3.42
CA PRO A 58 10.03 -13.45 4.33
C PRO A 58 8.91 -12.74 5.08
N PRO A 59 8.06 -13.53 5.77
CA PRO A 59 6.94 -13.01 6.54
C PRO A 59 7.39 -12.25 7.78
N LEU A 60 6.43 -11.81 8.58
CA LEU A 60 6.73 -11.08 9.81
C LEU A 60 5.92 -11.62 10.99
N ASP A 61 6.63 -12.09 12.02
CA ASP A 61 5.97 -12.64 13.19
C ASP A 61 4.98 -11.64 13.78
N LYS A 62 5.25 -10.35 13.56
CA LYS A 62 4.37 -9.29 14.06
C LYS A 62 4.68 -7.97 13.39
N VAL A 63 4.10 -6.89 13.90
CA VAL A 63 4.32 -5.55 13.35
C VAL A 63 5.64 -4.96 13.85
N PRO A 64 6.41 -4.38 12.92
CA PRO A 64 7.70 -3.77 13.24
C PRO A 64 7.55 -2.49 14.06
N GLU A 65 8.66 -2.01 14.62
CA GLU A 65 8.64 -0.79 15.41
C GLU A 65 9.92 0.01 15.21
N GLU A 66 10.54 -0.17 14.04
CA GLU A 66 11.78 0.54 13.71
C GLU A 66 11.47 1.92 13.15
N GLU A 67 12.51 2.59 12.63
CA GLU A 67 12.35 3.91 12.06
C GLU A 67 11.22 3.94 11.04
N TYR A 68 11.38 3.18 9.96
CA TYR A 68 10.37 3.11 8.91
C TYR A 68 10.25 1.70 8.35
N TRP A 69 9.25 1.48 7.50
CA TRP A 69 9.03 0.18 6.90
C TRP A 69 8.86 0.30 5.39
N TYR A 70 9.71 -0.40 4.65
CA TYR A 70 9.66 -0.38 3.19
C TYR A 70 9.30 -1.75 2.63
N CYS A 71 8.26 -1.78 1.80
CA CYS A 71 7.81 -3.03 1.19
C CYS A 71 8.97 -3.77 0.53
N PRO A 72 8.83 -5.09 0.40
CA PRO A 72 9.86 -5.94 -0.22
C PRO A 72 9.98 -5.70 -1.72
N SER A 73 9.03 -4.94 -2.27
CA SER A 73 9.03 -4.65 -3.70
C SER A 73 9.87 -3.41 -4.00
N CYS A 74 10.18 -2.64 -2.96
CA CYS A 74 10.97 -1.43 -3.12
C CYS A 74 12.40 -1.65 -2.62
N LYS A 75 12.53 -2.18 -1.41
CA LYS A 75 13.83 -2.45 -0.82
C LYS A 75 14.70 -3.25 -1.77
N THR A 76 15.72 -2.60 -2.33
CA THR A 76 16.63 -3.26 -3.27
C THR A 76 18.06 -3.24 -2.74
N ASP A 77 18.20 -3.31 -1.42
CA ASP A 77 19.52 -3.30 -0.79
C ASP A 77 19.66 -4.46 0.19
ZN ZN B . -2.36 -10.46 3.16
ZN ZN C . 7.19 0.13 -1.82
ZN ZN D . -7.31 1.24 -4.41
N GLY A 1 -3.03 38.05 -16.35
CA GLY A 1 -3.46 38.12 -14.96
C GLY A 1 -2.34 37.81 -13.99
N SER A 2 -2.67 37.70 -12.71
CA SER A 2 -1.68 37.41 -11.68
C SER A 2 -2.33 36.74 -10.47
N SER A 3 -1.59 35.84 -9.84
CA SER A 3 -2.09 35.13 -8.67
C SER A 3 -0.99 34.28 -8.03
N GLY A 4 -0.13 34.93 -7.26
CA GLY A 4 0.95 34.22 -6.61
C GLY A 4 0.45 33.16 -5.64
N SER A 5 1.33 32.24 -5.26
CA SER A 5 0.98 31.17 -4.35
C SER A 5 -0.13 30.30 -4.92
N SER A 6 0.20 29.55 -5.97
CA SER A 6 -0.77 28.68 -6.63
C SER A 6 -0.16 27.31 -6.92
N GLY A 7 -0.84 26.26 -6.50
CA GLY A 7 -0.36 24.91 -6.72
C GLY A 7 -1.31 23.85 -6.20
N ARG A 8 -1.37 22.71 -6.88
CA ARG A 8 -2.24 21.62 -6.47
C ARG A 8 -1.66 20.28 -6.89
N ASN A 9 -2.30 19.19 -6.44
CA ASN A 9 -1.84 17.85 -6.77
C ASN A 9 -2.98 16.84 -6.65
N ASP A 10 -3.49 16.68 -5.44
CA ASP A 10 -4.59 15.75 -5.19
C ASP A 10 -4.15 14.31 -5.49
N THR A 11 -4.88 13.35 -4.91
CA THR A 11 -4.57 11.94 -5.11
C THR A 11 -5.84 11.10 -5.13
N GLU A 12 -5.75 9.92 -5.74
CA GLU A 12 -6.90 9.03 -5.85
C GLU A 12 -6.46 7.63 -6.29
N CYS A 13 -7.42 6.72 -6.38
CA CYS A 13 -7.14 5.36 -6.79
C CYS A 13 -8.17 4.86 -7.80
N ASP A 14 -7.70 4.40 -8.95
CA ASP A 14 -8.58 3.90 -10.00
C ASP A 14 -8.83 2.40 -9.83
N LEU A 15 -7.87 1.72 -9.22
CA LEU A 15 -7.98 0.28 -9.00
C LEU A 15 -9.28 -0.07 -8.28
N CYS A 16 -9.68 0.80 -7.37
CA CYS A 16 -10.92 0.59 -6.61
C CYS A 16 -11.88 1.75 -6.79
N GLY A 17 -11.32 2.96 -6.89
CA GLY A 17 -12.14 4.15 -7.06
C GLY A 17 -12.22 4.98 -5.81
N GLY A 18 -11.99 4.36 -4.66
CA GLY A 18 -12.05 5.07 -3.39
C GLY A 18 -13.24 4.68 -2.55
N ASP A 19 -13.40 3.37 -2.33
CA ASP A 19 -14.51 2.86 -1.54
C ASP A 19 -14.10 1.58 -0.81
N PRO A 20 -14.78 1.30 0.31
CA PRO A 20 -14.50 0.12 1.13
C PRO A 20 -14.93 -1.17 0.44
N GLU A 21 -16.15 -1.18 -0.09
CA GLU A 21 -16.68 -2.35 -0.79
C GLU A 21 -15.75 -2.78 -1.91
N LYS A 22 -15.48 -1.85 -2.82
CA LYS A 22 -14.60 -2.13 -3.96
C LYS A 22 -13.22 -2.57 -3.49
N LYS A 23 -13.00 -3.88 -3.47
CA LYS A 23 -11.71 -4.44 -3.05
C LYS A 23 -10.57 -3.86 -3.88
N CYS A 24 -9.41 -3.72 -3.26
CA CYS A 24 -8.23 -3.18 -3.94
C CYS A 24 -6.99 -4.01 -3.61
N HIS A 25 -5.99 -3.93 -4.48
CA HIS A 25 -4.74 -4.67 -4.29
C HIS A 25 -3.64 -3.74 -3.77
N SER A 26 -3.74 -2.47 -4.13
CA SER A 26 -2.74 -1.49 -3.71
C SER A 26 -3.07 -0.93 -2.33
N CYS A 27 -4.27 -0.38 -2.20
CA CYS A 27 -4.73 0.19 -0.93
C CYS A 27 -4.61 -0.82 0.19
N SER A 28 -4.69 -2.10 -0.16
CA SER A 28 -4.61 -3.18 0.82
C SER A 28 -3.53 -4.19 0.42
N CYS A 29 -3.49 -5.32 1.13
CA CYS A 29 -2.51 -6.36 0.87
C CYS A 29 -2.53 -6.76 -0.61
N ARG A 30 -1.37 -6.72 -1.24
CA ARG A 30 -1.25 -7.08 -2.66
C ARG A 30 -0.88 -8.55 -2.82
N VAL A 31 -0.33 -9.13 -1.75
CA VAL A 31 0.06 -10.54 -1.77
C VAL A 31 -1.16 -11.46 -1.84
N CYS A 32 -1.87 -11.57 -0.73
CA CYS A 32 -3.05 -12.42 -0.66
C CYS A 32 -4.26 -11.71 -1.28
N GLY A 33 -4.22 -10.37 -1.27
CA GLY A 33 -5.31 -9.60 -1.83
C GLY A 33 -6.43 -9.38 -0.83
N GLY A 34 -6.06 -9.18 0.44
CA GLY A 34 -7.06 -8.95 1.46
C GLY A 34 -7.20 -7.48 1.83
N LYS A 35 -8.39 -7.09 2.25
CA LYS A 35 -8.65 -5.71 2.63
C LYS A 35 -9.18 -5.63 4.05
N HIS A 36 -8.59 -6.41 4.95
CA HIS A 36 -9.00 -6.43 6.35
C HIS A 36 -7.81 -6.21 7.27
N GLU A 37 -8.08 -6.08 8.56
CA GLU A 37 -7.03 -5.85 9.54
C GLU A 37 -6.14 -4.69 9.14
N PRO A 38 -6.72 -3.48 9.15
CA PRO A 38 -6.00 -2.25 8.78
C PRO A 38 -4.95 -1.86 9.82
N ASN A 39 -5.07 -2.43 11.01
CA ASN A 39 -4.14 -2.13 12.10
C ASN A 39 -2.83 -2.91 11.90
N MET A 40 -2.93 -4.08 11.31
CA MET A 40 -1.76 -4.92 11.06
C MET A 40 -1.26 -4.74 9.63
N GLN A 41 -1.54 -3.59 9.05
CA GLN A 41 -1.12 -3.29 7.68
C GLN A 41 0.06 -2.33 7.68
N LEU A 42 1.12 -2.70 6.95
CA LEU A 42 2.31 -1.87 6.86
C LEU A 42 2.31 -1.07 5.56
N LEU A 43 2.53 0.25 5.67
CA LEU A 43 2.57 1.13 4.51
C LEU A 43 4.00 1.41 4.09
N CYS A 44 4.24 1.44 2.78
CA CYS A 44 5.57 1.70 2.25
C CYS A 44 5.83 3.20 2.19
N ASP A 45 7.08 3.58 2.42
CA ASP A 45 7.47 4.98 2.38
C ASP A 45 8.04 5.36 1.02
N GLU A 46 7.52 4.74 -0.03
CA GLU A 46 7.97 5.01 -1.39
C GLU A 46 6.81 4.91 -2.38
N CYS A 47 6.21 3.72 -2.46
CA CYS A 47 5.10 3.49 -3.36
C CYS A 47 3.77 3.63 -2.63
N ASN A 48 3.82 3.63 -1.30
CA ASN A 48 2.62 3.75 -0.48
C ASN A 48 1.69 2.56 -0.70
N VAL A 49 2.16 1.37 -0.30
CA VAL A 49 1.37 0.15 -0.45
C VAL A 49 1.18 -0.53 0.90
N ALA A 50 -0.03 -1.04 1.12
CA ALA A 50 -0.36 -1.72 2.38
C ALA A 50 -0.10 -3.22 2.26
N TYR A 51 0.70 -3.74 3.17
CA TYR A 51 1.03 -5.17 3.18
C TYR A 51 0.87 -5.76 4.58
N HIS A 52 0.28 -6.95 4.64
CA HIS A 52 0.06 -7.62 5.92
C HIS A 52 1.39 -8.07 6.53
N ILE A 53 1.37 -8.35 7.83
CA ILE A 53 2.58 -8.79 8.52
C ILE A 53 2.83 -10.28 8.33
N TYR A 54 1.80 -10.97 7.84
CA TYR A 54 1.91 -12.40 7.59
C TYR A 54 1.79 -12.73 6.10
N CYS A 55 2.16 -11.76 5.27
CA CYS A 55 2.09 -11.93 3.83
C CYS A 55 3.36 -11.39 3.15
N LEU A 56 4.42 -11.25 3.93
CA LEU A 56 5.69 -10.75 3.42
C LEU A 56 6.57 -11.89 2.92
N ASN A 57 7.78 -11.55 2.48
CA ASN A 57 8.72 -12.55 1.99
C ASN A 57 10.15 -12.11 2.26
N PRO A 58 10.72 -12.61 3.37
CA PRO A 58 10.01 -13.50 4.29
C PRO A 58 8.89 -12.79 5.04
N PRO A 59 8.04 -13.58 5.73
CA PRO A 59 6.92 -13.05 6.51
C PRO A 59 7.39 -12.30 7.75
N LEU A 60 6.43 -11.86 8.56
CA LEU A 60 6.74 -11.12 9.78
C LEU A 60 5.93 -11.66 10.95
N ASP A 61 6.62 -12.13 11.98
CA ASP A 61 5.97 -12.68 13.17
C ASP A 61 4.98 -11.68 13.75
N LYS A 62 5.26 -10.39 13.54
CA LYS A 62 4.40 -9.33 14.04
C LYS A 62 4.71 -8.00 13.35
N VAL A 63 4.13 -6.93 13.88
CA VAL A 63 4.36 -5.59 13.32
C VAL A 63 5.68 -5.01 13.81
N PRO A 64 6.45 -4.43 12.88
CA PRO A 64 7.75 -3.83 13.20
C PRO A 64 7.60 -2.54 14.00
N GLU A 65 8.72 -2.05 14.52
CA GLU A 65 8.72 -0.83 15.32
C GLU A 65 10.01 -0.03 15.11
N GLU A 66 10.63 -0.22 13.95
CA GLU A 66 11.87 0.47 13.63
C GLU A 66 11.59 1.85 13.07
N GLU A 67 12.63 2.50 12.54
CA GLU A 67 12.49 3.84 11.98
C GLU A 67 11.35 3.89 10.96
N TYR A 68 11.49 3.11 9.89
CA TYR A 68 10.48 3.06 8.84
C TYR A 68 10.35 1.64 8.29
N TRP A 69 9.33 1.44 7.45
CA TRP A 69 9.09 0.14 6.85
C TRP A 69 8.91 0.27 5.33
N TYR A 70 9.73 -0.46 4.58
CA TYR A 70 9.67 -0.43 3.13
C TYR A 70 9.31 -1.80 2.57
N CYS A 71 8.26 -1.85 1.75
CA CYS A 71 7.81 -3.09 1.15
C CYS A 71 8.97 -3.81 0.46
N PRO A 72 8.84 -5.14 0.33
CA PRO A 72 9.87 -5.98 -0.30
C PRO A 72 9.96 -5.73 -1.80
N SER A 73 9.00 -4.99 -2.34
CA SER A 73 8.97 -4.69 -3.77
C SER A 73 9.81 -3.45 -4.08
N CYS A 74 10.11 -2.68 -3.04
CA CYS A 74 10.91 -1.47 -3.20
C CYS A 74 12.34 -1.68 -2.72
N LYS A 75 12.48 -2.21 -1.51
CA LYS A 75 13.79 -2.47 -0.93
C LYS A 75 14.66 -3.27 -1.90
N THR A 76 15.72 -2.64 -2.41
CA THR A 76 16.62 -3.29 -3.34
C THR A 76 18.05 -3.29 -2.82
N ASP A 77 18.29 -4.04 -1.75
CA ASP A 77 19.63 -4.12 -1.15
C ASP A 77 19.72 -5.31 -0.19
ZN ZN B . -2.38 -10.44 3.16
ZN ZN C . 7.13 0.08 -1.85
ZN ZN D . -7.35 1.39 -4.29
N GLY A 1 -30.39 8.53 4.41
CA GLY A 1 -30.13 9.15 5.69
C GLY A 1 -28.81 9.89 5.73
N SER A 2 -28.87 11.21 5.83
CA SER A 2 -27.67 12.03 5.85
C SER A 2 -26.87 11.87 4.58
N SER A 3 -27.31 12.53 3.51
CA SER A 3 -26.64 12.45 2.22
C SER A 3 -25.84 13.72 1.94
N GLY A 4 -24.53 13.62 2.07
CA GLY A 4 -23.67 14.77 1.84
C GLY A 4 -22.19 14.44 2.02
N SER A 5 -21.81 13.24 1.62
CA SER A 5 -20.42 12.79 1.74
C SER A 5 -19.98 12.80 3.19
N SER A 6 -18.69 12.58 3.42
CA SER A 6 -18.13 12.56 4.76
C SER A 6 -16.94 13.50 4.88
N GLY A 7 -16.77 14.09 6.07
CA GLY A 7 -15.67 15.01 6.28
C GLY A 7 -14.41 14.31 6.75
N ARG A 8 -13.52 14.01 5.80
CA ARG A 8 -12.27 13.32 6.13
C ARG A 8 -11.35 13.26 4.90
N ASN A 9 -10.05 13.35 5.15
CA ASN A 9 -9.07 13.31 4.06
C ASN A 9 -9.14 11.98 3.32
N ASP A 10 -8.70 11.98 2.07
CA ASP A 10 -8.71 10.78 1.26
C ASP A 10 -7.71 10.89 0.11
N THR A 11 -7.44 9.77 -0.56
CA THR A 11 -6.51 9.74 -1.67
C THR A 11 -7.21 9.38 -2.98
N GLU A 12 -6.43 9.21 -4.04
CA GLU A 12 -6.97 8.86 -5.35
C GLU A 12 -6.51 7.47 -5.78
N CYS A 13 -7.42 6.70 -6.37
CA CYS A 13 -7.11 5.36 -6.83
C CYS A 13 -8.10 4.90 -7.89
N ASP A 14 -7.56 4.43 -9.02
CA ASP A 14 -8.41 3.97 -10.13
C ASP A 14 -8.65 2.46 -10.02
N LEU A 15 -7.70 1.75 -9.42
CA LEU A 15 -7.81 0.31 -9.25
C LEU A 15 -9.13 -0.06 -8.58
N CYS A 16 -9.59 0.79 -7.67
CA CYS A 16 -10.85 0.55 -6.96
C CYS A 16 -11.80 1.73 -7.16
N GLY A 17 -11.25 2.94 -7.21
CA GLY A 17 -12.07 4.12 -7.39
C GLY A 17 -12.09 5.00 -6.15
N GLY A 18 -11.88 4.39 -4.99
CA GLY A 18 -11.88 5.15 -3.74
C GLY A 18 -13.06 4.82 -2.86
N ASP A 19 -13.09 3.59 -2.36
CA ASP A 19 -14.17 3.14 -1.49
C ASP A 19 -13.76 1.91 -0.69
N PRO A 20 -14.40 1.71 0.46
CA PRO A 20 -14.12 0.56 1.34
C PRO A 20 -14.59 -0.75 0.74
N GLU A 21 -15.83 -0.78 0.27
CA GLU A 21 -16.40 -1.98 -0.33
C GLU A 21 -15.56 -2.45 -1.51
N LYS A 22 -15.36 -1.55 -2.49
CA LYS A 22 -14.57 -1.87 -3.67
C LYS A 22 -13.20 -2.41 -3.29
N LYS A 23 -13.04 -3.72 -3.37
CA LYS A 23 -11.77 -4.37 -3.03
C LYS A 23 -10.64 -3.84 -3.92
N CYS A 24 -9.46 -3.71 -3.34
CA CYS A 24 -8.29 -3.22 -4.07
C CYS A 24 -7.05 -4.01 -3.72
N HIS A 25 -6.07 -4.01 -4.62
CA HIS A 25 -4.82 -4.72 -4.40
C HIS A 25 -3.73 -3.80 -3.88
N SER A 26 -3.83 -2.52 -4.25
CA SER A 26 -2.85 -1.53 -3.82
C SER A 26 -3.20 -0.98 -2.45
N CYS A 27 -4.39 -0.41 -2.33
CA CYS A 27 -4.84 0.16 -1.06
C CYS A 27 -4.73 -0.87 0.06
N SER A 28 -4.83 -2.15 -0.29
CA SER A 28 -4.75 -3.22 0.69
C SER A 28 -3.63 -4.20 0.32
N CYS A 29 -3.60 -5.33 1.02
CA CYS A 29 -2.59 -6.34 0.78
C CYS A 29 -2.57 -6.75 -0.70
N ARG A 30 -1.37 -6.70 -1.29
CA ARG A 30 -1.22 -7.05 -2.70
C ARG A 30 -0.84 -8.53 -2.85
N VAL A 31 -0.33 -9.11 -1.77
CA VAL A 31 0.08 -10.51 -1.78
C VAL A 31 -1.13 -11.44 -1.84
N CYS A 32 -1.84 -11.55 -0.72
CA CYS A 32 -3.02 -12.40 -0.65
C CYS A 32 -4.22 -11.72 -1.29
N GLY A 33 -4.20 -10.39 -1.33
CA GLY A 33 -5.30 -9.65 -1.93
C GLY A 33 -6.46 -9.45 -0.96
N GLY A 34 -6.13 -9.21 0.30
CA GLY A 34 -7.17 -9.01 1.31
C GLY A 34 -7.32 -7.55 1.70
N LYS A 35 -8.53 -7.17 2.08
CA LYS A 35 -8.80 -5.80 2.48
C LYS A 35 -9.30 -5.74 3.92
N HIS A 36 -8.61 -6.45 4.81
CA HIS A 36 -8.99 -6.48 6.23
C HIS A 36 -7.77 -6.27 7.11
N GLU A 37 -8.01 -6.10 8.41
CA GLU A 37 -6.93 -5.89 9.37
C GLU A 37 -6.10 -4.66 8.99
N PRO A 38 -6.73 -3.49 9.02
CA PRO A 38 -6.07 -2.22 8.68
C PRO A 38 -5.04 -1.80 9.73
N ASN A 39 -5.13 -2.40 10.91
CA ASN A 39 -4.20 -2.11 12.00
C ASN A 39 -2.90 -2.87 11.84
N MET A 40 -3.00 -4.06 11.24
CA MET A 40 -1.82 -4.90 11.03
C MET A 40 -1.29 -4.73 9.60
N GLN A 41 -1.56 -3.58 9.01
CA GLN A 41 -1.11 -3.30 7.64
C GLN A 41 0.07 -2.34 7.65
N LEU A 42 1.13 -2.71 6.94
CA LEU A 42 2.33 -1.88 6.86
C LEU A 42 2.35 -1.08 5.56
N LEU A 43 2.52 0.23 5.70
CA LEU A 43 2.56 1.12 4.53
C LEU A 43 4.00 1.41 4.12
N CYS A 44 4.24 1.42 2.82
CA CYS A 44 5.57 1.68 2.30
C CYS A 44 5.86 3.18 2.25
N ASP A 45 7.12 3.54 2.48
CA ASP A 45 7.52 4.95 2.48
C ASP A 45 8.09 5.34 1.11
N GLU A 46 7.56 4.72 0.06
CA GLU A 46 8.03 5.01 -1.30
C GLU A 46 6.87 4.91 -2.28
N CYS A 47 6.28 3.73 -2.39
CA CYS A 47 5.16 3.50 -3.31
C CYS A 47 3.84 3.63 -2.58
N ASN A 48 3.88 3.63 -1.25
CA ASN A 48 2.68 3.73 -0.44
C ASN A 48 1.75 2.55 -0.67
N VAL A 49 2.21 1.36 -0.26
CA VAL A 49 1.42 0.15 -0.42
C VAL A 49 1.19 -0.54 0.91
N ALA A 50 -0.03 -1.05 1.11
CA ALA A 50 -0.38 -1.72 2.35
C ALA A 50 -0.11 -3.22 2.25
N TYR A 51 0.69 -3.74 3.17
CA TYR A 51 1.03 -5.15 3.19
C TYR A 51 0.87 -5.74 4.59
N HIS A 52 0.28 -6.93 4.66
CA HIS A 52 0.07 -7.61 5.93
C HIS A 52 1.40 -8.06 6.55
N ILE A 53 1.37 -8.34 7.84
CA ILE A 53 2.58 -8.77 8.54
C ILE A 53 2.81 -10.27 8.34
N TYR A 54 1.80 -10.96 7.84
CA TYR A 54 1.89 -12.39 7.59
C TYR A 54 1.77 -12.70 6.11
N CYS A 55 2.13 -11.73 5.28
CA CYS A 55 2.06 -11.90 3.83
C CYS A 55 3.33 -11.35 3.16
N LEU A 56 4.40 -11.23 3.93
CA LEU A 56 5.66 -10.73 3.42
C LEU A 56 6.55 -11.87 2.93
N ASN A 57 7.74 -11.52 2.47
CA ASN A 57 8.68 -12.52 1.97
C ASN A 57 10.13 -12.10 2.25
N PRO A 58 10.69 -12.60 3.35
CA PRO A 58 9.98 -13.49 4.27
C PRO A 58 8.87 -12.79 5.04
N PRO A 59 8.02 -13.58 5.71
CA PRO A 59 6.90 -13.04 6.50
C PRO A 59 7.37 -12.30 7.74
N LEU A 60 6.42 -11.86 8.55
CA LEU A 60 6.73 -11.13 9.79
C LEU A 60 5.92 -11.67 10.95
N ASP A 61 6.61 -12.16 11.98
CA ASP A 61 5.97 -12.70 13.17
C ASP A 61 4.99 -11.69 13.75
N LYS A 62 5.26 -10.42 13.54
CA LYS A 62 4.40 -9.35 14.05
C LYS A 62 4.73 -8.02 13.37
N VAL A 63 4.13 -6.94 13.89
CA VAL A 63 4.36 -5.61 13.33
C VAL A 63 5.67 -5.02 13.85
N PRO A 64 6.45 -4.44 12.93
CA PRO A 64 7.74 -3.83 13.27
C PRO A 64 7.57 -2.55 14.08
N GLU A 65 8.70 -1.89 14.37
CA GLU A 65 8.67 -0.65 15.14
C GLU A 65 9.98 0.12 14.98
N GLU A 66 10.64 -0.10 13.84
CA GLU A 66 11.90 0.58 13.54
C GLU A 66 11.65 1.97 13.00
N GLU A 67 12.71 2.61 12.50
CA GLU A 67 12.61 3.95 11.95
C GLU A 67 11.50 4.02 10.91
N TYR A 68 11.51 3.09 9.97
CA TYR A 68 10.51 3.04 8.91
C TYR A 68 10.37 1.64 8.35
N TRP A 69 9.36 1.43 7.51
CA TRP A 69 9.11 0.13 6.90
C TRP A 69 8.93 0.26 5.40
N TYR A 70 9.76 -0.46 4.64
CA TYR A 70 9.70 -0.44 3.18
C TYR A 70 9.34 -1.80 2.62
N CYS A 71 8.30 -1.84 1.80
CA CYS A 71 7.85 -3.10 1.21
C CYS A 71 9.01 -3.82 0.52
N PRO A 72 8.89 -5.15 0.39
CA PRO A 72 9.92 -5.97 -0.25
C PRO A 72 10.01 -5.73 -1.75
N SER A 73 9.04 -5.00 -2.29
CA SER A 73 9.02 -4.69 -3.72
C SER A 73 9.84 -3.45 -4.03
N CYS A 74 10.15 -2.68 -2.99
CA CYS A 74 10.93 -1.46 -3.15
C CYS A 74 12.37 -1.67 -2.67
N LYS A 75 12.51 -2.21 -1.46
CA LYS A 75 13.83 -2.46 -0.89
C LYS A 75 14.70 -3.26 -1.86
N THR A 76 15.72 -2.59 -2.40
CA THR A 76 16.63 -3.24 -3.34
C THR A 76 18.07 -2.82 -3.10
N ASP A 77 18.36 -2.42 -1.86
CA ASP A 77 19.71 -1.99 -1.51
C ASP A 77 20.73 -3.06 -1.84
ZN ZN B . -2.37 -10.37 3.15
ZN ZN C . 7.15 0.07 -1.80
ZN ZN D . -7.37 1.34 -4.47
N GLY A 1 -10.30 32.81 -27.24
CA GLY A 1 -9.84 31.52 -26.77
C GLY A 1 -10.87 30.81 -25.90
N SER A 2 -11.39 29.68 -26.39
CA SER A 2 -12.38 28.92 -25.67
C SER A 2 -11.74 28.15 -24.51
N SER A 3 -12.54 27.87 -23.48
CA SER A 3 -12.06 27.14 -22.32
C SER A 3 -11.81 25.67 -22.65
N GLY A 4 -10.53 25.29 -22.75
CA GLY A 4 -10.18 23.91 -23.06
C GLY A 4 -9.68 23.16 -21.85
N SER A 5 -9.22 21.93 -22.08
CA SER A 5 -8.71 21.09 -21.01
C SER A 5 -7.28 20.64 -21.30
N SER A 6 -6.36 21.00 -20.41
CA SER A 6 -4.95 20.65 -20.58
C SER A 6 -4.38 20.07 -19.28
N GLY A 7 -4.74 18.83 -18.99
CA GLY A 7 -4.24 18.18 -17.78
C GLY A 7 -5.09 18.51 -16.57
N ARG A 8 -4.87 17.80 -15.48
CA ARG A 8 -5.62 18.01 -14.24
C ARG A 8 -4.84 17.50 -13.04
N ASN A 9 -5.21 17.99 -11.85
CA ASN A 9 -4.55 17.58 -10.62
C ASN A 9 -5.56 17.12 -9.58
N ASP A 10 -5.38 15.91 -9.07
CA ASP A 10 -6.28 15.35 -8.07
C ASP A 10 -5.69 14.08 -7.46
N THR A 11 -6.29 13.62 -6.37
CA THR A 11 -5.82 12.43 -5.68
C THR A 11 -6.96 11.42 -5.51
N GLU A 12 -6.80 10.25 -6.14
CA GLU A 12 -7.81 9.20 -6.05
C GLU A 12 -7.28 7.89 -6.63
N CYS A 13 -7.87 6.78 -6.20
CA CYS A 13 -7.45 5.47 -6.67
C CYS A 13 -8.32 5.02 -7.85
N ASP A 14 -7.67 4.49 -8.88
CA ASP A 14 -8.38 4.02 -10.07
C ASP A 14 -8.71 2.54 -9.95
N LEU A 15 -7.84 1.78 -9.31
CA LEU A 15 -8.04 0.35 -9.13
C LEU A 15 -9.41 0.07 -8.53
N CYS A 16 -9.63 0.54 -7.30
CA CYS A 16 -10.89 0.34 -6.61
C CYS A 16 -11.85 1.50 -6.88
N GLY A 17 -11.29 2.69 -7.07
CA GLY A 17 -12.10 3.87 -7.33
C GLY A 17 -12.14 4.83 -6.16
N GLY A 18 -12.21 4.28 -4.95
CA GLY A 18 -12.25 5.11 -3.76
C GLY A 18 -13.37 4.72 -2.82
N ASP A 19 -13.50 3.42 -2.58
CA ASP A 19 -14.54 2.91 -1.69
C ASP A 19 -14.05 1.68 -0.93
N PRO A 20 -14.65 1.43 0.25
CA PRO A 20 -14.29 0.29 1.10
C PRO A 20 -14.72 -1.03 0.48
N GLU A 21 -15.98 -1.10 0.05
CA GLU A 21 -16.51 -2.32 -0.56
C GLU A 21 -15.64 -2.77 -1.72
N LYS A 22 -15.43 -1.89 -2.68
CA LYS A 22 -14.61 -2.19 -3.84
C LYS A 22 -13.22 -2.66 -3.42
N LYS A 23 -13.00 -3.97 -3.43
CA LYS A 23 -11.71 -4.54 -3.05
C LYS A 23 -10.58 -3.91 -3.87
N CYS A 24 -9.39 -3.88 -3.30
CA CYS A 24 -8.23 -3.32 -3.97
C CYS A 24 -6.96 -4.10 -3.63
N HIS A 25 -5.98 -4.04 -4.52
CA HIS A 25 -4.71 -4.75 -4.30
C HIS A 25 -3.64 -3.79 -3.80
N SER A 26 -3.78 -2.52 -4.15
CA SER A 26 -2.81 -1.50 -3.74
C SER A 26 -3.17 -0.94 -2.37
N CYS A 27 -4.39 -0.42 -2.24
CA CYS A 27 -4.86 0.15 -0.99
C CYS A 27 -4.73 -0.86 0.16
N SER A 28 -4.77 -2.14 -0.20
CA SER A 28 -4.66 -3.20 0.80
C SER A 28 -3.58 -4.21 0.41
N CYS A 29 -3.53 -5.32 1.12
CA CYS A 29 -2.55 -6.36 0.85
C CYS A 29 -2.57 -6.77 -0.62
N ARG A 30 -1.41 -6.74 -1.26
CA ARG A 30 -1.30 -7.09 -2.67
C ARG A 30 -0.93 -8.57 -2.81
N VAL A 31 -0.36 -9.14 -1.76
CA VAL A 31 0.05 -10.55 -1.78
C VAL A 31 -1.17 -11.46 -1.83
N CYS A 32 -1.87 -11.58 -0.71
CA CYS A 32 -3.05 -12.42 -0.63
C CYS A 32 -4.26 -11.73 -1.25
N GLY A 33 -4.24 -10.40 -1.26
CA GLY A 33 -5.34 -9.63 -1.82
C GLY A 33 -6.45 -9.41 -0.83
N GLY A 34 -6.09 -9.20 0.43
CA GLY A 34 -7.09 -8.97 1.47
C GLY A 34 -7.24 -7.50 1.82
N LYS A 35 -8.45 -7.11 2.19
CA LYS A 35 -8.72 -5.72 2.55
C LYS A 35 -9.17 -5.62 4.00
N HIS A 36 -8.62 -6.47 4.85
CA HIS A 36 -8.96 -6.47 6.27
C HIS A 36 -7.71 -6.25 7.13
N GLU A 37 -7.90 -6.23 8.44
CA GLU A 37 -6.80 -6.03 9.38
C GLU A 37 -6.00 -4.78 9.00
N PRO A 38 -6.65 -3.62 9.08
CA PRO A 38 -6.02 -2.33 8.76
C PRO A 38 -4.97 -1.93 9.80
N ASN A 39 -5.12 -2.44 11.01
CA ASN A 39 -4.19 -2.13 12.09
C ASN A 39 -2.88 -2.91 11.92
N MET A 40 -2.97 -4.07 11.29
CA MET A 40 -1.80 -4.90 11.06
C MET A 40 -1.28 -4.74 9.63
N GLN A 41 -1.56 -3.58 9.04
CA GLN A 41 -1.12 -3.30 7.67
C GLN A 41 0.06 -2.34 7.67
N LEU A 42 1.11 -2.70 6.94
CA LEU A 42 2.31 -1.87 6.86
C LEU A 42 2.31 -1.06 5.57
N LEU A 43 2.55 0.24 5.69
CA LEU A 43 2.58 1.12 4.52
C LEU A 43 4.02 1.42 4.11
N CYS A 44 4.27 1.38 2.80
CA CYS A 44 5.60 1.65 2.26
C CYS A 44 5.85 3.15 2.15
N ASP A 45 7.09 3.55 2.45
CA ASP A 45 7.47 4.96 2.38
C ASP A 45 8.05 5.30 1.01
N GLU A 46 7.43 4.78 -0.04
CA GLU A 46 7.90 5.03 -1.41
C GLU A 46 6.75 4.91 -2.40
N CYS A 47 6.16 3.72 -2.49
CA CYS A 47 5.06 3.48 -3.41
C CYS A 47 3.72 3.59 -2.68
N ASN A 48 3.76 3.60 -1.35
CA ASN A 48 2.56 3.71 -0.54
C ASN A 48 1.65 2.49 -0.75
N VAL A 49 2.14 1.33 -0.35
CA VAL A 49 1.38 0.09 -0.49
C VAL A 49 1.17 -0.59 0.86
N ALA A 50 -0.04 -1.05 1.11
CA ALA A 50 -0.37 -1.72 2.36
C ALA A 50 -0.11 -3.22 2.25
N TYR A 51 0.69 -3.74 3.17
CA TYR A 51 1.02 -5.17 3.18
C TYR A 51 0.86 -5.75 4.58
N HIS A 52 0.29 -6.95 4.65
CA HIS A 52 0.08 -7.63 5.93
C HIS A 52 1.42 -8.06 6.54
N ILE A 53 1.41 -8.35 7.83
CA ILE A 53 2.61 -8.78 8.53
C ILE A 53 2.85 -10.27 8.32
N TYR A 54 1.84 -10.96 7.83
CA TYR A 54 1.95 -12.41 7.59
C TYR A 54 1.82 -12.72 6.11
N CYS A 55 2.17 -11.75 5.27
CA CYS A 55 2.10 -11.92 3.82
C CYS A 55 3.34 -11.37 3.14
N LEU A 56 4.42 -11.23 3.91
CA LEU A 56 5.68 -10.72 3.38
C LEU A 56 6.57 -11.86 2.89
N ASN A 57 7.77 -11.50 2.42
CA ASN A 57 8.71 -12.49 1.93
C ASN A 57 10.15 -12.06 2.19
N PRO A 58 10.72 -12.54 3.30
CA PRO A 58 10.03 -13.45 4.22
C PRO A 58 8.92 -12.74 4.98
N PRO A 59 8.08 -13.54 5.68
CA PRO A 59 6.96 -13.01 6.47
C PRO A 59 7.42 -12.27 7.71
N LEU A 60 6.47 -11.83 8.52
CA LEU A 60 6.79 -11.10 9.74
C LEU A 60 6.00 -11.64 10.93
N ASP A 61 6.70 -12.11 11.94
CA ASP A 61 6.07 -12.67 13.13
C ASP A 61 5.08 -11.67 13.73
N LYS A 62 5.34 -10.38 13.52
CA LYS A 62 4.46 -9.33 14.03
C LYS A 62 4.78 -8.00 13.34
N VAL A 63 4.18 -6.92 13.86
CA VAL A 63 4.39 -5.60 13.31
C VAL A 63 5.71 -5.00 13.81
N PRO A 64 6.47 -4.41 12.88
CA PRO A 64 7.77 -3.79 13.20
C PRO A 64 7.60 -2.50 14.01
N GLU A 65 8.72 -1.85 14.31
CA GLU A 65 8.70 -0.61 15.07
C GLU A 65 10.00 0.17 14.88
N GLU A 66 10.65 -0.05 13.75
CA GLU A 66 11.90 0.63 13.45
C GLU A 66 11.65 2.03 12.89
N GLU A 67 12.70 2.67 12.38
CA GLU A 67 12.59 4.00 11.82
C GLU A 67 11.47 4.07 10.79
N TYR A 68 11.50 3.15 9.83
CA TYR A 68 10.49 3.10 8.78
C TYR A 68 10.35 1.69 8.23
N TRP A 69 9.32 1.48 7.41
CA TRP A 69 9.08 0.17 6.81
C TRP A 69 8.90 0.29 5.31
N TYR A 70 9.73 -0.43 4.56
CA TYR A 70 9.67 -0.40 3.10
C TYR A 70 9.29 -1.78 2.55
N CYS A 71 8.25 -1.81 1.73
CA CYS A 71 7.79 -3.05 1.13
C CYS A 71 8.95 -3.79 0.45
N PRO A 72 8.81 -5.12 0.32
CA PRO A 72 9.82 -5.96 -0.31
C PRO A 72 9.92 -5.73 -1.81
N SER A 73 8.97 -4.98 -2.36
CA SER A 73 8.95 -4.68 -3.78
C SER A 73 9.79 -3.44 -4.09
N CYS A 74 10.10 -2.68 -3.05
CA CYS A 74 10.90 -1.46 -3.21
C CYS A 74 12.33 -1.69 -2.73
N LYS A 75 12.47 -2.21 -1.53
CA LYS A 75 13.79 -2.48 -0.96
C LYS A 75 14.65 -3.28 -1.92
N THR A 76 15.63 -2.63 -2.53
CA THR A 76 16.52 -3.28 -3.47
C THR A 76 17.97 -3.17 -3.02
N ASP A 77 18.18 -3.23 -1.71
CA ASP A 77 19.52 -3.15 -1.14
C ASP A 77 19.57 -3.76 0.25
ZN ZN B . -2.37 -10.42 3.18
ZN ZN C . 7.13 0.11 -1.88
ZN ZN D . -7.56 1.33 -4.32
N GLY A 1 -6.36 35.22 -25.29
CA GLY A 1 -5.86 33.86 -25.10
C GLY A 1 -5.30 33.63 -23.72
N SER A 2 -5.91 32.73 -22.96
CA SER A 2 -5.46 32.42 -21.61
C SER A 2 -4.59 31.17 -21.60
N SER A 3 -3.46 31.25 -20.90
CA SER A 3 -2.54 30.12 -20.81
C SER A 3 -3.03 29.10 -19.79
N GLY A 4 -2.36 27.96 -19.74
CA GLY A 4 -2.74 26.91 -18.81
C GLY A 4 -3.38 25.73 -19.51
N SER A 5 -2.57 24.74 -19.85
CA SER A 5 -3.07 23.54 -20.54
C SER A 5 -2.92 22.31 -19.64
N SER A 6 -3.58 21.22 -20.04
CA SER A 6 -3.53 19.98 -19.27
C SER A 6 -4.12 20.18 -17.89
N GLY A 7 -4.19 19.09 -17.13
CA GLY A 7 -4.73 19.16 -15.78
C GLY A 7 -4.46 17.90 -14.98
N ARG A 8 -3.52 17.99 -14.06
CA ARG A 8 -3.16 16.85 -13.22
C ARG A 8 -3.37 17.16 -11.74
N ASN A 9 -4.64 17.29 -11.36
CA ASN A 9 -5.00 17.60 -9.97
C ASN A 9 -5.95 16.55 -9.41
N ASP A 10 -5.91 16.36 -8.09
CA ASP A 10 -6.77 15.39 -7.43
C ASP A 10 -6.59 14.01 -8.04
N THR A 11 -5.44 13.39 -7.76
CA THR A 11 -5.14 12.06 -8.29
C THR A 11 -5.51 10.99 -7.28
N GLU A 12 -6.68 10.38 -7.47
CA GLU A 12 -7.16 9.33 -6.58
C GLU A 12 -6.81 7.95 -7.13
N CYS A 13 -7.23 6.91 -6.41
CA CYS A 13 -6.96 5.54 -6.83
C CYS A 13 -7.95 5.09 -7.91
N ASP A 14 -7.41 4.61 -9.02
CA ASP A 14 -8.23 4.14 -10.14
C ASP A 14 -8.53 2.64 -10.01
N LEU A 15 -7.63 1.93 -9.34
CA LEU A 15 -7.80 0.50 -9.15
C LEU A 15 -9.14 0.17 -8.51
N CYS A 16 -9.46 0.90 -7.44
CA CYS A 16 -10.71 0.69 -6.73
C CYS A 16 -11.66 1.88 -6.94
N GLY A 17 -11.08 3.07 -7.10
CA GLY A 17 -11.87 4.26 -7.29
C GLY A 17 -11.79 5.22 -6.12
N GLY A 18 -11.77 4.67 -4.91
CA GLY A 18 -11.70 5.49 -3.72
C GLY A 18 -12.76 5.14 -2.70
N ASP A 19 -12.85 3.85 -2.37
CA ASP A 19 -13.84 3.39 -1.41
C ASP A 19 -13.36 2.10 -0.73
N PRO A 20 -13.86 1.86 0.50
CA PRO A 20 -13.50 0.67 1.28
C PRO A 20 -14.07 -0.61 0.68
N GLU A 21 -15.35 -0.59 0.36
CA GLU A 21 -16.02 -1.74 -0.23
C GLU A 21 -15.26 -2.26 -1.45
N LYS A 22 -14.98 -1.36 -2.38
CA LYS A 22 -14.25 -1.73 -3.60
C LYS A 22 -12.89 -2.32 -3.25
N LYS A 23 -12.81 -3.64 -3.28
CA LYS A 23 -11.56 -4.33 -2.97
C LYS A 23 -10.43 -3.82 -3.85
N CYS A 24 -9.27 -3.58 -3.24
CA CYS A 24 -8.11 -3.08 -3.97
C CYS A 24 -6.86 -3.89 -3.61
N HIS A 25 -5.91 -3.96 -4.54
CA HIS A 25 -4.68 -4.70 -4.32
C HIS A 25 -3.58 -3.77 -3.81
N SER A 26 -3.67 -2.49 -4.17
CA SER A 26 -2.68 -1.50 -3.76
C SER A 26 -3.02 -0.94 -2.38
N CYS A 27 -4.21 -0.38 -2.25
CA CYS A 27 -4.66 0.19 -0.99
C CYS A 27 -4.57 -0.84 0.14
N SER A 28 -4.66 -2.11 -0.23
CA SER A 28 -4.59 -3.20 0.75
C SER A 28 -3.50 -4.20 0.37
N CYS A 29 -3.49 -5.33 1.07
CA CYS A 29 -2.50 -6.37 0.82
C CYS A 29 -2.51 -6.77 -0.66
N ARG A 30 -1.33 -6.73 -1.28
CA ARG A 30 -1.19 -7.09 -2.68
C ARG A 30 -0.81 -8.55 -2.84
N VAL A 31 -0.31 -9.15 -1.76
CA VAL A 31 0.09 -10.55 -1.78
C VAL A 31 -1.13 -11.47 -1.84
N CYS A 32 -1.84 -11.58 -0.73
CA CYS A 32 -3.03 -12.43 -0.66
C CYS A 32 -4.23 -11.73 -1.29
N GLY A 33 -4.20 -10.40 -1.30
CA GLY A 33 -5.29 -9.63 -1.87
C GLY A 33 -6.42 -9.42 -0.88
N GLY A 34 -6.08 -9.21 0.38
CA GLY A 34 -7.09 -9.00 1.41
C GLY A 34 -7.18 -7.55 1.84
N LYS A 35 -8.38 -7.14 2.25
CA LYS A 35 -8.59 -5.76 2.69
C LYS A 35 -9.08 -5.73 4.15
N HIS A 36 -8.56 -6.65 4.95
CA HIS A 36 -8.94 -6.72 6.35
C HIS A 36 -7.74 -6.47 7.26
N GLU A 37 -8.00 -6.24 8.54
CA GLU A 37 -6.94 -5.98 9.51
C GLU A 37 -6.11 -4.78 9.09
N PRO A 38 -6.73 -3.59 9.11
CA PRO A 38 -6.06 -2.34 8.73
C PRO A 38 -5.00 -1.92 9.75
N ASN A 39 -5.12 -2.45 10.96
CA ASN A 39 -4.17 -2.13 12.03
C ASN A 39 -2.86 -2.88 11.84
N MET A 40 -2.95 -4.09 11.26
CA MET A 40 -1.77 -4.90 11.03
C MET A 40 -1.27 -4.73 9.60
N GLN A 41 -1.55 -3.56 9.02
CA GLN A 41 -1.11 -3.26 7.66
C GLN A 41 0.08 -2.31 7.66
N LEU A 42 1.14 -2.70 6.96
CA LEU A 42 2.33 -1.88 6.87
C LEU A 42 2.37 -1.08 5.57
N LEU A 43 2.49 0.23 5.70
CA LEU A 43 2.54 1.12 4.54
C LEU A 43 3.98 1.40 4.12
N CYS A 44 4.23 1.43 2.82
CA CYS A 44 5.57 1.69 2.30
C CYS A 44 5.84 3.19 2.24
N ASP A 45 7.09 3.56 2.48
CA ASP A 45 7.49 4.96 2.47
C ASP A 45 8.07 5.34 1.10
N GLU A 46 7.54 4.73 0.05
CA GLU A 46 8.00 5.01 -1.31
C GLU A 46 6.86 4.91 -2.31
N CYS A 47 6.25 3.73 -2.40
CA CYS A 47 5.14 3.49 -3.31
C CYS A 47 3.81 3.64 -2.59
N ASN A 48 3.85 3.63 -1.26
CA ASN A 48 2.65 3.75 -0.45
C ASN A 48 1.73 2.56 -0.67
N VAL A 49 2.18 1.38 -0.27
CA VAL A 49 1.40 0.16 -0.43
C VAL A 49 1.17 -0.52 0.92
N ALA A 50 -0.03 -1.05 1.11
CA ALA A 50 -0.37 -1.73 2.36
C ALA A 50 -0.10 -3.22 2.25
N TYR A 51 0.70 -3.74 3.17
CA TYR A 51 1.04 -5.17 3.18
C TYR A 51 0.87 -5.76 4.58
N HIS A 52 0.28 -6.95 4.64
CA HIS A 52 0.06 -7.62 5.92
C HIS A 52 1.39 -8.07 6.53
N ILE A 53 1.36 -8.35 7.83
CA ILE A 53 2.57 -8.79 8.54
C ILE A 53 2.81 -10.28 8.34
N TYR A 54 1.80 -10.97 7.84
CA TYR A 54 1.90 -12.41 7.60
C TYR A 54 1.78 -12.72 6.11
N CYS A 55 2.15 -11.76 5.28
CA CYS A 55 2.09 -11.93 3.83
C CYS A 55 3.35 -11.38 3.16
N LEU A 56 4.42 -11.26 3.94
CA LEU A 56 5.69 -10.75 3.43
C LEU A 56 6.57 -11.89 2.95
N ASN A 57 7.78 -11.55 2.50
CA ASN A 57 8.72 -12.55 2.00
C ASN A 57 10.16 -12.12 2.28
N PRO A 58 10.72 -12.62 3.39
CA PRO A 58 10.01 -13.51 4.31
C PRO A 58 8.88 -12.81 5.07
N PRO A 59 8.04 -13.60 5.74
CA PRO A 59 6.91 -13.06 6.52
C PRO A 59 7.38 -12.32 7.77
N LEU A 60 6.42 -11.87 8.57
CA LEU A 60 6.72 -11.14 9.80
C LEU A 60 5.90 -11.68 10.97
N ASP A 61 6.59 -12.16 12.00
CA ASP A 61 5.94 -12.70 13.18
C ASP A 61 4.95 -11.69 13.76
N LYS A 62 5.23 -10.42 13.55
CA LYS A 62 4.37 -9.35 14.05
C LYS A 62 4.70 -8.02 13.38
N VAL A 63 4.12 -6.94 13.89
CA VAL A 63 4.35 -5.61 13.34
C VAL A 63 5.66 -5.02 13.86
N PRO A 64 6.45 -4.45 12.94
CA PRO A 64 7.74 -3.84 13.28
C PRO A 64 7.58 -2.56 14.09
N GLU A 65 8.70 -1.88 14.34
CA GLU A 65 8.68 -0.64 15.11
C GLU A 65 9.98 0.13 14.91
N GLU A 66 10.62 -0.08 13.77
CA GLU A 66 11.87 0.61 13.46
C GLU A 66 11.61 2.01 12.93
N GLU A 67 12.67 2.66 12.46
CA GLU A 67 12.56 4.02 11.93
C GLU A 67 11.47 4.09 10.86
N TYR A 68 11.44 3.10 9.98
CA TYR A 68 10.45 3.06 8.91
C TYR A 68 10.32 1.65 8.34
N TRP A 69 9.32 1.44 7.50
CA TRP A 69 9.08 0.13 6.90
C TRP A 69 8.91 0.26 5.39
N TYR A 70 9.74 -0.46 4.64
CA TYR A 70 9.68 -0.43 3.19
C TYR A 70 9.33 -1.80 2.63
N CYS A 71 8.28 -1.85 1.81
CA CYS A 71 7.83 -3.09 1.21
C CYS A 71 8.99 -3.81 0.52
N PRO A 72 8.87 -5.14 0.39
CA PRO A 72 9.90 -5.98 -0.25
C PRO A 72 10.00 -5.74 -1.74
N SER A 73 9.04 -4.99 -2.29
CA SER A 73 9.01 -4.69 -3.71
C SER A 73 9.83 -3.45 -4.02
N CYS A 74 10.14 -2.67 -2.99
CA CYS A 74 10.94 -1.46 -3.14
C CYS A 74 12.36 -1.67 -2.66
N LYS A 75 12.50 -2.20 -1.45
CA LYS A 75 13.81 -2.46 -0.87
C LYS A 75 14.69 -3.26 -1.84
N THR A 76 15.72 -2.61 -2.38
CA THR A 76 16.63 -3.25 -3.31
C THR A 76 18.02 -3.42 -2.71
N ASP A 77 18.07 -3.64 -1.41
CA ASP A 77 19.33 -3.81 -0.70
C ASP A 77 19.42 -5.21 -0.08
ZN ZN B . -2.38 -10.42 3.15
ZN ZN C . 7.14 0.07 -1.80
ZN ZN D . -7.20 1.49 -4.35
N GLY A 1 -18.22 33.36 -28.51
CA GLY A 1 -17.26 32.98 -27.49
C GLY A 1 -16.98 31.49 -27.48
N SER A 2 -15.73 31.12 -27.72
CA SER A 2 -15.34 29.72 -27.76
C SER A 2 -13.82 29.58 -27.57
N SER A 3 -13.35 29.87 -26.36
CA SER A 3 -11.93 29.77 -26.05
C SER A 3 -11.66 28.67 -25.03
N GLY A 4 -10.40 28.48 -24.68
CA GLY A 4 -10.04 27.46 -23.73
C GLY A 4 -9.63 28.04 -22.39
N SER A 5 -10.63 28.32 -21.54
CA SER A 5 -10.37 28.89 -20.22
C SER A 5 -10.82 27.93 -19.13
N SER A 6 -10.07 26.85 -18.95
CA SER A 6 -10.40 25.85 -17.93
C SER A 6 -9.15 25.07 -17.53
N GLY A 7 -9.28 24.25 -16.49
CA GLY A 7 -8.17 23.45 -16.02
C GLY A 7 -8.39 22.91 -14.63
N ARG A 8 -8.64 21.61 -14.54
CA ARG A 8 -8.89 20.96 -13.25
C ARG A 8 -8.59 19.46 -13.33
N ASN A 9 -7.99 18.93 -12.28
CA ASN A 9 -7.64 17.51 -12.23
C ASN A 9 -8.07 16.90 -10.90
N ASP A 10 -7.84 15.59 -10.76
CA ASP A 10 -8.21 14.88 -9.54
C ASP A 10 -7.25 13.71 -9.29
N THR A 11 -6.93 13.48 -8.02
CA THR A 11 -6.03 12.40 -7.65
C THR A 11 -6.72 11.39 -6.74
N GLU A 12 -7.09 10.24 -7.32
CA GLU A 12 -7.76 9.18 -6.55
C GLU A 12 -7.40 7.81 -7.11
N CYS A 13 -7.72 6.77 -6.34
CA CYS A 13 -7.44 5.40 -6.75
C CYS A 13 -8.49 4.90 -7.73
N ASP A 14 -8.03 4.39 -8.86
CA ASP A 14 -8.93 3.87 -9.89
C ASP A 14 -9.18 2.37 -9.70
N LEU A 15 -8.21 1.70 -9.09
CA LEU A 15 -8.32 0.27 -8.84
C LEU A 15 -9.59 -0.07 -8.07
N CYS A 16 -9.90 0.76 -7.08
CA CYS A 16 -11.09 0.57 -6.26
C CYS A 16 -12.07 1.72 -6.44
N GLY A 17 -11.54 2.91 -6.68
CA GLY A 17 -12.38 4.08 -6.87
C GLY A 17 -12.26 5.08 -5.73
N GLY A 18 -12.10 4.57 -4.51
CA GLY A 18 -11.97 5.44 -3.36
C GLY A 18 -12.92 5.07 -2.24
N ASP A 19 -12.95 3.79 -1.88
CA ASP A 19 -13.81 3.30 -0.83
C ASP A 19 -13.27 2.02 -0.20
N PRO A 20 -13.64 1.76 1.05
CA PRO A 20 -13.19 0.56 1.77
C PRO A 20 -13.82 -0.71 1.23
N GLU A 21 -15.14 -0.69 1.04
CA GLU A 21 -15.85 -1.86 0.52
C GLU A 21 -15.21 -2.35 -0.78
N LYS A 22 -15.02 -1.45 -1.73
CA LYS A 22 -14.42 -1.80 -3.00
C LYS A 22 -13.05 -2.45 -2.81
N LYS A 23 -13.00 -3.77 -2.98
CA LYS A 23 -11.76 -4.51 -2.81
C LYS A 23 -10.65 -3.91 -3.67
N CYS A 24 -9.45 -3.82 -3.10
CA CYS A 24 -8.31 -3.27 -3.82
C CYS A 24 -7.04 -4.07 -3.52
N HIS A 25 -6.09 -4.00 -4.45
CA HIS A 25 -4.83 -4.72 -4.28
C HIS A 25 -3.72 -3.78 -3.79
N SER A 26 -3.83 -2.51 -4.17
CA SER A 26 -2.84 -1.51 -3.77
C SER A 26 -3.15 -0.96 -2.38
N CYS A 27 -4.34 -0.39 -2.24
CA CYS A 27 -4.76 0.18 -0.96
C CYS A 27 -4.66 -0.85 0.15
N SER A 28 -4.76 -2.13 -0.21
CA SER A 28 -4.68 -3.21 0.77
C SER A 28 -3.59 -4.20 0.39
N CYS A 29 -3.56 -5.34 1.08
CA CYS A 29 -2.56 -6.37 0.82
C CYS A 29 -2.57 -6.77 -0.65
N ARG A 30 -1.40 -6.73 -1.28
CA ARG A 30 -1.26 -7.08 -2.69
C ARG A 30 -0.89 -8.55 -2.84
N VAL A 31 -0.37 -9.15 -1.77
CA VAL A 31 0.03 -10.54 -1.79
C VAL A 31 -1.18 -11.46 -1.84
N CYS A 32 -1.88 -11.58 -0.72
CA CYS A 32 -3.07 -12.43 -0.63
C CYS A 32 -4.28 -11.74 -1.25
N GLY A 33 -4.25 -10.41 -1.27
CA GLY A 33 -5.34 -9.65 -1.85
C GLY A 33 -6.48 -9.44 -0.86
N GLY A 34 -6.14 -9.22 0.40
CA GLY A 34 -7.14 -9.01 1.43
C GLY A 34 -7.27 -7.56 1.83
N LYS A 35 -8.48 -7.14 2.17
CA LYS A 35 -8.74 -5.76 2.58
C LYS A 35 -9.25 -5.70 4.02
N HIS A 36 -8.60 -6.45 4.91
CA HIS A 36 -8.99 -6.47 6.31
C HIS A 36 -7.78 -6.25 7.22
N GLU A 37 -8.04 -6.10 8.51
CA GLU A 37 -6.98 -5.87 9.48
C GLU A 37 -6.13 -4.66 9.09
N PRO A 38 -6.74 -3.47 9.13
CA PRO A 38 -6.06 -2.22 8.78
C PRO A 38 -5.02 -1.82 9.81
N ASN A 39 -5.11 -2.40 11.00
CA ASN A 39 -4.16 -2.11 12.08
C ASN A 39 -2.87 -2.90 11.88
N MET A 40 -2.98 -4.07 11.26
CA MET A 40 -1.82 -4.92 11.01
C MET A 40 -1.30 -4.74 9.58
N GLN A 41 -1.56 -3.57 9.02
CA GLN A 41 -1.12 -3.28 7.65
C GLN A 41 0.06 -2.32 7.66
N LEU A 42 1.13 -2.70 6.96
CA LEU A 42 2.33 -1.87 6.88
C LEU A 42 2.36 -1.06 5.58
N LEU A 43 2.53 0.24 5.70
CA LEU A 43 2.58 1.12 4.54
C LEU A 43 4.02 1.41 4.14
N CYS A 44 4.28 1.40 2.83
CA CYS A 44 5.62 1.66 2.31
C CYS A 44 5.87 3.16 2.20
N ASP A 45 7.10 3.56 2.49
CA ASP A 45 7.48 4.97 2.41
C ASP A 45 8.08 5.30 1.06
N GLU A 46 7.50 4.75 -0.01
CA GLU A 46 7.97 4.99 -1.35
C GLU A 46 6.84 4.87 -2.37
N CYS A 47 6.22 3.68 -2.42
CA CYS A 47 5.12 3.44 -3.34
C CYS A 47 3.77 3.56 -2.63
N ASN A 48 3.82 3.57 -1.29
CA ASN A 48 2.60 3.68 -0.50
C ASN A 48 1.69 2.49 -0.72
N VAL A 49 2.15 1.31 -0.33
CA VAL A 49 1.38 0.09 -0.48
C VAL A 49 1.16 -0.61 0.86
N ALA A 50 -0.06 -1.06 1.11
CA ALA A 50 -0.40 -1.74 2.34
C ALA A 50 -0.12 -3.24 2.24
N TYR A 51 0.68 -3.74 3.17
CA TYR A 51 1.03 -5.17 3.18
C TYR A 51 0.86 -5.75 4.59
N HIS A 52 0.29 -6.95 4.65
CA HIS A 52 0.08 -7.62 5.93
C HIS A 52 1.40 -8.07 6.53
N ILE A 53 1.39 -8.37 7.83
CA ILE A 53 2.58 -8.81 8.52
C ILE A 53 2.83 -10.30 8.31
N TYR A 54 1.82 -10.99 7.82
CA TYR A 54 1.91 -12.43 7.57
C TYR A 54 1.79 -12.73 6.08
N CYS A 55 2.15 -11.75 5.25
CA CYS A 55 2.07 -11.92 3.80
C CYS A 55 3.33 -11.37 3.13
N LEU A 56 4.41 -11.24 3.91
CA LEU A 56 5.66 -10.73 3.38
C LEU A 56 6.55 -11.86 2.89
N ASN A 57 7.74 -11.52 2.43
CA ASN A 57 8.70 -12.51 1.93
C ASN A 57 10.14 -12.06 2.19
N PRO A 58 10.70 -12.57 3.30
CA PRO A 58 10.01 -13.47 4.22
C PRO A 58 8.88 -12.77 4.99
N PRO A 59 8.05 -13.57 5.67
CA PRO A 59 6.93 -13.04 6.46
C PRO A 59 7.40 -12.30 7.70
N LEU A 60 6.45 -11.87 8.52
CA LEU A 60 6.75 -11.15 9.75
C LEU A 60 5.95 -11.70 10.92
N ASP A 61 6.66 -12.18 11.94
CA ASP A 61 6.01 -12.73 13.13
C ASP A 61 5.02 -11.73 13.72
N LYS A 62 5.29 -10.45 13.52
CA LYS A 62 4.43 -9.39 14.03
C LYS A 62 4.74 -8.06 13.36
N VAL A 63 4.14 -6.99 13.87
CA VAL A 63 4.36 -5.65 13.32
C VAL A 63 5.65 -5.06 13.84
N PRO A 64 6.44 -4.47 12.93
CA PRO A 64 7.72 -3.84 13.28
C PRO A 64 7.54 -2.56 14.09
N GLU A 65 8.66 -1.89 14.39
CA GLU A 65 8.62 -0.65 15.16
C GLU A 65 9.90 0.13 14.99
N GLU A 66 10.57 -0.07 13.86
CA GLU A 66 11.82 0.62 13.57
C GLU A 66 11.55 2.01 13.00
N GLU A 67 12.60 2.66 12.51
CA GLU A 67 12.48 4.00 11.94
C GLU A 67 11.37 4.04 10.90
N TYR A 68 11.45 3.15 9.92
CA TYR A 68 10.46 3.09 8.85
C TYR A 68 10.34 1.68 8.29
N TRP A 69 9.29 1.44 7.52
CA TRP A 69 9.07 0.13 6.92
C TRP A 69 8.90 0.25 5.40
N TYR A 70 9.74 -0.45 4.66
CA TYR A 70 9.69 -0.43 3.21
C TYR A 70 9.33 -1.80 2.65
N CYS A 71 8.30 -1.85 1.82
CA CYS A 71 7.85 -3.09 1.21
C CYS A 71 9.02 -3.82 0.55
N PRO A 72 8.88 -5.15 0.42
CA PRO A 72 9.91 -5.99 -0.20
C PRO A 72 10.02 -5.76 -1.70
N SER A 73 9.08 -5.01 -2.25
CA SER A 73 9.07 -4.71 -3.68
C SER A 73 9.90 -3.47 -3.98
N CYS A 74 10.21 -2.70 -2.94
CA CYS A 74 10.99 -1.48 -3.10
C CYS A 74 12.43 -1.70 -2.60
N LYS A 75 12.55 -2.23 -1.39
CA LYS A 75 13.86 -2.49 -0.81
C LYS A 75 14.74 -3.29 -1.77
N THR A 76 15.77 -2.65 -2.30
CA THR A 76 16.68 -3.30 -3.23
C THR A 76 17.80 -4.03 -2.48
N ASP A 77 18.09 -3.57 -1.27
CA ASP A 77 19.13 -4.18 -0.45
C ASP A 77 20.48 -4.14 -1.17
ZN ZN B . -2.39 -10.42 3.17
ZN ZN C . 7.21 0.07 -1.79
ZN ZN D . -7.45 1.47 -4.24
N GLY A 1 8.22 16.09 -31.18
CA GLY A 1 7.79 17.47 -31.28
C GLY A 1 7.22 17.99 -29.97
N SER A 2 7.80 17.55 -28.85
CA SER A 2 7.35 17.97 -27.53
C SER A 2 8.52 18.46 -26.68
N SER A 3 8.48 19.73 -26.30
CA SER A 3 9.53 20.32 -25.49
C SER A 3 8.96 20.86 -24.18
N GLY A 4 8.30 20.00 -23.43
CA GLY A 4 7.71 20.40 -22.17
C GLY A 4 6.58 21.40 -22.33
N SER A 5 5.36 20.96 -22.06
CA SER A 5 4.19 21.82 -22.19
C SER A 5 3.12 21.42 -21.19
N SER A 6 2.90 20.12 -21.05
CA SER A 6 1.89 19.62 -20.12
C SER A 6 2.31 18.25 -19.56
N GLY A 7 1.89 17.98 -18.32
CA GLY A 7 2.24 16.72 -17.69
C GLY A 7 1.03 15.82 -17.50
N ARG A 8 1.28 14.56 -17.16
CA ARG A 8 0.20 13.59 -16.96
C ARG A 8 -0.75 14.08 -15.86
N ASN A 9 -1.93 13.45 -15.80
CA ASN A 9 -2.93 13.81 -14.80
C ASN A 9 -3.54 12.56 -14.17
N ASP A 10 -3.46 12.48 -12.85
CA ASP A 10 -4.01 11.35 -12.12
C ASP A 10 -4.26 11.71 -10.66
N THR A 11 -5.50 11.53 -10.21
CA THR A 11 -5.88 11.84 -8.84
C THR A 11 -6.66 10.70 -8.21
N GLU A 12 -6.42 10.46 -6.92
CA GLU A 12 -7.10 9.39 -6.20
C GLU A 12 -6.76 8.03 -6.79
N CYS A 13 -7.29 6.98 -6.18
CA CYS A 13 -7.03 5.62 -6.65
C CYS A 13 -8.08 5.19 -7.67
N ASP A 14 -7.61 4.75 -8.84
CA ASP A 14 -8.51 4.31 -9.91
C ASP A 14 -8.75 2.81 -9.81
N LEU A 15 -7.79 2.09 -9.25
CA LEU A 15 -7.90 0.64 -9.11
C LEU A 15 -9.20 0.26 -8.41
N CYS A 16 -9.64 1.10 -7.49
CA CYS A 16 -10.88 0.85 -6.75
C CYS A 16 -11.85 2.03 -6.90
N GLY A 17 -11.30 3.24 -6.90
CA GLY A 17 -12.13 4.43 -7.04
C GLY A 17 -12.16 5.26 -5.76
N GLY A 18 -11.88 4.62 -4.64
CA GLY A 18 -11.89 5.33 -3.37
C GLY A 18 -13.04 4.92 -2.48
N ASP A 19 -13.08 3.63 -2.13
CA ASP A 19 -14.15 3.11 -1.28
C ASP A 19 -13.70 1.83 -0.58
N PRO A 20 -14.32 1.54 0.58
CA PRO A 20 -14.00 0.35 1.38
C PRO A 20 -14.46 -0.93 0.69
N GLU A 21 -15.70 -0.95 0.23
CA GLU A 21 -16.25 -2.12 -0.44
C GLU A 21 -15.37 -2.54 -1.61
N LYS A 22 -15.13 -1.61 -2.53
CA LYS A 22 -14.30 -1.89 -3.70
C LYS A 22 -12.96 -2.48 -3.29
N LYS A 23 -12.81 -3.79 -3.49
CA LYS A 23 -11.58 -4.48 -3.14
C LYS A 23 -10.42 -3.99 -4.00
N CYS A 24 -9.35 -3.54 -3.35
CA CYS A 24 -8.17 -3.05 -4.05
C CYS A 24 -6.93 -3.84 -3.66
N HIS A 25 -5.99 -3.94 -4.58
CA HIS A 25 -4.75 -4.67 -4.33
C HIS A 25 -3.65 -3.73 -3.82
N SER A 26 -3.77 -2.45 -4.17
CA SER A 26 -2.79 -1.46 -3.75
C SER A 26 -3.14 -0.90 -2.37
N CYS A 27 -4.35 -0.35 -2.25
CA CYS A 27 -4.80 0.22 -0.99
C CYS A 27 -4.69 -0.80 0.14
N SER A 28 -4.77 -2.08 -0.22
CA SER A 28 -4.69 -3.15 0.77
C SER A 28 -3.60 -4.15 0.39
N CYS A 29 -3.56 -5.27 1.09
CA CYS A 29 -2.57 -6.31 0.82
C CYS A 29 -2.58 -6.71 -0.64
N ARG A 30 -1.41 -6.68 -1.27
CA ARG A 30 -1.29 -7.04 -2.67
C ARG A 30 -0.91 -8.51 -2.83
N VAL A 31 -0.37 -9.09 -1.76
CA VAL A 31 0.03 -10.49 -1.78
C VAL A 31 -1.18 -11.42 -1.84
N CYS A 32 -1.89 -11.52 -0.72
CA CYS A 32 -3.08 -12.37 -0.64
C CYS A 32 -4.29 -11.67 -1.26
N GLY A 33 -4.26 -10.35 -1.28
CA GLY A 33 -5.35 -9.59 -1.85
C GLY A 33 -6.48 -9.37 -0.85
N GLY A 34 -6.13 -9.15 0.41
CA GLY A 34 -7.13 -8.93 1.43
C GLY A 34 -7.27 -7.47 1.81
N LYS A 35 -8.49 -7.06 2.17
CA LYS A 35 -8.75 -5.69 2.56
C LYS A 35 -9.26 -5.60 3.99
N HIS A 36 -8.64 -6.36 4.88
CA HIS A 36 -9.03 -6.36 6.28
C HIS A 36 -7.83 -6.17 7.19
N GLU A 37 -8.08 -6.00 8.49
CA GLU A 37 -7.02 -5.80 9.46
C GLU A 37 -6.12 -4.63 9.06
N PRO A 38 -6.72 -3.41 9.07
CA PRO A 38 -5.99 -2.19 8.70
C PRO A 38 -4.95 -1.80 9.74
N ASN A 39 -5.10 -2.34 10.95
CA ASN A 39 -4.17 -2.05 12.03
C ASN A 39 -2.88 -2.83 11.87
N MET A 40 -2.98 -4.02 11.29
CA MET A 40 -1.82 -4.87 11.08
C MET A 40 -1.30 -4.73 9.65
N GLN A 41 -1.56 -3.57 9.04
CA GLN A 41 -1.12 -3.31 7.68
C GLN A 41 0.07 -2.34 7.67
N LEU A 42 1.12 -2.72 6.96
CA LEU A 42 2.32 -1.89 6.86
C LEU A 42 2.33 -1.10 5.56
N LEU A 43 2.49 0.22 5.67
CA LEU A 43 2.52 1.09 4.50
C LEU A 43 3.95 1.41 4.10
N CYS A 44 4.19 1.47 2.79
CA CYS A 44 5.53 1.76 2.27
C CYS A 44 5.76 3.26 2.19
N ASP A 45 6.99 3.69 2.45
CA ASP A 45 7.34 5.10 2.41
C ASP A 45 7.94 5.47 1.05
N GLU A 46 7.56 4.74 0.02
CA GLU A 46 8.06 4.99 -1.33
C GLU A 46 6.93 4.87 -2.35
N CYS A 47 6.27 3.72 -2.39
CA CYS A 47 5.18 3.49 -3.32
C CYS A 47 3.83 3.62 -2.62
N ASN A 48 3.86 3.63 -1.29
CA ASN A 48 2.64 3.75 -0.51
C ASN A 48 1.74 2.54 -0.72
N VAL A 49 2.21 1.36 -0.31
CA VAL A 49 1.45 0.13 -0.46
C VAL A 49 1.24 -0.55 0.89
N ALA A 50 0.01 -1.02 1.12
CA ALA A 50 -0.33 -1.69 2.36
C ALA A 50 -0.08 -3.19 2.26
N TYR A 51 0.72 -3.73 3.17
CA TYR A 51 1.03 -5.15 3.19
C TYR A 51 0.87 -5.73 4.59
N HIS A 52 0.28 -6.92 4.66
CA HIS A 52 0.06 -7.60 5.94
C HIS A 52 1.39 -8.05 6.54
N ILE A 53 1.38 -8.32 7.84
CA ILE A 53 2.58 -8.75 8.54
C ILE A 53 2.82 -10.25 8.33
N TYR A 54 1.80 -10.94 7.84
CA TYR A 54 1.90 -12.38 7.59
C TYR A 54 1.77 -12.69 6.10
N CYS A 55 2.13 -11.70 5.27
CA CYS A 55 2.06 -11.87 3.82
C CYS A 55 3.32 -11.32 3.15
N LEU A 56 4.39 -11.20 3.92
CA LEU A 56 5.66 -10.68 3.40
C LEU A 56 6.54 -11.82 2.91
N ASN A 57 7.74 -11.47 2.45
CA ASN A 57 8.68 -12.47 1.94
C ASN A 57 10.13 -12.03 2.21
N PRO A 58 10.69 -12.53 3.33
CA PRO A 58 9.98 -13.45 4.23
C PRO A 58 8.88 -12.74 5.01
N PRO A 59 8.03 -13.54 5.68
CA PRO A 59 6.91 -13.01 6.47
C PRO A 59 7.38 -12.28 7.72
N LEU A 60 6.42 -11.85 8.54
CA LEU A 60 6.73 -11.12 9.76
C LEU A 60 5.92 -11.67 10.94
N ASP A 61 6.61 -12.16 11.96
CA ASP A 61 5.95 -12.71 13.13
C ASP A 61 4.98 -11.70 13.74
N LYS A 62 5.27 -10.42 13.53
CA LYS A 62 4.41 -9.35 14.04
C LYS A 62 4.74 -8.03 13.37
N VAL A 63 4.14 -6.95 13.88
CA VAL A 63 4.37 -5.61 13.33
C VAL A 63 5.68 -5.03 13.85
N PRO A 64 6.47 -4.45 12.95
CA PRO A 64 7.76 -3.83 13.29
C PRO A 64 7.57 -2.55 14.09
N GLU A 65 8.69 -1.89 14.40
CA GLU A 65 8.66 -0.65 15.17
C GLU A 65 9.97 0.12 15.00
N GLU A 66 10.64 -0.10 13.88
CA GLU A 66 11.90 0.58 13.60
C GLU A 66 11.66 1.98 13.05
N GLU A 67 12.73 2.61 12.57
CA GLU A 67 12.62 3.95 12.00
C GLU A 67 11.52 4.03 10.96
N TYR A 68 11.55 3.08 10.02
CA TYR A 68 10.55 3.04 8.95
C TYR A 68 10.42 1.63 8.39
N TRP A 69 9.38 1.42 7.58
CA TRP A 69 9.15 0.12 6.97
C TRP A 69 8.93 0.25 5.47
N TYR A 70 9.71 -0.49 4.69
CA TYR A 70 9.60 -0.44 3.24
C TYR A 70 9.24 -1.82 2.67
N CYS A 71 8.21 -1.86 1.84
CA CYS A 71 7.76 -3.11 1.24
C CYS A 71 8.93 -3.84 0.59
N PRO A 72 8.80 -5.17 0.47
CA PRO A 72 9.83 -6.02 -0.14
C PRO A 72 9.96 -5.80 -1.64
N SER A 73 9.03 -5.03 -2.21
CA SER A 73 9.04 -4.74 -3.63
C SER A 73 9.88 -3.51 -3.93
N CYS A 74 10.17 -2.73 -2.89
CA CYS A 74 10.96 -1.51 -3.04
C CYS A 74 12.39 -1.73 -2.54
N LYS A 75 12.50 -2.23 -1.31
CA LYS A 75 13.81 -2.49 -0.71
C LYS A 75 14.68 -3.33 -1.65
N THR A 76 15.70 -2.70 -2.21
CA THR A 76 16.61 -3.38 -3.13
C THR A 76 18.04 -3.35 -2.60
N ASP A 77 18.18 -3.28 -1.28
CA ASP A 77 19.49 -3.26 -0.65
C ASP A 77 19.84 -4.61 -0.06
ZN ZN B . -2.40 -10.37 3.18
ZN ZN C . 7.17 0.05 -1.78
ZN ZN D . -7.33 1.52 -4.37
N GLY A 1 3.30 24.29 3.71
CA GLY A 1 3.34 23.77 2.36
C GLY A 1 4.61 22.98 2.09
N SER A 2 4.89 22.75 0.81
CA SER A 2 6.08 22.00 0.41
C SER A 2 7.08 22.91 -0.30
N SER A 3 6.58 23.69 -1.26
CA SER A 3 7.43 24.60 -2.02
C SER A 3 8.53 23.84 -2.75
N GLY A 4 8.26 22.59 -3.07
CA GLY A 4 9.24 21.76 -3.76
C GLY A 4 8.60 20.86 -4.80
N SER A 5 7.42 21.24 -5.28
CA SER A 5 6.71 20.45 -6.28
C SER A 5 6.34 19.08 -5.72
N SER A 6 5.58 18.31 -6.50
CA SER A 6 5.16 16.98 -6.08
C SER A 6 5.80 15.91 -6.96
N GLY A 7 5.78 14.67 -6.48
CA GLY A 7 6.36 13.57 -7.23
C GLY A 7 5.38 12.95 -8.21
N ARG A 8 4.40 12.23 -7.68
CA ARG A 8 3.40 11.58 -8.50
C ARG A 8 2.17 12.48 -8.70
N ASN A 9 1.25 12.04 -9.54
CA ASN A 9 0.04 12.80 -9.81
C ASN A 9 -0.92 12.74 -8.62
N ASP A 10 -1.77 13.75 -8.49
CA ASP A 10 -2.74 13.82 -7.40
C ASP A 10 -4.12 13.41 -7.89
N THR A 11 -4.62 12.29 -7.36
CA THR A 11 -5.94 11.79 -7.74
C THR A 11 -6.32 10.57 -6.91
N GLU A 12 -7.61 10.25 -6.89
CA GLU A 12 -8.11 9.10 -6.14
C GLU A 12 -7.61 7.80 -6.76
N CYS A 13 -8.13 6.69 -6.25
CA CYS A 13 -7.74 5.37 -6.74
C CYS A 13 -8.74 4.86 -7.77
N ASP A 14 -8.23 4.46 -8.94
CA ASP A 14 -9.07 3.94 -10.01
C ASP A 14 -9.18 2.43 -9.93
N LEU A 15 -8.16 1.79 -9.38
CA LEU A 15 -8.13 0.34 -9.24
C LEU A 15 -9.41 -0.16 -8.57
N CYS A 16 -9.91 0.61 -7.61
CA CYS A 16 -11.12 0.25 -6.88
C CYS A 16 -12.16 1.36 -6.98
N GLY A 17 -11.69 2.61 -6.96
CA GLY A 17 -12.61 3.73 -7.03
C GLY A 17 -12.82 4.41 -5.70
N GLY A 18 -11.84 4.28 -4.81
CA GLY A 18 -11.94 4.88 -3.50
C GLY A 18 -13.21 4.49 -2.77
N ASP A 19 -13.20 3.33 -2.14
CA ASP A 19 -14.37 2.84 -1.40
C ASP A 19 -13.99 1.69 -0.49
N PRO A 20 -14.77 1.51 0.59
CA PRO A 20 -14.54 0.44 1.57
C PRO A 20 -14.83 -0.94 0.99
N GLU A 21 -15.99 -1.09 0.36
CA GLU A 21 -16.38 -2.36 -0.23
C GLU A 21 -15.52 -2.68 -1.44
N LYS A 22 -15.36 -1.70 -2.33
CA LYS A 22 -14.56 -1.89 -3.53
C LYS A 22 -13.18 -2.44 -3.19
N LYS A 23 -12.99 -3.74 -3.44
CA LYS A 23 -11.73 -4.40 -3.15
C LYS A 23 -10.60 -3.77 -3.96
N CYS A 24 -9.37 -3.90 -3.47
CA CYS A 24 -8.21 -3.34 -4.15
C CYS A 24 -6.94 -4.10 -3.76
N HIS A 25 -5.95 -4.09 -4.66
CA HIS A 25 -4.68 -4.78 -4.41
C HIS A 25 -3.64 -3.80 -3.89
N SER A 26 -3.80 -2.52 -4.25
CA SER A 26 -2.86 -1.48 -3.82
C SER A 26 -3.26 -0.91 -2.46
N CYS A 27 -4.48 -0.43 -2.37
CA CYS A 27 -4.99 0.14 -1.12
C CYS A 27 -4.86 -0.85 0.03
N SER A 28 -4.86 -2.14 -0.31
CA SER A 28 -4.74 -3.19 0.70
C SER A 28 -3.64 -4.18 0.32
N CYS A 29 -3.59 -5.29 1.05
CA CYS A 29 -2.58 -6.32 0.79
C CYS A 29 -2.58 -6.73 -0.67
N ARG A 30 -1.40 -6.68 -1.28
CA ARG A 30 -1.25 -7.05 -2.69
C ARG A 30 -0.87 -8.52 -2.84
N VAL A 31 -0.33 -9.09 -1.77
CA VAL A 31 0.08 -10.49 -1.78
C VAL A 31 -1.13 -11.42 -1.84
N CYS A 32 -1.84 -11.53 -0.71
CA CYS A 32 -3.02 -12.38 -0.64
C CYS A 32 -4.23 -11.70 -1.29
N GLY A 33 -4.21 -10.38 -1.31
CA GLY A 33 -5.30 -9.64 -1.91
C GLY A 33 -6.46 -9.43 -0.95
N GLY A 34 -6.13 -9.20 0.32
CA GLY A 34 -7.16 -9.00 1.32
C GLY A 34 -7.28 -7.54 1.75
N LYS A 35 -8.49 -7.14 2.14
CA LYS A 35 -8.73 -5.77 2.57
C LYS A 35 -9.24 -5.74 4.01
N HIS A 36 -8.62 -6.53 4.88
CA HIS A 36 -9.00 -6.59 6.28
C HIS A 36 -7.80 -6.36 7.19
N GLU A 37 -8.07 -6.20 8.48
CA GLU A 37 -7.01 -5.97 9.46
C GLU A 37 -6.12 -4.81 9.03
N PRO A 38 -6.70 -3.60 8.99
CA PRO A 38 -5.98 -2.38 8.61
C PRO A 38 -4.94 -1.97 9.65
N ASN A 39 -5.15 -2.41 10.88
CA ASN A 39 -4.23 -2.08 11.97
C ASN A 39 -2.91 -2.84 11.81
N MET A 40 -2.99 -4.04 11.27
CA MET A 40 -1.80 -4.88 11.07
C MET A 40 -1.27 -4.71 9.64
N GLN A 41 -1.55 -3.58 9.03
CA GLN A 41 -1.10 -3.31 7.67
C GLN A 41 0.08 -2.35 7.67
N LEU A 42 1.14 -2.72 6.96
CA LEU A 42 2.34 -1.89 6.87
C LEU A 42 2.36 -1.10 5.57
N LEU A 43 2.47 0.22 5.68
CA LEU A 43 2.51 1.09 4.51
C LEU A 43 3.94 1.41 4.11
N CYS A 44 4.20 1.46 2.81
CA CYS A 44 5.52 1.76 2.29
C CYS A 44 5.75 3.27 2.21
N ASP A 45 6.99 3.68 2.47
CA ASP A 45 7.34 5.11 2.44
C ASP A 45 7.94 5.47 1.09
N GLU A 46 7.56 4.74 0.05
CA GLU A 46 8.06 4.99 -1.29
C GLU A 46 6.94 4.88 -2.32
N CYS A 47 6.29 3.72 -2.37
CA CYS A 47 5.20 3.49 -3.31
C CYS A 47 3.85 3.62 -2.61
N ASN A 48 3.87 3.63 -1.28
CA ASN A 48 2.65 3.75 -0.50
C ASN A 48 1.74 2.54 -0.72
N VAL A 49 2.22 1.37 -0.30
CA VAL A 49 1.45 0.13 -0.46
C VAL A 49 1.23 -0.54 0.89
N ALA A 50 0.00 -1.03 1.10
CA ALA A 50 -0.33 -1.70 2.34
C ALA A 50 -0.09 -3.21 2.25
N TYR A 51 0.72 -3.73 3.17
CA TYR A 51 1.03 -5.15 3.19
C TYR A 51 0.87 -5.73 4.59
N HIS A 52 0.27 -6.92 4.66
CA HIS A 52 0.06 -7.58 5.93
C HIS A 52 1.38 -8.04 6.55
N ILE A 53 1.36 -8.30 7.85
CA ILE A 53 2.56 -8.75 8.55
C ILE A 53 2.80 -10.23 8.34
N TYR A 54 1.79 -10.94 7.84
CA TYR A 54 1.88 -12.36 7.60
C TYR A 54 1.77 -12.67 6.11
N CYS A 55 2.13 -11.70 5.28
CA CYS A 55 2.07 -11.86 3.84
C CYS A 55 3.33 -11.31 3.17
N LEU A 56 4.40 -11.19 3.95
CA LEU A 56 5.66 -10.67 3.43
C LEU A 56 6.55 -11.81 2.94
N ASN A 57 7.75 -11.46 2.49
CA ASN A 57 8.70 -12.46 1.99
C ASN A 57 10.13 -12.03 2.27
N PRO A 58 10.70 -12.53 3.38
CA PRO A 58 9.99 -13.43 4.29
C PRO A 58 8.87 -12.73 5.05
N PRO A 59 8.03 -13.53 5.72
CA PRO A 59 6.91 -13.01 6.51
C PRO A 59 7.36 -12.27 7.76
N LEU A 60 6.41 -11.83 8.57
CA LEU A 60 6.71 -11.12 9.79
C LEU A 60 5.90 -11.65 10.96
N ASP A 61 6.59 -12.15 11.98
CA ASP A 61 5.92 -12.70 13.16
C ASP A 61 4.94 -11.69 13.75
N LYS A 62 5.23 -10.41 13.56
CA LYS A 62 4.37 -9.34 14.07
C LYS A 62 4.71 -8.02 13.40
N VAL A 63 4.11 -6.93 13.90
CA VAL A 63 4.34 -5.61 13.36
C VAL A 63 5.64 -5.02 13.88
N PRO A 64 6.44 -4.44 12.98
CA PRO A 64 7.72 -3.82 13.34
C PRO A 64 7.55 -2.54 14.15
N GLU A 65 8.66 -1.88 14.44
CA GLU A 65 8.63 -0.64 15.21
C GLU A 65 9.94 0.14 15.06
N GLU A 66 10.61 -0.08 13.93
CA GLU A 66 11.88 0.59 13.66
C GLU A 66 11.64 1.99 13.10
N GLU A 67 12.70 2.63 12.62
CA GLU A 67 12.60 3.97 12.06
C GLU A 67 11.50 4.04 11.01
N TYR A 68 11.52 3.09 10.08
CA TYR A 68 10.53 3.05 9.00
C TYR A 68 10.40 1.65 8.43
N TRP A 69 9.37 1.43 7.63
CA TRP A 69 9.13 0.12 7.01
C TRP A 69 8.91 0.26 5.52
N TYR A 70 9.70 -0.47 4.73
CA TYR A 70 9.59 -0.43 3.28
C TYR A 70 9.24 -1.81 2.72
N CYS A 71 8.21 -1.85 1.87
CA CYS A 71 7.77 -3.10 1.28
C CYS A 71 8.94 -3.84 0.63
N PRO A 72 8.80 -5.16 0.51
CA PRO A 72 9.83 -6.01 -0.09
C PRO A 72 9.98 -5.79 -1.60
N SER A 73 9.04 -5.02 -2.16
CA SER A 73 9.07 -4.73 -3.59
C SER A 73 9.90 -3.50 -3.88
N CYS A 74 10.19 -2.72 -2.84
CA CYS A 74 10.98 -1.50 -2.99
C CYS A 74 12.40 -1.72 -2.48
N LYS A 75 12.52 -2.22 -1.26
CA LYS A 75 13.82 -2.48 -0.65
C LYS A 75 14.69 -3.31 -1.59
N THR A 76 15.71 -2.68 -2.16
CA THR A 76 16.63 -3.36 -3.06
C THR A 76 18.02 -3.48 -2.46
N ASP A 77 18.08 -3.82 -1.18
CA ASP A 77 19.35 -3.97 -0.48
C ASP A 77 20.17 -2.69 -0.58
ZN ZN B . -2.39 -10.35 3.15
ZN ZN C . 7.18 0.07 -1.74
ZN ZN D . -7.65 1.27 -4.52
N GLY A 1 -18.54 10.75 -22.64
CA GLY A 1 -18.05 11.29 -23.89
C GLY A 1 -17.48 12.68 -23.73
N SER A 2 -16.64 13.09 -24.68
CA SER A 2 -16.02 14.41 -24.64
C SER A 2 -15.77 14.94 -26.05
N SER A 3 -15.26 14.07 -26.92
CA SER A 3 -14.97 14.45 -28.30
C SER A 3 -14.07 15.67 -28.34
N GLY A 4 -12.75 15.44 -28.37
CA GLY A 4 -11.81 16.54 -28.40
C GLY A 4 -10.40 16.08 -28.74
N SER A 5 -9.55 15.98 -27.72
CA SER A 5 -8.17 15.55 -27.90
C SER A 5 -7.80 14.48 -26.88
N SER A 6 -6.64 13.86 -27.10
CA SER A 6 -6.16 12.81 -26.20
C SER A 6 -5.97 13.35 -24.78
N GLY A 7 -6.09 12.46 -23.80
CA GLY A 7 -5.93 12.86 -22.42
C GLY A 7 -6.30 11.76 -21.44
N ARG A 8 -5.76 11.84 -20.22
CA ARG A 8 -6.04 10.84 -19.21
C ARG A 8 -6.05 11.47 -17.81
N ASN A 9 -7.00 11.04 -16.98
CA ASN A 9 -7.11 11.57 -15.63
C ASN A 9 -6.21 10.79 -14.67
N ASP A 10 -5.54 11.52 -13.79
CA ASP A 10 -4.64 10.91 -12.80
C ASP A 10 -4.95 11.40 -11.40
N THR A 11 -6.14 11.07 -10.90
CA THR A 11 -6.56 11.49 -9.57
C THR A 11 -7.28 10.35 -8.85
N GLU A 12 -6.97 10.19 -7.57
CA GLU A 12 -7.58 9.15 -6.75
C GLU A 12 -7.23 7.76 -7.30
N CYS A 13 -7.56 6.72 -6.52
CA CYS A 13 -7.26 5.36 -6.92
C CYS A 13 -8.31 4.84 -7.90
N ASP A 14 -7.86 4.37 -9.05
CA ASP A 14 -8.75 3.85 -10.08
C ASP A 14 -8.99 2.35 -9.90
N LEU A 15 -8.00 1.67 -9.32
CA LEU A 15 -8.09 0.24 -9.09
C LEU A 15 -9.37 -0.11 -8.36
N CYS A 16 -9.82 0.79 -7.49
CA CYS A 16 -11.05 0.58 -6.72
C CYS A 16 -12.01 1.74 -6.93
N GLY A 17 -11.48 2.95 -7.00
CA GLY A 17 -12.31 4.12 -7.19
C GLY A 17 -12.33 5.02 -5.98
N GLY A 18 -12.05 4.45 -4.81
CA GLY A 18 -12.05 5.22 -3.58
C GLY A 18 -13.20 4.88 -2.66
N ASP A 19 -13.16 3.68 -2.09
CA ASP A 19 -14.21 3.23 -1.19
C ASP A 19 -13.75 1.99 -0.41
N PRO A 20 -14.35 1.79 0.77
CA PRO A 20 -14.03 0.65 1.63
C PRO A 20 -14.51 -0.67 1.06
N GLU A 21 -15.75 -0.70 0.58
CA GLU A 21 -16.32 -1.90 -0.01
C GLU A 21 -15.51 -2.37 -1.21
N LYS A 22 -15.33 -1.47 -2.17
CA LYS A 22 -14.57 -1.77 -3.38
C LYS A 22 -13.19 -2.32 -3.03
N LYS A 23 -13.01 -3.63 -3.23
CA LYS A 23 -11.74 -4.27 -2.94
C LYS A 23 -10.62 -3.69 -3.81
N CYS A 24 -9.40 -3.74 -3.30
CA CYS A 24 -8.24 -3.23 -4.02
C CYS A 24 -6.98 -4.01 -3.67
N HIS A 25 -6.00 -3.99 -4.57
CA HIS A 25 -4.75 -4.70 -4.36
C HIS A 25 -3.67 -3.75 -3.85
N SER A 26 -3.80 -2.47 -4.20
CA SER A 26 -2.83 -1.46 -3.79
C SER A 26 -3.19 -0.91 -2.41
N CYS A 27 -4.39 -0.36 -2.30
CA CYS A 27 -4.86 0.21 -1.04
C CYS A 27 -4.74 -0.81 0.10
N SER A 28 -4.82 -2.09 -0.26
CA SER A 28 -4.73 -3.16 0.73
C SER A 28 -3.63 -4.16 0.36
N CYS A 29 -3.59 -5.27 1.06
CA CYS A 29 -2.59 -6.31 0.80
C CYS A 29 -2.59 -6.71 -0.67
N ARG A 30 -1.41 -6.66 -1.28
CA ARG A 30 -1.29 -7.03 -2.69
C ARG A 30 -0.90 -8.50 -2.84
N VAL A 31 -0.38 -9.08 -1.76
CA VAL A 31 0.03 -10.48 -1.78
C VAL A 31 -1.18 -11.40 -1.83
N CYS A 32 -1.89 -11.51 -0.72
CA CYS A 32 -3.07 -12.37 -0.64
C CYS A 32 -4.28 -11.68 -1.28
N GLY A 33 -4.25 -10.35 -1.29
CA GLY A 33 -5.35 -9.60 -1.87
C GLY A 33 -6.48 -9.39 -0.90
N GLY A 34 -6.14 -9.15 0.37
CA GLY A 34 -7.16 -8.94 1.39
C GLY A 34 -7.29 -7.50 1.78
N LYS A 35 -8.49 -7.09 2.18
CA LYS A 35 -8.74 -5.72 2.59
C LYS A 35 -9.29 -5.67 4.01
N HIS A 36 -8.63 -6.37 4.92
CA HIS A 36 -9.05 -6.40 6.32
C HIS A 36 -7.85 -6.17 7.25
N GLU A 37 -8.14 -5.98 8.54
CA GLU A 37 -7.09 -5.76 9.52
C GLU A 37 -6.19 -4.60 9.10
N PRO A 38 -6.75 -3.39 9.08
CA PRO A 38 -6.01 -2.18 8.69
C PRO A 38 -4.97 -1.78 9.74
N ASN A 39 -5.11 -2.33 10.94
CA ASN A 39 -4.18 -2.03 12.02
C ASN A 39 -2.89 -2.81 11.86
N MET A 40 -2.99 -4.01 11.27
CA MET A 40 -1.84 -4.86 11.07
C MET A 40 -1.31 -4.72 9.64
N GLN A 41 -1.56 -3.57 9.04
CA GLN A 41 -1.10 -3.31 7.67
C GLN A 41 0.07 -2.34 7.67
N LEU A 42 1.13 -2.72 6.96
CA LEU A 42 2.33 -1.89 6.87
C LEU A 42 2.36 -1.10 5.57
N LEU A 43 2.47 0.21 5.68
CA LEU A 43 2.51 1.09 4.51
C LEU A 43 3.94 1.40 4.11
N CYS A 44 4.20 1.47 2.80
CA CYS A 44 5.52 1.76 2.29
C CYS A 44 5.75 3.27 2.21
N ASP A 45 6.98 3.69 2.48
CA ASP A 45 7.33 5.11 2.44
C ASP A 45 7.95 5.48 1.08
N GLU A 46 7.56 4.74 0.05
CA GLU A 46 8.06 4.99 -1.29
C GLU A 46 6.95 4.88 -2.33
N CYS A 47 6.30 3.72 -2.36
CA CYS A 47 5.20 3.49 -3.31
C CYS A 47 3.85 3.61 -2.61
N ASN A 48 3.87 3.63 -1.28
CA ASN A 48 2.64 3.74 -0.50
C ASN A 48 1.75 2.53 -0.72
N VAL A 49 2.22 1.36 -0.31
CA VAL A 49 1.46 0.13 -0.46
C VAL A 49 1.24 -0.55 0.89
N ALA A 50 0.02 -1.03 1.11
CA ALA A 50 -0.33 -1.70 2.35
C ALA A 50 -0.08 -3.20 2.25
N TYR A 51 0.72 -3.73 3.17
CA TYR A 51 1.02 -5.15 3.19
C TYR A 51 0.87 -5.73 4.59
N HIS A 52 0.27 -6.92 4.66
CA HIS A 52 0.05 -7.59 5.94
C HIS A 52 1.38 -8.06 6.54
N ILE A 53 1.37 -8.31 7.84
CA ILE A 53 2.57 -8.76 8.54
C ILE A 53 2.81 -10.25 8.33
N TYR A 54 1.78 -10.94 7.83
CA TYR A 54 1.88 -12.38 7.58
C TYR A 54 1.77 -12.68 6.09
N CYS A 55 2.12 -11.70 5.27
CA CYS A 55 2.05 -11.86 3.82
C CYS A 55 3.32 -11.31 3.16
N LEU A 56 4.38 -11.19 3.93
CA LEU A 56 5.65 -10.68 3.42
C LEU A 56 6.53 -11.82 2.91
N ASN A 57 7.73 -11.46 2.46
CA ASN A 57 8.68 -12.46 1.95
C ASN A 57 10.12 -12.03 2.23
N PRO A 58 10.68 -12.53 3.33
CA PRO A 58 9.97 -13.44 4.23
C PRO A 58 8.86 -12.75 5.01
N PRO A 59 8.02 -13.55 5.69
CA PRO A 59 6.90 -13.02 6.47
C PRO A 59 7.36 -12.29 7.72
N LEU A 60 6.41 -11.86 8.54
CA LEU A 60 6.72 -11.14 9.77
C LEU A 60 5.90 -11.69 10.94
N ASP A 61 6.59 -12.19 11.95
CA ASP A 61 5.93 -12.74 13.13
C ASP A 61 4.96 -11.73 13.72
N LYS A 62 5.24 -10.45 13.53
CA LYS A 62 4.39 -9.38 14.05
C LYS A 62 4.73 -8.05 13.38
N VAL A 63 4.11 -6.98 13.88
CA VAL A 63 4.35 -5.64 13.33
C VAL A 63 5.65 -5.05 13.87
N PRO A 64 6.45 -4.46 12.97
CA PRO A 64 7.73 -3.85 13.33
C PRO A 64 7.55 -2.57 14.13
N GLU A 65 8.67 -1.94 14.48
CA GLU A 65 8.62 -0.71 15.26
C GLU A 65 9.93 0.07 15.09
N GLU A 66 10.60 -0.14 13.97
CA GLU A 66 11.85 0.55 13.69
C GLU A 66 11.60 1.95 13.14
N GLU A 67 12.66 2.59 12.65
CA GLU A 67 12.54 3.93 12.09
C GLU A 67 11.44 4.00 11.05
N TYR A 68 11.50 3.09 10.07
CA TYR A 68 10.51 3.05 9.00
C TYR A 68 10.38 1.64 8.43
N TRP A 69 9.36 1.43 7.62
CA TRP A 69 9.12 0.12 7.01
C TRP A 69 8.91 0.26 5.51
N TYR A 70 9.70 -0.47 4.73
CA TYR A 70 9.59 -0.44 3.27
C TYR A 70 9.24 -1.81 2.72
N CYS A 71 8.21 -1.85 1.87
CA CYS A 71 7.77 -3.10 1.27
C CYS A 71 8.94 -3.84 0.63
N PRO A 72 8.81 -5.17 0.49
CA PRO A 72 9.85 -6.01 -0.10
C PRO A 72 9.99 -5.79 -1.60
N SER A 73 9.06 -5.02 -2.16
CA SER A 73 9.08 -4.73 -3.60
C SER A 73 9.91 -3.49 -3.89
N CYS A 74 10.20 -2.71 -2.85
CA CYS A 74 10.99 -1.49 -2.99
C CYS A 74 12.41 -1.72 -2.48
N LYS A 75 12.52 -2.21 -1.25
CA LYS A 75 13.82 -2.47 -0.65
C LYS A 75 14.70 -3.31 -1.58
N THR A 76 15.77 -2.69 -2.09
CA THR A 76 16.69 -3.38 -2.99
C THR A 76 18.12 -3.25 -2.51
N ASP A 77 18.30 -3.09 -1.20
CA ASP A 77 19.63 -2.96 -0.61
C ASP A 77 20.40 -1.83 -1.28
ZN ZN B . -2.40 -10.36 3.16
ZN ZN C . 7.18 0.06 -1.75
ZN ZN D . -7.41 1.34 -4.44
N GLY A 1 -10.38 35.21 -18.86
CA GLY A 1 -10.97 33.91 -18.65
C GLY A 1 -9.94 32.80 -18.60
N SER A 2 -9.82 32.16 -17.45
CA SER A 2 -8.84 31.08 -17.27
C SER A 2 -7.43 31.58 -17.55
N SER A 3 -6.83 32.25 -16.58
CA SER A 3 -5.48 32.77 -16.72
C SER A 3 -4.72 32.67 -15.40
N GLY A 4 -5.33 33.17 -14.33
CA GLY A 4 -4.70 33.12 -13.03
C GLY A 4 -5.35 32.13 -12.10
N SER A 5 -5.11 32.29 -10.80
CA SER A 5 -5.68 31.39 -9.80
C SER A 5 -5.26 29.94 -10.07
N SER A 6 -3.97 29.74 -10.29
CA SER A 6 -3.44 28.40 -10.56
C SER A 6 -3.51 27.52 -9.31
N GLY A 7 -3.79 26.24 -9.52
CA GLY A 7 -3.88 25.31 -8.41
C GLY A 7 -4.63 24.05 -8.77
N ARG A 8 -3.93 23.10 -9.38
CA ARG A 8 -4.55 21.83 -9.79
C ARG A 8 -3.62 20.67 -9.48
N ASN A 9 -3.96 19.90 -8.44
CA ASN A 9 -3.16 18.75 -8.05
C ASN A 9 -3.94 17.84 -7.11
N ASP A 10 -3.81 16.53 -7.31
CA ASP A 10 -4.51 15.56 -6.48
C ASP A 10 -4.04 14.15 -6.80
N THR A 11 -4.32 13.21 -5.89
CA THR A 11 -3.93 11.82 -6.07
C THR A 11 -5.03 10.87 -5.63
N GLU A 12 -5.57 10.11 -6.57
CA GLU A 12 -6.63 9.16 -6.28
C GLU A 12 -6.27 7.76 -6.76
N CYS A 13 -7.14 6.80 -6.50
CA CYS A 13 -6.92 5.42 -6.91
C CYS A 13 -7.95 4.98 -7.94
N ASP A 14 -7.48 4.50 -9.09
CA ASP A 14 -8.37 4.05 -10.15
C ASP A 14 -8.64 2.57 -10.03
N LEU A 15 -7.70 1.84 -9.43
CA LEU A 15 -7.85 0.40 -9.24
C LEU A 15 -9.18 0.06 -8.59
N CYS A 16 -9.56 0.87 -7.60
CA CYS A 16 -10.82 0.66 -6.89
C CYS A 16 -11.74 1.87 -7.04
N GLY A 17 -11.15 3.06 -7.07
CA GLY A 17 -11.92 4.28 -7.21
C GLY A 17 -11.96 5.09 -5.92
N GLY A 18 -11.80 4.41 -4.79
CA GLY A 18 -11.83 5.09 -3.52
C GLY A 18 -13.05 4.73 -2.69
N ASP A 19 -13.12 3.47 -2.28
CA ASP A 19 -14.26 3.00 -1.48
C ASP A 19 -13.88 1.75 -0.69
N PRO A 20 -14.58 1.52 0.43
CA PRO A 20 -14.33 0.37 1.30
C PRO A 20 -14.77 -0.95 0.65
N GLU A 21 -15.98 -0.97 0.10
CA GLU A 21 -16.49 -2.16 -0.55
C GLU A 21 -15.59 -2.60 -1.70
N LYS A 22 -15.37 -1.68 -2.64
CA LYS A 22 -14.52 -1.97 -3.80
C LYS A 22 -13.14 -2.45 -3.36
N LYS A 23 -12.92 -3.76 -3.46
CA LYS A 23 -11.65 -4.35 -3.07
C LYS A 23 -10.52 -3.83 -3.96
N CYS A 24 -9.34 -3.68 -3.38
CA CYS A 24 -8.17 -3.20 -4.11
C CYS A 24 -6.92 -3.98 -3.72
N HIS A 25 -5.95 -4.01 -4.64
CA HIS A 25 -4.70 -4.73 -4.40
C HIS A 25 -3.62 -3.78 -3.88
N SER A 26 -3.74 -2.50 -4.23
CA SER A 26 -2.77 -1.50 -3.80
C SER A 26 -3.15 -0.93 -2.43
N CYS A 27 -4.36 -0.41 -2.34
CA CYS A 27 -4.84 0.17 -1.08
C CYS A 27 -4.73 -0.85 0.06
N SER A 28 -4.77 -2.13 -0.29
CA SER A 28 -4.68 -3.19 0.71
C SER A 28 -3.59 -4.19 0.34
N CYS A 29 -3.55 -5.30 1.06
CA CYS A 29 -2.55 -6.33 0.81
C CYS A 29 -2.55 -6.74 -0.67
N ARG A 30 -1.37 -6.71 -1.28
CA ARG A 30 -1.23 -7.06 -2.69
C ARG A 30 -0.85 -8.53 -2.83
N VAL A 31 -0.32 -9.12 -1.76
CA VAL A 31 0.09 -10.51 -1.76
C VAL A 31 -1.12 -11.44 -1.83
N CYS A 32 -1.84 -11.55 -0.72
CA CYS A 32 -3.02 -12.40 -0.65
C CYS A 32 -4.22 -11.72 -1.29
N GLY A 33 -4.20 -10.38 -1.30
CA GLY A 33 -5.30 -9.63 -1.88
C GLY A 33 -6.43 -9.41 -0.90
N GLY A 34 -6.08 -9.19 0.36
CA GLY A 34 -7.10 -8.97 1.38
C GLY A 34 -7.24 -7.51 1.75
N LYS A 35 -8.44 -7.12 2.15
CA LYS A 35 -8.71 -5.74 2.54
C LYS A 35 -9.24 -5.67 3.97
N HIS A 36 -8.61 -6.42 4.87
CA HIS A 36 -9.01 -6.44 6.27
C HIS A 36 -7.81 -6.22 7.18
N GLU A 37 -8.07 -6.06 8.48
CA GLU A 37 -7.02 -5.84 9.45
C GLU A 37 -6.14 -4.66 9.05
N PRO A 38 -6.74 -3.45 9.04
CA PRO A 38 -6.03 -2.23 8.67
C PRO A 38 -5.00 -1.81 9.72
N ASN A 39 -5.14 -2.37 10.92
CA ASN A 39 -4.23 -2.06 12.01
C ASN A 39 -2.92 -2.83 11.88
N MET A 40 -3.00 -4.01 11.27
CA MET A 40 -1.83 -4.85 11.06
C MET A 40 -1.30 -4.72 9.64
N GLN A 41 -1.56 -3.56 9.03
CA GLN A 41 -1.10 -3.30 7.67
C GLN A 41 0.08 -2.35 7.67
N LEU A 42 1.14 -2.72 6.96
CA LEU A 42 2.34 -1.89 6.88
C LEU A 42 2.36 -1.10 5.57
N LEU A 43 2.47 0.22 5.69
CA LEU A 43 2.50 1.09 4.52
C LEU A 43 3.94 1.41 4.11
N CYS A 44 4.19 1.47 2.81
CA CYS A 44 5.52 1.76 2.29
C CYS A 44 5.75 3.28 2.22
N ASP A 45 6.98 3.69 2.48
CA ASP A 45 7.33 5.11 2.44
C ASP A 45 7.93 5.47 1.09
N GLU A 46 7.55 4.74 0.05
CA GLU A 46 8.05 4.99 -1.29
C GLU A 46 6.94 4.88 -2.32
N CYS A 47 6.28 3.72 -2.37
CA CYS A 47 5.20 3.49 -3.31
C CYS A 47 3.85 3.62 -2.61
N ASN A 48 3.86 3.64 -1.28
CA ASN A 48 2.64 3.75 -0.51
C ASN A 48 1.74 2.54 -0.73
N VAL A 49 2.22 1.37 -0.30
CA VAL A 49 1.45 0.13 -0.46
C VAL A 49 1.23 -0.54 0.89
N ALA A 50 0.00 -1.03 1.10
CA ALA A 50 -0.33 -1.70 2.34
C ALA A 50 -0.09 -3.21 2.25
N TYR A 51 0.72 -3.73 3.17
CA TYR A 51 1.03 -5.15 3.19
C TYR A 51 0.87 -5.73 4.59
N HIS A 52 0.27 -6.92 4.66
CA HIS A 52 0.05 -7.58 5.93
C HIS A 52 1.37 -8.03 6.55
N ILE A 53 1.35 -8.29 7.86
CA ILE A 53 2.55 -8.73 8.57
C ILE A 53 2.80 -10.22 8.36
N TYR A 54 1.79 -10.92 7.87
CA TYR A 54 1.89 -12.35 7.63
C TYR A 54 1.78 -12.66 6.14
N CYS A 55 2.14 -11.70 5.30
CA CYS A 55 2.09 -11.86 3.86
C CYS A 55 3.35 -11.31 3.20
N LEU A 56 4.41 -11.19 3.98
CA LEU A 56 5.67 -10.67 3.47
C LEU A 56 6.57 -11.81 2.98
N ASN A 57 7.77 -11.46 2.53
CA ASN A 57 8.73 -12.45 2.04
C ASN A 57 10.15 -12.01 2.33
N PRO A 58 10.72 -12.51 3.44
CA PRO A 58 10.01 -13.41 4.35
C PRO A 58 8.88 -12.71 5.11
N PRO A 59 8.04 -13.51 5.78
CA PRO A 59 6.91 -12.98 6.56
C PRO A 59 7.36 -12.24 7.81
N LEU A 60 6.40 -11.80 8.61
CA LEU A 60 6.70 -11.07 9.84
C LEU A 60 5.88 -11.62 11.00
N ASP A 61 6.57 -12.10 12.03
CA ASP A 61 5.90 -12.64 13.21
C ASP A 61 4.91 -11.64 13.79
N LYS A 62 5.20 -10.36 13.58
CA LYS A 62 4.34 -9.29 14.08
C LYS A 62 4.66 -7.96 13.42
N VAL A 63 4.08 -6.88 13.92
CA VAL A 63 4.31 -5.55 13.38
C VAL A 63 5.62 -4.96 13.91
N PRO A 64 6.42 -4.39 12.99
CA PRO A 64 7.70 -3.78 13.33
C PRO A 64 7.54 -2.50 14.14
N GLU A 65 8.66 -1.93 14.58
CA GLU A 65 8.64 -0.71 15.36
C GLU A 65 9.94 0.07 15.19
N GLU A 66 10.59 -0.13 14.05
CA GLU A 66 11.85 0.56 13.76
C GLU A 66 11.58 1.95 13.19
N GLU A 67 12.64 2.58 12.69
CA GLU A 67 12.51 3.93 12.12
C GLU A 67 11.41 3.98 11.08
N TYR A 68 11.51 3.12 10.07
CA TYR A 68 10.51 3.08 9.00
C TYR A 68 10.39 1.67 8.44
N TRP A 69 9.36 1.45 7.63
CA TRP A 69 9.13 0.14 7.02
C TRP A 69 8.91 0.28 5.52
N TYR A 70 9.71 -0.45 4.74
CA TYR A 70 9.58 -0.42 3.29
C TYR A 70 9.23 -1.79 2.73
N CYS A 71 8.21 -1.84 1.89
CA CYS A 71 7.77 -3.10 1.28
C CYS A 71 8.94 -3.83 0.64
N PRO A 72 8.80 -5.16 0.52
CA PRO A 72 9.84 -6.00 -0.08
C PRO A 72 9.98 -5.78 -1.58
N SER A 73 9.06 -5.02 -2.15
CA SER A 73 9.07 -4.73 -3.57
C SER A 73 9.91 -3.49 -3.88
N CYS A 74 10.19 -2.71 -2.83
CA CYS A 74 10.98 -1.50 -2.98
C CYS A 74 12.41 -1.72 -2.47
N LYS A 75 12.52 -2.21 -1.24
CA LYS A 75 13.83 -2.46 -0.64
C LYS A 75 14.69 -3.30 -1.56
N THR A 76 15.72 -2.67 -2.13
CA THR A 76 16.64 -3.36 -3.04
C THR A 76 18.08 -3.15 -2.62
N ASP A 77 18.31 -3.00 -1.31
CA ASP A 77 19.64 -2.81 -0.78
C ASP A 77 20.31 -1.60 -1.42
ZN ZN B . -2.38 -10.38 3.16
ZN ZN C . 7.18 0.07 -1.74
ZN ZN D . -7.30 1.36 -4.52
N GLY A 1 -9.58 28.60 -35.59
CA GLY A 1 -8.25 28.09 -35.35
C GLY A 1 -8.25 26.76 -34.63
N SER A 2 -7.28 25.92 -34.94
CA SER A 2 -7.19 24.60 -34.32
C SER A 2 -6.46 24.68 -32.98
N SER A 3 -7.23 24.59 -31.90
CA SER A 3 -6.67 24.66 -30.55
C SER A 3 -7.72 24.30 -29.51
N GLY A 4 -7.72 23.04 -29.09
CA GLY A 4 -8.68 22.60 -28.09
C GLY A 4 -8.19 22.80 -26.68
N SER A 5 -8.29 21.76 -25.85
CA SER A 5 -7.86 21.83 -24.47
C SER A 5 -7.63 20.44 -23.89
N SER A 6 -6.88 20.37 -22.80
CA SER A 6 -6.59 19.09 -22.15
C SER A 6 -5.81 19.31 -20.86
N GLY A 7 -5.72 18.25 -20.05
CA GLY A 7 -4.99 18.35 -18.80
C GLY A 7 -5.70 17.62 -17.67
N ARG A 8 -4.93 16.95 -16.83
CA ARG A 8 -5.49 16.21 -15.70
C ARG A 8 -4.83 16.62 -14.39
N ASN A 9 -5.65 16.92 -13.38
CA ASN A 9 -5.13 17.33 -12.08
C ASN A 9 -5.95 16.69 -10.95
N ASP A 10 -5.67 15.42 -10.69
CA ASP A 10 -6.38 14.69 -9.63
C ASP A 10 -5.54 13.52 -9.13
N THR A 11 -5.63 13.24 -7.83
CA THR A 11 -4.88 12.14 -7.24
C THR A 11 -5.81 11.16 -6.53
N GLU A 12 -6.10 10.05 -7.19
CA GLU A 12 -6.98 9.03 -6.64
C GLU A 12 -6.57 7.64 -7.11
N CYS A 13 -7.38 6.64 -6.74
CA CYS A 13 -7.10 5.26 -7.12
C CYS A 13 -8.11 4.78 -8.16
N ASP A 14 -7.60 4.33 -9.31
CA ASP A 14 -8.45 3.84 -10.38
C ASP A 14 -8.67 2.34 -10.25
N LEU A 15 -7.71 1.66 -9.64
CA LEU A 15 -7.79 0.21 -9.46
C LEU A 15 -9.12 -0.18 -8.81
N CYS A 16 -9.57 0.64 -7.87
CA CYS A 16 -10.83 0.38 -7.17
C CYS A 16 -11.80 1.54 -7.36
N GLY A 17 -11.27 2.76 -7.41
CA GLY A 17 -12.10 3.94 -7.58
C GLY A 17 -12.15 4.80 -6.34
N GLY A 18 -11.96 4.18 -5.18
CA GLY A 18 -11.99 4.91 -3.93
C GLY A 18 -13.20 4.56 -3.07
N ASP A 19 -13.25 3.31 -2.62
CA ASP A 19 -14.36 2.84 -1.80
C ASP A 19 -13.95 1.62 -0.97
N PRO A 20 -14.63 1.41 0.15
CA PRO A 20 -14.36 0.29 1.06
C PRO A 20 -14.76 -1.05 0.44
N GLU A 21 -15.98 -1.10 -0.09
CA GLU A 21 -16.49 -2.32 -0.71
C GLU A 21 -15.60 -2.76 -1.88
N LYS A 22 -15.32 -1.82 -2.78
CA LYS A 22 -14.49 -2.10 -3.94
C LYS A 22 -13.12 -2.62 -3.52
N LYS A 23 -12.92 -3.93 -3.67
CA LYS A 23 -11.66 -4.56 -3.31
C LYS A 23 -10.52 -4.02 -4.17
N CYS A 24 -9.36 -3.83 -3.54
CA CYS A 24 -8.19 -3.32 -4.24
C CYS A 24 -6.94 -4.08 -3.85
N HIS A 25 -5.93 -4.05 -4.71
CA HIS A 25 -4.67 -4.75 -4.44
C HIS A 25 -3.62 -3.77 -3.91
N SER A 26 -3.76 -2.50 -4.26
CA SER A 26 -2.82 -1.48 -3.83
C SER A 26 -3.23 -0.91 -2.48
N CYS A 27 -4.45 -0.42 -2.39
CA CYS A 27 -4.96 0.15 -1.14
C CYS A 27 -4.84 -0.84 0.00
N SER A 28 -4.85 -2.13 -0.33
CA SER A 28 -4.74 -3.19 0.67
C SER A 28 -3.64 -4.18 0.30
N CYS A 29 -3.59 -5.29 1.03
CA CYS A 29 -2.59 -6.31 0.78
C CYS A 29 -2.58 -6.72 -0.69
N ARG A 30 -1.39 -6.69 -1.30
CA ARG A 30 -1.25 -7.05 -2.70
C ARG A 30 -0.86 -8.52 -2.85
N VAL A 31 -0.34 -9.09 -1.77
CA VAL A 31 0.07 -10.49 -1.78
C VAL A 31 -1.14 -11.42 -1.84
N CYS A 32 -1.85 -11.52 -0.72
CA CYS A 32 -3.04 -12.37 -0.65
C CYS A 32 -4.24 -11.70 -1.29
N GLY A 33 -4.21 -10.37 -1.32
CA GLY A 33 -5.30 -9.62 -1.91
C GLY A 33 -6.45 -9.41 -0.94
N GLY A 34 -6.12 -9.18 0.33
CA GLY A 34 -7.15 -8.97 1.33
C GLY A 34 -7.26 -7.50 1.74
N LYS A 35 -8.47 -7.10 2.13
CA LYS A 35 -8.73 -5.72 2.54
C LYS A 35 -9.24 -5.67 3.98
N HIS A 36 -8.64 -6.48 4.85
CA HIS A 36 -9.05 -6.53 6.24
C HIS A 36 -7.84 -6.33 7.16
N GLU A 37 -8.10 -6.14 8.45
CA GLU A 37 -7.04 -5.94 9.43
C GLU A 37 -6.13 -4.79 9.01
N PRO A 38 -6.69 -3.57 8.95
CA PRO A 38 -5.95 -2.37 8.57
C PRO A 38 -4.93 -1.96 9.64
N ASN A 39 -5.14 -2.40 10.86
CA ASN A 39 -4.24 -2.08 11.97
C ASN A 39 -2.92 -2.83 11.82
N MET A 40 -2.98 -4.04 11.28
CA MET A 40 -1.79 -4.86 11.08
C MET A 40 -1.25 -4.71 9.66
N GLN A 41 -1.55 -3.57 9.04
CA GLN A 41 -1.10 -3.29 7.67
C GLN A 41 0.08 -2.35 7.67
N LEU A 42 1.14 -2.72 6.96
CA LEU A 42 2.34 -1.89 6.87
C LEU A 42 2.36 -1.10 5.57
N LEU A 43 2.46 0.21 5.69
CA LEU A 43 2.50 1.08 4.51
C LEU A 43 3.93 1.41 4.12
N CYS A 44 4.19 1.47 2.81
CA CYS A 44 5.52 1.76 2.30
C CYS A 44 5.74 3.27 2.23
N ASP A 45 6.98 3.69 2.49
CA ASP A 45 7.32 5.11 2.45
C ASP A 45 7.94 5.48 1.10
N GLU A 46 7.55 4.75 0.06
CA GLU A 46 8.06 5.00 -1.28
C GLU A 46 6.94 4.89 -2.32
N CYS A 47 6.29 3.73 -2.36
CA CYS A 47 5.21 3.50 -3.30
C CYS A 47 3.85 3.61 -2.61
N ASN A 48 3.86 3.64 -1.28
CA ASN A 48 2.64 3.74 -0.50
C ASN A 48 1.74 2.54 -0.72
N VAL A 49 2.22 1.36 -0.31
CA VAL A 49 1.45 0.13 -0.46
C VAL A 49 1.23 -0.55 0.88
N ALA A 50 0.02 -1.03 1.11
CA ALA A 50 -0.33 -1.70 2.34
C ALA A 50 -0.09 -3.21 2.25
N TYR A 51 0.72 -3.73 3.17
CA TYR A 51 1.04 -5.15 3.18
C TYR A 51 0.87 -5.73 4.58
N HIS A 52 0.27 -6.92 4.66
CA HIS A 52 0.06 -7.58 5.93
C HIS A 52 1.38 -8.04 6.54
N ILE A 53 1.37 -8.29 7.85
CA ILE A 53 2.56 -8.74 8.55
C ILE A 53 2.80 -10.23 8.34
N TYR A 54 1.78 -10.93 7.85
CA TYR A 54 1.87 -12.36 7.60
C TYR A 54 1.76 -12.67 6.11
N CYS A 55 2.12 -11.69 5.29
CA CYS A 55 2.07 -11.85 3.83
C CYS A 55 3.32 -11.29 3.17
N LEU A 56 4.40 -11.19 3.95
CA LEU A 56 5.66 -10.68 3.45
C LEU A 56 6.55 -11.81 2.95
N ASN A 57 7.75 -11.46 2.50
CA ASN A 57 8.70 -12.46 1.99
C ASN A 57 10.14 -12.02 2.28
N PRO A 58 10.70 -12.53 3.39
CA PRO A 58 9.98 -13.44 4.29
C PRO A 58 8.87 -12.74 5.06
N PRO A 59 8.02 -13.53 5.73
CA PRO A 59 6.89 -13.01 6.50
C PRO A 59 7.36 -12.28 7.76
N LEU A 60 6.39 -11.85 8.57
CA LEU A 60 6.70 -11.13 9.81
C LEU A 60 5.87 -11.67 10.97
N ASP A 61 6.56 -12.17 11.99
CA ASP A 61 5.89 -12.72 13.16
C ASP A 61 4.92 -11.70 13.76
N LYS A 62 5.21 -10.42 13.56
CA LYS A 62 4.36 -9.35 14.07
C LYS A 62 4.69 -8.03 13.40
N VAL A 63 4.10 -6.95 13.90
CA VAL A 63 4.34 -5.62 13.36
C VAL A 63 5.65 -5.03 13.89
N PRO A 64 6.45 -4.45 12.98
CA PRO A 64 7.73 -3.85 13.34
C PRO A 64 7.56 -2.56 14.15
N GLU A 65 8.68 -1.90 14.44
CA GLU A 65 8.65 -0.66 15.21
C GLU A 65 9.94 0.13 15.02
N GLU A 66 10.60 -0.09 13.89
CA GLU A 66 11.86 0.59 13.58
C GLU A 66 11.60 2.00 13.06
N GLU A 67 12.66 2.67 12.60
CA GLU A 67 12.54 4.02 12.08
C GLU A 67 11.47 4.09 11.01
N TYR A 68 11.47 3.12 10.10
CA TYR A 68 10.50 3.07 9.02
C TYR A 68 10.37 1.66 8.46
N TRP A 69 9.34 1.45 7.64
CA TRP A 69 9.12 0.14 7.03
C TRP A 69 8.89 0.27 5.53
N TYR A 70 9.69 -0.46 4.75
CA TYR A 70 9.59 -0.41 3.30
C TYR A 70 9.24 -1.79 2.74
N CYS A 71 8.21 -1.84 1.89
CA CYS A 71 7.77 -3.09 1.29
C CYS A 71 8.94 -3.82 0.64
N PRO A 72 8.82 -5.15 0.52
CA PRO A 72 9.85 -5.99 -0.08
C PRO A 72 9.99 -5.77 -1.58
N SER A 73 9.07 -5.01 -2.15
CA SER A 73 9.08 -4.72 -3.57
C SER A 73 9.92 -3.47 -3.87
N CYS A 74 10.19 -2.70 -2.83
CA CYS A 74 10.99 -1.48 -2.97
C CYS A 74 12.42 -1.70 -2.46
N LYS A 75 12.53 -2.19 -1.23
CA LYS A 75 13.83 -2.45 -0.62
C LYS A 75 14.71 -3.29 -1.56
N THR A 76 15.73 -2.65 -2.12
CA THR A 76 16.65 -3.33 -3.02
C THR A 76 18.07 -2.82 -2.85
N ASP A 77 18.49 -2.63 -1.59
CA ASP A 77 19.83 -2.15 -1.29
C ASP A 77 20.09 -0.82 -1.98
ZN ZN B . -2.40 -10.35 3.15
ZN ZN C . 7.18 0.07 -1.73
ZN ZN D . -7.41 1.28 -4.62
N GLY A 1 -18.91 31.39 -24.53
CA GLY A 1 -18.22 30.42 -23.71
C GLY A 1 -16.73 30.37 -24.01
N SER A 2 -15.95 29.92 -23.03
CA SER A 2 -14.51 29.82 -23.19
C SER A 2 -13.96 28.59 -22.50
N SER A 3 -12.95 27.96 -23.10
CA SER A 3 -12.34 26.77 -22.53
C SER A 3 -11.08 27.11 -21.75
N GLY A 4 -11.17 28.17 -20.93
CA GLY A 4 -10.02 28.59 -20.14
C GLY A 4 -9.83 27.72 -18.90
N SER A 5 -9.65 26.43 -19.10
CA SER A 5 -9.46 25.51 -18.00
C SER A 5 -8.88 24.18 -18.48
N SER A 6 -7.55 24.12 -18.57
CA SER A 6 -6.86 22.92 -19.04
C SER A 6 -5.69 22.58 -18.12
N GLY A 7 -5.93 21.66 -17.18
CA GLY A 7 -4.89 21.27 -16.26
C GLY A 7 -5.43 20.85 -14.91
N ARG A 8 -5.73 19.56 -14.76
CA ARG A 8 -6.26 19.04 -13.51
C ARG A 8 -5.28 18.08 -12.85
N ASN A 9 -5.24 18.09 -11.52
CA ASN A 9 -4.34 17.22 -10.77
C ASN A 9 -4.88 16.95 -9.38
N ASP A 10 -4.74 15.71 -8.91
CA ASP A 10 -5.22 15.32 -7.60
C ASP A 10 -4.71 13.93 -7.22
N THR A 11 -5.05 13.49 -6.02
CA THR A 11 -4.62 12.18 -5.53
C THR A 11 -5.81 11.26 -5.30
N GLU A 12 -5.77 10.06 -5.87
CA GLU A 12 -6.84 9.09 -5.72
C GLU A 12 -6.43 7.73 -6.26
N CYS A 13 -7.32 6.76 -6.14
CA CYS A 13 -7.06 5.40 -6.61
C CYS A 13 -8.11 4.96 -7.62
N ASP A 14 -7.66 4.51 -8.79
CA ASP A 14 -8.56 4.05 -9.83
C ASP A 14 -8.82 2.55 -9.71
N LEU A 15 -7.86 1.83 -9.13
CA LEU A 15 -7.99 0.40 -8.96
C LEU A 15 -9.27 0.04 -8.22
N CYS A 16 -9.66 0.89 -7.27
CA CYS A 16 -10.87 0.67 -6.50
C CYS A 16 -11.86 1.82 -6.68
N GLY A 17 -11.32 3.03 -6.82
CA GLY A 17 -12.17 4.20 -7.00
C GLY A 17 -12.20 5.08 -5.77
N GLY A 18 -11.95 4.49 -4.61
CA GLY A 18 -11.96 5.24 -3.37
C GLY A 18 -13.12 4.86 -2.47
N ASP A 19 -13.19 3.58 -2.11
CA ASP A 19 -14.25 3.09 -1.24
C ASP A 19 -13.82 1.82 -0.52
N PRO A 20 -14.44 1.56 0.65
CA PRO A 20 -14.13 0.39 1.46
C PRO A 20 -14.60 -0.91 0.82
N GLU A 21 -15.84 -0.92 0.35
CA GLU A 21 -16.42 -2.10 -0.29
C GLU A 21 -15.59 -2.50 -1.51
N LYS A 22 -15.21 -1.52 -2.31
CA LYS A 22 -14.42 -1.77 -3.51
C LYS A 22 -13.06 -2.35 -3.15
N LYS A 23 -12.93 -3.67 -3.25
CA LYS A 23 -11.68 -4.35 -2.93
C LYS A 23 -10.54 -3.80 -3.78
N CYS A 24 -9.37 -3.66 -3.15
CA CYS A 24 -8.20 -3.15 -3.85
C CYS A 24 -6.96 -3.97 -3.52
N HIS A 25 -5.97 -3.92 -4.40
CA HIS A 25 -4.73 -4.67 -4.21
C HIS A 25 -3.61 -3.75 -3.73
N SER A 26 -3.70 -2.47 -4.07
CA SER A 26 -2.70 -1.50 -3.67
C SER A 26 -3.01 -0.92 -2.30
N CYS A 27 -4.22 -0.37 -2.15
CA CYS A 27 -4.64 0.22 -0.89
C CYS A 27 -4.52 -0.79 0.25
N SER A 28 -4.60 -2.07 -0.10
CA SER A 28 -4.51 -3.14 0.89
C SER A 28 -3.47 -4.17 0.48
N CYS A 29 -3.44 -5.29 1.19
CA CYS A 29 -2.48 -6.36 0.91
C CYS A 29 -2.53 -6.76 -0.56
N ARG A 30 -1.38 -6.72 -1.21
CA ARG A 30 -1.29 -7.07 -2.62
C ARG A 30 -0.92 -8.54 -2.80
N VAL A 31 -0.39 -9.14 -1.74
CA VAL A 31 0.01 -10.55 -1.77
C VAL A 31 -1.21 -11.46 -1.83
N CYS A 32 -1.91 -11.58 -0.72
CA CYS A 32 -3.11 -12.42 -0.65
C CYS A 32 -4.31 -11.71 -1.25
N GLY A 33 -4.27 -10.37 -1.24
CA GLY A 33 -5.37 -9.60 -1.78
C GLY A 33 -6.52 -9.44 -0.80
N GLY A 34 -6.19 -9.26 0.47
CA GLY A 34 -7.21 -9.10 1.49
C GLY A 34 -7.36 -7.66 1.94
N LYS A 35 -8.57 -7.29 2.35
CA LYS A 35 -8.85 -5.94 2.81
C LYS A 35 -9.29 -5.94 4.27
N HIS A 36 -8.64 -6.77 5.08
CA HIS A 36 -8.96 -6.85 6.50
C HIS A 36 -7.74 -6.59 7.36
N GLU A 37 -7.95 -6.39 8.66
CA GLU A 37 -6.86 -6.12 9.58
C GLU A 37 -6.08 -4.87 9.15
N PRO A 38 -6.76 -3.71 9.20
CA PRO A 38 -6.14 -2.43 8.82
C PRO A 38 -5.08 -1.98 9.82
N ASN A 39 -5.13 -2.55 11.01
CA ASN A 39 -4.17 -2.20 12.07
C ASN A 39 -2.86 -2.95 11.88
N MET A 40 -2.95 -4.13 11.27
CA MET A 40 -1.76 -4.95 11.03
C MET A 40 -1.26 -4.76 9.60
N GLN A 41 -1.54 -3.60 9.02
CA GLN A 41 -1.11 -3.29 7.65
C GLN A 41 0.06 -2.32 7.66
N LEU A 42 1.12 -2.69 6.95
CA LEU A 42 2.31 -1.85 6.86
C LEU A 42 2.33 -1.05 5.57
N LEU A 43 2.52 0.26 5.68
CA LEU A 43 2.57 1.13 4.52
C LEU A 43 4.00 1.42 4.09
N CYS A 44 4.24 1.44 2.79
CA CYS A 44 5.57 1.70 2.26
C CYS A 44 5.83 3.21 2.17
N ASP A 45 7.08 3.59 2.42
CA ASP A 45 7.46 5.01 2.37
C ASP A 45 8.03 5.36 1.00
N GLU A 46 7.48 4.76 -0.05
CA GLU A 46 7.94 5.03 -1.41
C GLU A 46 6.79 4.90 -2.41
N CYS A 47 6.17 3.73 -2.45
CA CYS A 47 5.06 3.48 -3.36
C CYS A 47 3.73 3.60 -2.63
N ASN A 48 3.78 3.60 -1.30
CA ASN A 48 2.57 3.72 -0.49
C ASN A 48 1.67 2.52 -0.71
N VAL A 49 2.14 1.34 -0.31
CA VAL A 49 1.37 0.11 -0.45
C VAL A 49 1.18 -0.58 0.88
N ALA A 50 -0.04 -1.04 1.14
CA ALA A 50 -0.36 -1.73 2.38
C ALA A 50 -0.10 -3.22 2.27
N TYR A 51 0.70 -3.75 3.18
CA TYR A 51 1.03 -5.17 3.19
C TYR A 51 0.87 -5.76 4.58
N HIS A 52 0.27 -6.95 4.64
CA HIS A 52 0.06 -7.64 5.92
C HIS A 52 1.38 -8.08 6.53
N ILE A 53 1.37 -8.36 7.83
CA ILE A 53 2.57 -8.80 8.52
C ILE A 53 2.82 -10.29 8.32
N TYR A 54 1.81 -11.00 7.83
CA TYR A 54 1.91 -12.43 7.58
C TYR A 54 1.78 -12.74 6.10
N CYS A 55 2.16 -11.77 5.26
CA CYS A 55 2.08 -11.94 3.81
C CYS A 55 3.33 -11.40 3.14
N LEU A 56 4.41 -11.26 3.92
CA LEU A 56 5.67 -10.75 3.40
C LEU A 56 6.56 -11.90 2.91
N ASN A 57 7.75 -11.55 2.45
CA ASN A 57 8.69 -12.55 1.96
C ASN A 57 10.14 -12.12 2.22
N PRO A 58 10.71 -12.60 3.34
CA PRO A 58 10.00 -13.50 4.26
C PRO A 58 8.89 -12.80 5.02
N PRO A 59 8.04 -13.58 5.70
CA PRO A 59 6.92 -13.05 6.48
C PRO A 59 7.39 -12.30 7.73
N LEU A 60 6.43 -11.86 8.54
CA LEU A 60 6.74 -11.12 9.76
C LEU A 60 5.93 -11.67 10.95
N ASP A 61 6.64 -12.15 11.96
CA ASP A 61 5.99 -12.69 13.15
C ASP A 61 5.01 -11.68 13.74
N LYS A 62 5.28 -10.40 13.52
CA LYS A 62 4.42 -9.34 14.03
C LYS A 62 4.73 -8.01 13.35
N VAL A 63 4.15 -6.93 13.86
CA VAL A 63 4.36 -5.60 13.31
C VAL A 63 5.68 -5.01 13.80
N PRO A 64 6.45 -4.44 12.87
CA PRO A 64 7.74 -3.82 13.19
C PRO A 64 7.59 -2.54 14.00
N GLU A 65 8.72 -2.04 14.53
CA GLU A 65 8.70 -0.82 15.32
C GLU A 65 9.98 -0.02 15.12
N GLU A 66 10.61 -0.21 13.96
CA GLU A 66 11.84 0.50 13.64
C GLU A 66 11.55 1.88 13.07
N GLU A 67 12.59 2.53 12.55
CA GLU A 67 12.44 3.87 11.99
C GLU A 67 11.31 3.91 10.97
N TYR A 68 11.43 3.12 9.91
CA TYR A 68 10.43 3.06 8.86
C TYR A 68 10.30 1.64 8.30
N TRP A 69 9.30 1.44 7.45
CA TRP A 69 9.06 0.14 6.85
C TRP A 69 8.89 0.27 5.34
N TYR A 70 9.72 -0.44 4.59
CA TYR A 70 9.66 -0.42 3.13
C TYR A 70 9.30 -1.79 2.58
N CYS A 71 8.26 -1.82 1.75
CA CYS A 71 7.80 -3.07 1.15
C CYS A 71 8.96 -3.80 0.46
N PRO A 72 8.84 -5.12 0.34
CA PRO A 72 9.87 -5.96 -0.30
C PRO A 72 9.97 -5.71 -1.81
N SER A 73 9.01 -4.96 -2.34
CA SER A 73 8.99 -4.66 -3.77
C SER A 73 9.83 -3.42 -4.07
N CYS A 74 10.14 -2.65 -3.03
CA CYS A 74 10.93 -1.44 -3.19
C CYS A 74 12.35 -1.66 -2.70
N LYS A 75 12.49 -2.19 -1.49
CA LYS A 75 13.80 -2.45 -0.91
C LYS A 75 14.67 -3.25 -1.88
N THR A 76 15.62 -2.57 -2.53
CA THR A 76 16.51 -3.21 -3.48
C THR A 76 17.97 -2.91 -3.15
N ASP A 77 18.44 -3.44 -2.02
CA ASP A 77 19.82 -3.23 -1.59
C ASP A 77 20.16 -1.75 -1.57
ZN ZN B . -2.42 -10.45 3.19
ZN ZN C . 7.14 0.11 -1.85
ZN ZN D . -7.27 1.44 -4.20
N GLY A 1 9.95 22.08 -23.98
CA GLY A 1 10.09 22.05 -25.42
C GLY A 1 8.89 22.66 -26.13
N SER A 2 7.91 21.82 -26.44
CA SER A 2 6.71 22.28 -27.13
C SER A 2 5.61 22.62 -26.14
N SER A 3 4.49 23.15 -26.65
CA SER A 3 3.37 23.52 -25.80
C SER A 3 2.35 22.38 -25.73
N GLY A 4 1.82 22.15 -24.52
CA GLY A 4 0.85 21.09 -24.34
C GLY A 4 -0.26 21.48 -23.38
N SER A 5 -1.16 20.55 -23.11
CA SER A 5 -2.28 20.81 -22.21
C SER A 5 -2.01 20.25 -20.81
N SER A 6 -2.02 18.91 -20.72
CA SER A 6 -1.76 18.24 -19.45
C SER A 6 -0.94 16.97 -19.65
N GLY A 7 0.05 16.78 -18.78
CA GLY A 7 0.89 15.60 -18.88
C GLY A 7 0.23 14.35 -18.35
N ARG A 8 0.69 13.89 -17.19
CA ARG A 8 0.12 12.69 -16.57
C ARG A 8 -1.06 13.03 -15.68
N ASN A 9 -2.21 12.43 -15.98
CA ASN A 9 -3.42 12.69 -15.21
C ASN A 9 -3.63 11.60 -14.15
N ASP A 10 -3.06 11.82 -12.97
CA ASP A 10 -3.18 10.87 -11.88
C ASP A 10 -3.88 11.50 -10.68
N THR A 11 -5.11 11.05 -10.42
CA THR A 11 -5.89 11.57 -9.31
C THR A 11 -6.69 10.46 -8.63
N GLU A 12 -6.48 10.31 -7.33
CA GLU A 12 -7.17 9.29 -6.55
C GLU A 12 -6.86 7.90 -7.09
N CYS A 13 -7.37 6.87 -6.40
CA CYS A 13 -7.14 5.50 -6.80
C CYS A 13 -8.23 5.02 -7.77
N ASP A 14 -7.80 4.56 -8.94
CA ASP A 14 -8.73 4.07 -9.95
C ASP A 14 -8.98 2.58 -9.78
N LEU A 15 -8.01 1.88 -9.21
CA LEU A 15 -8.13 0.45 -8.99
C LEU A 15 -9.41 0.11 -8.24
N CYS A 16 -9.83 1.02 -7.36
CA CYS A 16 -11.04 0.82 -6.58
C CYS A 16 -12.00 2.00 -6.75
N GLY A 17 -11.45 3.20 -6.80
CA GLY A 17 -12.26 4.40 -6.96
C GLY A 17 -12.31 5.24 -5.70
N GLY A 18 -12.01 4.63 -4.56
CA GLY A 18 -12.03 5.34 -3.31
C GLY A 18 -13.19 4.93 -2.41
N ASP A 19 -13.18 3.67 -2.00
CA ASP A 19 -14.24 3.15 -1.14
C ASP A 19 -13.79 1.87 -0.43
N PRO A 20 -14.40 1.59 0.72
CA PRO A 20 -14.08 0.40 1.51
C PRO A 20 -14.53 -0.90 0.85
N GLU A 21 -15.78 -0.91 0.38
CA GLU A 21 -16.34 -2.08 -0.28
C GLU A 21 -15.54 -2.42 -1.54
N LYS A 22 -15.22 -1.40 -2.33
CA LYS A 22 -14.46 -1.58 -3.56
C LYS A 22 -13.11 -2.22 -3.27
N LYS A 23 -13.00 -3.51 -3.56
CA LYS A 23 -11.76 -4.24 -3.35
C LYS A 23 -10.59 -3.58 -4.07
N CYS A 24 -9.39 -3.76 -3.54
CA CYS A 24 -8.20 -3.18 -4.14
C CYS A 24 -6.95 -3.96 -3.74
N HIS A 25 -5.97 -4.02 -4.64
CA HIS A 25 -4.73 -4.73 -4.39
C HIS A 25 -3.65 -3.78 -3.86
N SER A 26 -3.78 -2.50 -4.22
CA SER A 26 -2.82 -1.49 -3.79
C SER A 26 -3.19 -0.94 -2.42
N CYS A 27 -4.40 -0.39 -2.32
CA CYS A 27 -4.88 0.18 -1.06
C CYS A 27 -4.75 -0.83 0.07
N SER A 28 -4.82 -2.12 -0.26
CA SER A 28 -4.72 -3.17 0.73
C SER A 28 -3.62 -4.17 0.35
N CYS A 29 -3.57 -5.29 1.07
CA CYS A 29 -2.58 -6.32 0.81
C CYS A 29 -2.58 -6.72 -0.66
N ARG A 30 -1.40 -6.67 -1.28
CA ARG A 30 -1.28 -7.03 -2.70
C ARG A 30 -0.88 -8.50 -2.84
N VAL A 31 -0.37 -9.08 -1.76
CA VAL A 31 0.04 -10.48 -1.77
C VAL A 31 -1.16 -11.41 -1.84
N CYS A 32 -1.87 -11.52 -0.71
CA CYS A 32 -3.05 -12.38 -0.63
C CYS A 32 -4.25 -11.71 -1.28
N GLY A 33 -4.24 -10.38 -1.31
CA GLY A 33 -5.33 -9.63 -1.90
C GLY A 33 -6.51 -9.50 -0.96
N GLY A 34 -6.26 -8.93 0.22
CA GLY A 34 -7.33 -8.76 1.19
C GLY A 34 -7.41 -7.34 1.72
N LYS A 35 -8.61 -6.90 2.04
CA LYS A 35 -8.83 -5.56 2.55
C LYS A 35 -9.28 -5.58 4.00
N HIS A 36 -8.64 -6.42 4.80
CA HIS A 36 -8.97 -6.55 6.22
C HIS A 36 -7.73 -6.36 7.09
N GLU A 37 -7.95 -6.18 8.40
CA GLU A 37 -6.86 -5.97 9.33
C GLU A 37 -6.02 -4.77 8.94
N PRO A 38 -6.64 -3.57 8.99
CA PRO A 38 -5.97 -2.31 8.64
C PRO A 38 -4.92 -1.92 9.67
N ASN A 39 -5.12 -2.34 10.91
CA ASN A 39 -4.19 -2.03 11.99
C ASN A 39 -2.89 -2.81 11.82
N MET A 40 -3.00 -4.02 11.27
CA MET A 40 -1.83 -4.87 11.06
C MET A 40 -1.31 -4.72 9.64
N GLN A 41 -1.56 -3.57 9.04
CA GLN A 41 -1.10 -3.31 7.67
C GLN A 41 0.07 -2.34 7.67
N LEU A 42 1.14 -2.72 6.96
CA LEU A 42 2.33 -1.89 6.87
C LEU A 42 2.36 -1.10 5.57
N LEU A 43 2.47 0.21 5.68
CA LEU A 43 2.51 1.09 4.51
C LEU A 43 3.95 1.40 4.11
N CYS A 44 4.20 1.47 2.80
CA CYS A 44 5.53 1.76 2.29
C CYS A 44 5.75 3.27 2.21
N ASP A 45 6.99 3.68 2.47
CA ASP A 45 7.34 5.11 2.44
C ASP A 45 7.94 5.47 1.09
N GLU A 46 7.56 4.74 0.05
CA GLU A 46 8.07 4.98 -1.29
C GLU A 46 6.95 4.88 -2.33
N CYS A 47 6.30 3.72 -2.36
CA CYS A 47 5.20 3.49 -3.31
C CYS A 47 3.85 3.61 -2.61
N ASN A 48 3.87 3.63 -1.28
CA ASN A 48 2.65 3.74 -0.49
C ASN A 48 1.75 2.53 -0.72
N VAL A 49 2.22 1.37 -0.30
CA VAL A 49 1.46 0.13 -0.46
C VAL A 49 1.24 -0.55 0.89
N ALA A 50 0.02 -1.03 1.11
CA ALA A 50 -0.33 -1.70 2.35
C ALA A 50 -0.08 -3.20 2.25
N TYR A 51 0.72 -3.73 3.17
CA TYR A 51 1.02 -5.15 3.19
C TYR A 51 0.87 -5.73 4.59
N HIS A 52 0.27 -6.92 4.66
CA HIS A 52 0.06 -7.58 5.93
C HIS A 52 1.38 -8.04 6.54
N ILE A 53 1.37 -8.32 7.85
CA ILE A 53 2.57 -8.76 8.54
C ILE A 53 2.81 -10.26 8.33
N TYR A 54 1.79 -10.95 7.83
CA TYR A 54 1.89 -12.38 7.58
C TYR A 54 1.77 -12.68 6.10
N CYS A 55 2.12 -11.70 5.27
CA CYS A 55 2.05 -11.87 3.82
C CYS A 55 3.31 -11.32 3.15
N LEU A 56 4.38 -11.20 3.93
CA LEU A 56 5.64 -10.69 3.41
C LEU A 56 6.53 -11.82 2.91
N ASN A 57 7.73 -11.47 2.46
CA ASN A 57 8.68 -12.46 1.95
C ASN A 57 10.12 -12.03 2.23
N PRO A 58 10.68 -12.53 3.33
CA PRO A 58 9.97 -13.44 4.23
C PRO A 58 8.86 -12.75 5.01
N PRO A 59 8.02 -13.55 5.69
CA PRO A 59 6.90 -13.02 6.47
C PRO A 59 7.36 -12.29 7.73
N LEU A 60 6.41 -11.86 8.54
CA LEU A 60 6.73 -11.14 9.77
C LEU A 60 5.91 -11.69 10.94
N ASP A 61 6.59 -12.19 11.95
CA ASP A 61 5.93 -12.74 13.13
C ASP A 61 4.96 -11.73 13.73
N LYS A 62 5.25 -10.45 13.53
CA LYS A 62 4.40 -9.38 14.05
C LYS A 62 4.73 -8.05 13.38
N VAL A 63 4.13 -6.98 13.89
CA VAL A 63 4.36 -5.64 13.34
C VAL A 63 5.66 -5.05 13.87
N PRO A 64 6.46 -4.47 12.97
CA PRO A 64 7.74 -3.85 13.32
C PRO A 64 7.56 -2.57 14.13
N GLU A 65 8.67 -1.91 14.44
CA GLU A 65 8.63 -0.67 15.21
C GLU A 65 9.94 0.11 15.05
N GLU A 66 10.61 -0.10 13.92
CA GLU A 66 11.87 0.57 13.65
C GLU A 66 11.63 1.97 13.10
N GLU A 67 12.69 2.61 12.61
CA GLU A 67 12.59 3.96 12.06
C GLU A 67 11.49 4.03 11.01
N TYR A 68 11.52 3.08 10.07
CA TYR A 68 10.52 3.04 9.00
C TYR A 68 10.39 1.63 8.43
N TRP A 69 9.37 1.41 7.62
CA TRP A 69 9.13 0.12 7.01
C TRP A 69 8.92 0.25 5.51
N TYR A 70 9.70 -0.48 4.72
CA TYR A 70 9.60 -0.45 3.28
C TYR A 70 9.24 -1.82 2.71
N CYS A 71 8.21 -1.86 1.88
CA CYS A 71 7.76 -3.11 1.27
C CYS A 71 8.94 -3.84 0.62
N PRO A 72 8.81 -5.17 0.50
CA PRO A 72 9.84 -6.02 -0.10
C PRO A 72 9.98 -5.79 -1.61
N SER A 73 9.05 -5.02 -2.17
CA SER A 73 9.07 -4.74 -3.60
C SER A 73 9.91 -3.49 -3.89
N CYS A 74 10.19 -2.73 -2.85
CA CYS A 74 10.99 -1.51 -2.99
C CYS A 74 12.40 -1.73 -2.48
N LYS A 75 12.53 -2.23 -1.26
CA LYS A 75 13.83 -2.49 -0.65
C LYS A 75 14.70 -3.32 -1.58
N THR A 76 15.74 -2.69 -2.13
CA THR A 76 16.65 -3.38 -3.03
C THR A 76 18.06 -3.42 -2.46
N ASP A 77 18.23 -4.22 -1.41
CA ASP A 77 19.54 -4.35 -0.76
C ASP A 77 20.11 -2.98 -0.39
ZN ZN B . -2.39 -10.36 3.17
ZN ZN C . 7.19 0.05 -1.73
ZN ZN D . -7.38 1.53 -4.40
N GLY A 1 16.73 22.87 -20.81
CA GLY A 1 16.49 23.19 -22.21
C GLY A 1 15.36 22.38 -22.80
N SER A 2 14.23 22.34 -22.09
CA SER A 2 13.07 21.59 -22.56
C SER A 2 11.87 21.83 -21.64
N SER A 3 10.73 22.16 -22.23
CA SER A 3 9.52 22.41 -21.47
C SER A 3 8.56 21.23 -21.56
N GLY A 4 7.61 21.17 -20.63
CA GLY A 4 6.66 20.09 -20.61
C GLY A 4 5.52 20.33 -19.62
N SER A 5 4.96 19.24 -19.12
CA SER A 5 3.85 19.34 -18.15
C SER A 5 4.34 19.07 -16.74
N SER A 6 4.49 20.12 -15.95
CA SER A 6 4.96 20.00 -14.57
C SER A 6 3.82 19.56 -13.65
N GLY A 7 3.75 18.25 -13.41
CA GLY A 7 2.70 17.73 -12.55
C GLY A 7 2.83 16.23 -12.32
N ARG A 8 3.77 15.84 -11.47
CA ARG A 8 4.00 14.43 -11.17
C ARG A 8 3.85 14.16 -9.67
N ASN A 9 2.84 13.37 -9.33
CA ASN A 9 2.58 13.04 -7.93
C ASN A 9 1.62 11.86 -7.82
N ASP A 10 1.50 11.30 -6.62
CA ASP A 10 0.62 10.16 -6.38
C ASP A 10 -0.63 10.60 -5.62
N THR A 11 -1.79 10.42 -6.24
CA THR A 11 -3.05 10.80 -5.62
C THR A 11 -4.22 10.04 -6.26
N GLU A 12 -5.25 9.78 -5.46
CA GLU A 12 -6.43 9.07 -5.94
C GLU A 12 -6.07 7.65 -6.37
N CYS A 13 -7.08 6.80 -6.50
CA CYS A 13 -6.87 5.42 -6.92
C CYS A 13 -7.96 4.97 -7.89
N ASP A 14 -7.54 4.47 -9.04
CA ASP A 14 -8.47 4.01 -10.06
C ASP A 14 -8.77 2.52 -9.89
N LEU A 15 -7.82 1.80 -9.30
CA LEU A 15 -7.96 0.37 -9.08
C LEU A 15 -9.25 0.06 -8.32
N CYS A 16 -9.65 0.99 -7.45
CA CYS A 16 -10.87 0.83 -6.67
C CYS A 16 -11.82 2.00 -6.88
N GLY A 17 -11.24 3.20 -7.01
CA GLY A 17 -12.05 4.40 -7.20
C GLY A 17 -12.02 5.31 -6.00
N GLY A 18 -11.75 4.74 -4.83
CA GLY A 18 -11.70 5.54 -3.61
C GLY A 18 -12.84 5.20 -2.66
N ASP A 19 -12.94 3.93 -2.30
CA ASP A 19 -13.98 3.48 -1.38
C ASP A 19 -13.54 2.23 -0.62
N PRO A 20 -14.14 2.02 0.57
CA PRO A 20 -13.83 0.87 1.41
C PRO A 20 -14.33 -0.44 0.83
N GLU A 21 -15.57 -0.43 0.37
CA GLU A 21 -16.18 -1.64 -0.23
C GLU A 21 -15.39 -2.09 -1.45
N LYS A 22 -15.19 -1.18 -2.40
CA LYS A 22 -14.45 -1.49 -3.61
C LYS A 22 -13.09 -2.10 -3.28
N LYS A 23 -12.99 -3.42 -3.45
CA LYS A 23 -11.75 -4.14 -3.18
C LYS A 23 -10.59 -3.52 -3.97
N CYS A 24 -9.38 -3.68 -3.44
CA CYS A 24 -8.18 -3.15 -4.10
C CYS A 24 -6.95 -3.96 -3.71
N HIS A 25 -5.98 -4.00 -4.60
CA HIS A 25 -4.74 -4.74 -4.36
C HIS A 25 -3.64 -3.81 -3.87
N SER A 26 -3.73 -2.53 -4.25
CA SER A 26 -2.74 -1.54 -3.85
C SER A 26 -3.05 -0.98 -2.47
N CYS A 27 -4.24 -0.40 -2.33
CA CYS A 27 -4.67 0.17 -1.06
C CYS A 27 -4.59 -0.86 0.06
N SER A 28 -4.70 -2.14 -0.31
CA SER A 28 -4.66 -3.22 0.66
C SER A 28 -3.55 -4.21 0.31
N CYS A 29 -3.54 -5.35 1.00
CA CYS A 29 -2.54 -6.38 0.76
C CYS A 29 -2.52 -6.78 -0.71
N ARG A 30 -1.32 -6.73 -1.31
CA ARG A 30 -1.16 -7.09 -2.72
C ARG A 30 -0.76 -8.56 -2.86
N VAL A 31 -0.35 -9.17 -1.76
CA VAL A 31 0.07 -10.57 -1.76
C VAL A 31 -1.16 -11.49 -1.82
N CYS A 32 -1.86 -11.59 -0.70
CA CYS A 32 -3.05 -12.44 -0.62
C CYS A 32 -4.25 -11.76 -1.27
N GLY A 33 -4.23 -10.43 -1.30
CA GLY A 33 -5.32 -9.69 -1.90
C GLY A 33 -6.50 -9.55 -0.97
N GLY A 34 -6.28 -8.92 0.18
CA GLY A 34 -7.35 -8.74 1.14
C GLY A 34 -7.40 -7.32 1.69
N LYS A 35 -8.60 -6.87 2.04
CA LYS A 35 -8.79 -5.53 2.57
C LYS A 35 -9.28 -5.59 4.02
N HIS A 36 -8.66 -6.45 4.82
CA HIS A 36 -9.03 -6.59 6.22
C HIS A 36 -7.82 -6.37 7.12
N GLU A 37 -8.08 -6.14 8.40
CA GLU A 37 -7.02 -5.91 9.38
C GLU A 37 -6.16 -4.71 8.97
N PRO A 38 -6.79 -3.53 8.95
CA PRO A 38 -6.10 -2.28 8.58
C PRO A 38 -5.08 -1.85 9.64
N ASN A 39 -5.20 -2.41 10.83
CA ASN A 39 -4.29 -2.07 11.93
C ASN A 39 -2.99 -2.86 11.80
N MET A 40 -3.07 -4.03 11.17
CA MET A 40 -1.89 -4.87 10.99
C MET A 40 -1.33 -4.71 9.57
N GLN A 41 -1.57 -3.56 8.97
CA GLN A 41 -1.09 -3.29 7.62
C GLN A 41 0.09 -2.33 7.65
N LEU A 42 1.17 -2.70 6.96
CA LEU A 42 2.36 -1.87 6.91
C LEU A 42 2.42 -1.08 5.61
N LEU A 43 2.49 0.24 5.72
CA LEU A 43 2.55 1.10 4.54
C LEU A 43 3.99 1.38 4.15
N CYS A 44 4.24 1.41 2.84
CA CYS A 44 5.58 1.66 2.32
C CYS A 44 5.88 3.16 2.29
N ASP A 45 7.13 3.51 2.53
CA ASP A 45 7.54 4.91 2.53
C ASP A 45 8.13 5.30 1.17
N GLU A 46 7.60 4.69 0.11
CA GLU A 46 8.07 4.97 -1.24
C GLU A 46 6.92 4.88 -2.25
N CYS A 47 6.34 3.69 -2.36
CA CYS A 47 5.22 3.48 -3.28
C CYS A 47 3.88 3.61 -2.57
N ASN A 48 3.93 3.60 -1.24
CA ASN A 48 2.72 3.72 -0.43
C ASN A 48 1.78 2.54 -0.67
N VAL A 49 2.23 1.35 -0.26
CA VAL A 49 1.43 0.14 -0.43
C VAL A 49 1.17 -0.54 0.90
N ALA A 50 -0.03 -1.06 1.08
CA ALA A 50 -0.40 -1.74 2.32
C ALA A 50 -0.12 -3.24 2.23
N TYR A 51 0.67 -3.74 3.17
CA TYR A 51 1.02 -5.16 3.19
C TYR A 51 0.85 -5.74 4.59
N HIS A 52 0.28 -6.93 4.65
CA HIS A 52 0.06 -7.61 5.94
C HIS A 52 1.38 -8.07 6.54
N ILE A 53 1.36 -8.33 7.85
CA ILE A 53 2.56 -8.77 8.56
C ILE A 53 2.79 -10.27 8.36
N TYR A 54 1.76 -10.96 7.87
CA TYR A 54 1.85 -12.39 7.63
C TYR A 54 1.74 -12.71 6.14
N CYS A 55 2.10 -11.75 5.30
CA CYS A 55 2.05 -11.92 3.86
C CYS A 55 3.30 -11.38 3.19
N LEU A 56 4.37 -11.26 3.97
CA LEU A 56 5.64 -10.76 3.45
C LEU A 56 6.53 -11.91 2.97
N ASN A 57 7.73 -11.57 2.51
CA ASN A 57 8.66 -12.56 2.02
C ASN A 57 10.10 -12.15 2.29
N PRO A 58 10.67 -12.64 3.41
CA PRO A 58 9.95 -13.54 4.32
C PRO A 58 8.83 -12.83 5.07
N PRO A 59 7.99 -13.62 5.75
CA PRO A 59 6.87 -13.08 6.54
C PRO A 59 7.33 -12.35 7.79
N LEU A 60 6.38 -11.89 8.59
CA LEU A 60 6.69 -11.17 9.82
C LEU A 60 5.87 -11.71 10.98
N ASP A 61 6.56 -12.20 12.01
CA ASP A 61 5.89 -12.73 13.19
C ASP A 61 4.92 -11.72 13.78
N LYS A 62 5.22 -10.43 13.57
CA LYS A 62 4.36 -9.37 14.08
C LYS A 62 4.70 -8.04 13.41
N VAL A 63 4.11 -6.96 13.91
CA VAL A 63 4.36 -5.62 13.36
C VAL A 63 5.66 -5.04 13.90
N PRO A 64 6.47 -4.47 12.98
CA PRO A 64 7.75 -3.87 13.34
C PRO A 64 7.59 -2.59 14.15
N GLU A 65 8.72 -1.94 14.45
CA GLU A 65 8.70 -0.71 15.23
C GLU A 65 10.00 0.07 15.05
N GLU A 66 10.66 -0.15 13.91
CA GLU A 66 11.91 0.52 13.62
C GLU A 66 11.66 1.93 13.07
N GLU A 67 12.73 2.55 12.56
CA GLU A 67 12.61 3.90 12.00
C GLU A 67 11.50 3.98 10.96
N TYR A 68 11.53 3.03 10.03
CA TYR A 68 10.53 2.99 8.97
C TYR A 68 10.38 1.58 8.40
N TRP A 69 9.38 1.38 7.56
CA TRP A 69 9.13 0.07 6.96
C TRP A 69 8.96 0.20 5.45
N TYR A 70 9.79 -0.51 4.71
CA TYR A 70 9.73 -0.48 3.24
C TYR A 70 9.37 -1.85 2.68
N CYS A 71 8.33 -1.89 1.86
CA CYS A 71 7.87 -3.13 1.25
C CYS A 71 9.03 -3.86 0.57
N PRO A 72 8.90 -5.19 0.44
CA PRO A 72 9.92 -6.02 -0.20
C PRO A 72 10.03 -5.79 -1.69
N SER A 73 9.07 -5.03 -2.23
CA SER A 73 9.05 -4.73 -3.66
C SER A 73 9.89 -3.49 -3.97
N CYS A 74 10.19 -2.72 -2.93
CA CYS A 74 10.98 -1.50 -3.08
C CYS A 74 12.42 -1.73 -2.61
N LYS A 75 12.55 -2.26 -1.40
CA LYS A 75 13.87 -2.52 -0.82
C LYS A 75 14.73 -3.33 -1.78
N THR A 76 15.79 -2.69 -2.28
CA THR A 76 16.70 -3.34 -3.21
C THR A 76 18.15 -3.17 -2.78
N ASP A 77 18.39 -3.29 -1.48
CA ASP A 77 19.74 -3.15 -0.93
C ASP A 77 20.29 -1.76 -1.23
ZN ZN B . -2.37 -10.40 3.16
ZN ZN C . 7.20 0.03 -1.75
ZN ZN D . -7.22 1.52 -4.39
N GLY A 1 -0.95 10.07 -25.95
CA GLY A 1 -0.84 8.67 -25.56
C GLY A 1 -0.47 8.51 -24.11
N SER A 2 0.21 7.41 -23.79
CA SER A 2 0.62 7.13 -22.42
C SER A 2 2.11 7.46 -22.22
N SER A 3 2.37 8.57 -21.54
CA SER A 3 3.73 8.99 -21.28
C SER A 3 3.98 9.17 -19.78
N GLY A 4 3.26 10.12 -19.19
CA GLY A 4 3.41 10.37 -17.76
C GLY A 4 2.98 11.77 -17.38
N SER A 5 2.27 11.89 -16.26
CA SER A 5 1.79 13.18 -15.79
C SER A 5 1.16 13.05 -14.41
N SER A 6 1.95 13.29 -13.38
CA SER A 6 1.47 13.20 -12.00
C SER A 6 2.03 14.33 -11.15
N GLY A 7 1.37 14.60 -10.03
CA GLY A 7 1.81 15.67 -9.14
C GLY A 7 1.39 17.04 -9.63
N ARG A 8 0.42 17.63 -8.95
CA ARG A 8 -0.07 18.95 -9.32
C ARG A 8 -1.16 19.41 -8.36
N ASN A 9 -2.07 18.50 -8.02
CA ASN A 9 -3.17 18.81 -7.11
C ASN A 9 -3.49 17.62 -6.21
N ASP A 10 -4.06 16.58 -6.81
CA ASP A 10 -4.41 15.37 -6.07
C ASP A 10 -4.35 14.15 -6.96
N THR A 11 -4.10 12.98 -6.36
CA THR A 11 -4.01 11.73 -7.09
C THR A 11 -4.72 10.60 -6.36
N GLU A 12 -5.99 10.40 -6.69
CA GLU A 12 -6.78 9.34 -6.05
C GLU A 12 -6.36 7.97 -6.55
N CYS A 13 -7.13 6.95 -6.20
CA CYS A 13 -6.84 5.59 -6.61
C CYS A 13 -7.64 5.20 -7.86
N ASP A 14 -6.94 4.69 -8.87
CA ASP A 14 -7.59 4.28 -10.11
C ASP A 14 -7.98 2.81 -10.06
N LEU A 15 -7.20 2.02 -9.33
CA LEU A 15 -7.47 0.59 -9.20
C LEU A 15 -8.89 0.34 -8.75
N CYS A 16 -9.18 0.67 -7.51
CA CYS A 16 -10.53 0.49 -6.95
C CYS A 16 -11.37 1.73 -7.14
N GLY A 17 -10.71 2.89 -7.20
CA GLY A 17 -11.43 4.15 -7.38
C GLY A 17 -11.34 5.04 -6.17
N GLY A 18 -11.62 4.48 -5.00
CA GLY A 18 -11.56 5.26 -3.77
C GLY A 18 -12.72 4.95 -2.84
N ASP A 19 -12.83 3.70 -2.43
CA ASP A 19 -13.90 3.27 -1.53
C ASP A 19 -13.50 2.02 -0.76
N PRO A 20 -14.10 1.83 0.42
CA PRO A 20 -13.82 0.68 1.28
C PRO A 20 -14.36 -0.62 0.70
N GLU A 21 -15.62 -0.60 0.27
CA GLU A 21 -16.26 -1.77 -0.30
C GLU A 21 -15.45 -2.29 -1.50
N LYS A 22 -15.26 -1.43 -2.50
CA LYS A 22 -14.51 -1.81 -3.69
C LYS A 22 -13.13 -2.35 -3.32
N LYS A 23 -12.99 -3.67 -3.35
CA LYS A 23 -11.73 -4.31 -3.02
C LYS A 23 -10.59 -3.73 -3.85
N CYS A 24 -9.39 -3.75 -3.28
CA CYS A 24 -8.21 -3.22 -3.98
C CYS A 24 -6.96 -4.01 -3.60
N HIS A 25 -5.99 -4.04 -4.50
CA HIS A 25 -4.74 -4.76 -4.27
C HIS A 25 -3.66 -3.82 -3.78
N SER A 26 -3.78 -2.53 -4.13
CA SER A 26 -2.81 -1.53 -3.72
C SER A 26 -3.16 -0.96 -2.35
N CYS A 27 -4.37 -0.45 -2.23
CA CYS A 27 -4.84 0.13 -0.98
C CYS A 27 -4.70 -0.85 0.17
N SER A 28 -4.73 -2.14 -0.16
CA SER A 28 -4.62 -3.20 0.84
C SER A 28 -3.54 -4.21 0.44
N CYS A 29 -3.49 -5.32 1.17
CA CYS A 29 -2.52 -6.37 0.89
C CYS A 29 -2.56 -6.77 -0.58
N ARG A 30 -1.40 -6.74 -1.23
CA ARG A 30 -1.30 -7.11 -2.63
C ARG A 30 -0.92 -8.57 -2.80
N VAL A 31 -0.36 -9.15 -1.74
CA VAL A 31 0.05 -10.55 -1.76
C VAL A 31 -1.16 -11.47 -1.81
N CYS A 32 -1.86 -11.59 -0.69
CA CYS A 32 -3.05 -12.43 -0.61
C CYS A 32 -4.25 -11.75 -1.24
N GLY A 33 -4.23 -10.42 -1.27
CA GLY A 33 -5.33 -9.66 -1.84
C GLY A 33 -6.50 -9.54 -0.90
N GLY A 34 -6.22 -9.27 0.38
CA GLY A 34 -7.28 -9.14 1.37
C GLY A 34 -7.43 -7.71 1.84
N LYS A 35 -8.66 -7.35 2.22
CA LYS A 35 -8.95 -6.01 2.71
C LYS A 35 -9.42 -6.04 4.16
N HIS A 36 -8.65 -6.68 5.02
CA HIS A 36 -8.98 -6.78 6.43
C HIS A 36 -7.76 -6.51 7.31
N GLU A 37 -8.00 -6.35 8.60
CA GLU A 37 -6.91 -6.08 9.55
C GLU A 37 -6.10 -4.86 9.11
N PRO A 38 -6.75 -3.68 9.13
CA PRO A 38 -6.11 -2.42 8.75
C PRO A 38 -5.05 -1.97 9.75
N ASN A 39 -5.17 -2.47 10.98
CA ASN A 39 -4.22 -2.12 12.03
C ASN A 39 -2.92 -2.90 11.87
N MET A 40 -3.00 -4.07 11.26
CA MET A 40 -1.84 -4.91 11.04
C MET A 40 -1.31 -4.76 9.63
N GLN A 41 -1.56 -3.60 9.03
CA GLN A 41 -1.11 -3.33 7.66
C GLN A 41 0.06 -2.35 7.66
N LEU A 42 1.12 -2.70 6.95
CA LEU A 42 2.30 -1.86 6.87
C LEU A 42 2.31 -1.05 5.57
N LEU A 43 2.54 0.25 5.68
CA LEU A 43 2.58 1.13 4.52
C LEU A 43 4.02 1.42 4.09
N CYS A 44 4.26 1.39 2.79
CA CYS A 44 5.60 1.66 2.27
C CYS A 44 5.85 3.16 2.15
N ASP A 45 7.08 3.57 2.44
CA ASP A 45 7.45 4.98 2.36
C ASP A 45 8.04 5.32 1.00
N GLU A 46 7.43 4.78 -0.06
CA GLU A 46 7.90 5.03 -1.42
C GLU A 46 6.74 4.91 -2.41
N CYS A 47 6.17 3.72 -2.49
CA CYS A 47 5.05 3.48 -3.41
C CYS A 47 3.72 3.58 -2.69
N ASN A 48 3.76 3.60 -1.36
CA ASN A 48 2.56 3.71 -0.55
C ASN A 48 1.65 2.50 -0.77
N VAL A 49 2.15 1.33 -0.36
CA VAL A 49 1.38 0.09 -0.50
C VAL A 49 1.18 -0.59 0.85
N ALA A 50 -0.04 -1.04 1.10
CA ALA A 50 -0.36 -1.72 2.36
C ALA A 50 -0.11 -3.22 2.25
N TYR A 51 0.69 -3.74 3.17
CA TYR A 51 1.02 -5.17 3.18
C TYR A 51 0.86 -5.75 4.59
N HIS A 52 0.28 -6.94 4.66
CA HIS A 52 0.07 -7.61 5.94
C HIS A 52 1.40 -8.04 6.55
N ILE A 53 1.38 -8.36 7.84
CA ILE A 53 2.58 -8.78 8.54
C ILE A 53 2.83 -10.27 8.34
N TYR A 54 1.82 -10.98 7.85
CA TYR A 54 1.93 -12.41 7.61
C TYR A 54 1.80 -12.74 6.12
N CYS A 55 2.16 -11.77 5.29
CA CYS A 55 2.08 -11.94 3.84
C CYS A 55 3.33 -11.39 3.15
N LEU A 56 4.40 -11.25 3.93
CA LEU A 56 5.66 -10.74 3.39
C LEU A 56 6.54 -11.88 2.91
N ASN A 57 7.74 -11.53 2.44
CA ASN A 57 8.69 -12.53 1.95
C ASN A 57 10.13 -12.09 2.21
N PRO A 58 10.70 -12.56 3.32
CA PRO A 58 10.01 -13.47 4.25
C PRO A 58 8.89 -12.75 5.01
N PRO A 59 8.06 -13.54 5.71
CA PRO A 59 6.94 -13.01 6.49
C PRO A 59 7.41 -12.26 7.73
N LEU A 60 6.46 -11.82 8.55
CA LEU A 60 6.77 -11.08 9.76
C LEU A 60 5.98 -11.63 10.95
N ASP A 61 6.69 -12.07 11.97
CA ASP A 61 6.06 -12.61 13.17
C ASP A 61 5.07 -11.62 13.76
N LYS A 62 5.32 -10.33 13.54
CA LYS A 62 4.45 -9.27 14.04
C LYS A 62 4.75 -7.95 13.36
N VAL A 63 4.17 -6.87 13.87
CA VAL A 63 4.38 -5.54 13.32
C VAL A 63 5.70 -4.95 13.80
N PRO A 64 6.47 -4.37 12.86
CA PRO A 64 7.76 -3.75 13.17
C PRO A 64 7.62 -2.47 13.97
N GLU A 65 8.74 -1.84 14.29
CA GLU A 65 8.75 -0.60 15.07
C GLU A 65 10.04 0.18 14.85
N GLU A 66 10.66 -0.04 13.70
CA GLU A 66 11.90 0.65 13.36
C GLU A 66 11.63 2.05 12.83
N GLU A 67 12.68 2.71 12.35
CA GLU A 67 12.55 4.06 11.82
C GLU A 67 11.44 4.13 10.77
N TYR A 68 11.42 3.15 9.88
CA TYR A 68 10.42 3.09 8.82
C TYR A 68 10.29 1.67 8.26
N TRP A 69 9.28 1.46 7.42
CA TRP A 69 9.05 0.16 6.82
C TRP A 69 8.88 0.28 5.31
N TYR A 70 9.71 -0.44 4.56
CA TYR A 70 9.66 -0.40 3.10
C TYR A 70 9.29 -1.77 2.54
N CYS A 71 8.25 -1.80 1.72
CA CYS A 71 7.79 -3.06 1.12
C CYS A 71 8.95 -3.79 0.45
N PRO A 72 8.81 -5.11 0.32
CA PRO A 72 9.83 -5.96 -0.31
C PRO A 72 9.93 -5.72 -1.81
N SER A 73 8.99 -4.96 -2.36
CA SER A 73 8.97 -4.66 -3.79
C SER A 73 9.82 -3.43 -4.09
N CYS A 74 10.12 -2.66 -3.05
CA CYS A 74 10.92 -1.44 -3.21
C CYS A 74 12.35 -1.67 -2.73
N LYS A 75 12.48 -2.20 -1.52
CA LYS A 75 13.79 -2.47 -0.94
C LYS A 75 14.66 -3.27 -1.90
N THR A 76 15.70 -2.63 -2.44
CA THR A 76 16.60 -3.29 -3.38
C THR A 76 18.01 -2.72 -3.26
N ASP A 77 18.37 -2.27 -2.07
CA ASP A 77 19.69 -1.71 -1.82
C ASP A 77 20.38 -2.43 -0.67
ZN ZN B . -2.37 -10.44 3.20
ZN ZN C . 7.15 0.13 -1.88
ZN ZN D . -7.44 1.34 -4.35
N GLY A 1 7.58 24.16 -4.38
CA GLY A 1 8.69 23.88 -3.49
C GLY A 1 9.62 22.81 -4.05
N SER A 2 9.11 21.60 -4.21
CA SER A 2 9.90 20.50 -4.74
C SER A 2 9.75 20.40 -6.25
N SER A 3 10.59 21.15 -6.97
CA SER A 3 10.56 21.15 -8.43
C SER A 3 10.86 19.76 -8.98
N GLY A 4 11.84 19.09 -8.36
CA GLY A 4 12.20 17.76 -8.81
C GLY A 4 11.12 16.73 -8.53
N SER A 5 10.53 16.81 -7.34
CA SER A 5 9.48 15.87 -6.95
C SER A 5 8.10 16.48 -7.18
N SER A 6 7.79 16.78 -8.43
CA SER A 6 6.51 17.37 -8.79
C SER A 6 5.70 16.43 -9.68
N GLY A 7 4.50 16.86 -10.06
CA GLY A 7 3.65 16.06 -10.90
C GLY A 7 2.80 15.07 -10.11
N ARG A 8 1.79 14.51 -10.76
CA ARG A 8 0.90 13.56 -10.11
C ARG A 8 0.24 14.20 -8.88
N ASN A 9 -0.24 15.42 -9.04
CA ASN A 9 -0.89 16.14 -7.95
C ASN A 9 -2.40 15.98 -8.03
N ASP A 10 -3.05 15.82 -6.88
CA ASP A 10 -4.49 15.67 -6.82
C ASP A 10 -4.96 14.51 -7.69
N THR A 11 -5.02 13.32 -7.09
CA THR A 11 -5.45 12.13 -7.82
C THR A 11 -5.90 11.04 -6.86
N GLU A 12 -6.95 10.32 -7.23
CA GLU A 12 -7.49 9.25 -6.40
C GLU A 12 -7.11 7.88 -6.98
N CYS A 13 -7.58 6.82 -6.32
CA CYS A 13 -7.30 5.47 -6.75
C CYS A 13 -8.35 4.99 -7.76
N ASP A 14 -7.88 4.57 -8.93
CA ASP A 14 -8.77 4.09 -9.98
C ASP A 14 -9.01 2.58 -9.84
N LEU A 15 -8.04 1.88 -9.25
CA LEU A 15 -8.14 0.44 -9.06
C LEU A 15 -9.43 0.08 -8.33
N CYS A 16 -9.85 0.95 -7.42
CA CYS A 16 -11.06 0.72 -6.64
C CYS A 16 -12.03 1.89 -6.80
N GLY A 17 -11.48 3.10 -6.87
CA GLY A 17 -12.32 4.28 -7.02
C GLY A 17 -12.35 5.13 -5.77
N GLY A 18 -12.11 4.50 -4.62
CA GLY A 18 -12.12 5.22 -3.36
C GLY A 18 -13.29 4.84 -2.49
N ASP A 19 -13.46 3.55 -2.25
CA ASP A 19 -14.56 3.05 -1.42
C ASP A 19 -14.13 1.81 -0.66
N PRO A 20 -14.80 1.56 0.48
CA PRO A 20 -14.51 0.40 1.33
C PRO A 20 -14.94 -0.92 0.68
N GLU A 21 -16.16 -0.95 0.16
CA GLU A 21 -16.68 -2.14 -0.49
C GLU A 21 -15.79 -2.58 -1.63
N LYS A 22 -15.57 -1.68 -2.59
CA LYS A 22 -14.73 -1.97 -3.74
C LYS A 22 -13.35 -2.44 -3.30
N LYS A 23 -13.11 -3.74 -3.37
CA LYS A 23 -11.83 -4.31 -2.97
C LYS A 23 -10.71 -3.77 -3.85
N CYS A 24 -9.51 -3.67 -3.27
CA CYS A 24 -8.35 -3.16 -3.99
C CYS A 24 -7.10 -3.96 -3.65
N HIS A 25 -6.10 -3.92 -4.53
CA HIS A 25 -4.85 -4.64 -4.32
C HIS A 25 -3.77 -3.70 -3.81
N SER A 26 -3.86 -2.43 -4.18
CA SER A 26 -2.88 -1.43 -3.77
C SER A 26 -3.21 -0.89 -2.38
N CYS A 27 -4.41 -0.31 -2.24
CA CYS A 27 -4.85 0.25 -0.97
C CYS A 27 -4.74 -0.79 0.15
N SER A 28 -4.84 -2.06 -0.22
CA SER A 28 -4.76 -3.14 0.75
C SER A 28 -3.66 -4.13 0.38
N CYS A 29 -3.63 -5.26 1.06
CA CYS A 29 -2.62 -6.29 0.81
C CYS A 29 -2.62 -6.69 -0.67
N ARG A 30 -1.44 -6.64 -1.28
CA ARG A 30 -1.30 -7.00 -2.68
C ARG A 30 -0.91 -8.47 -2.84
N VAL A 31 -0.40 -9.07 -1.76
CA VAL A 31 0.00 -10.46 -1.78
C VAL A 31 -1.20 -11.39 -1.84
N CYS A 32 -1.92 -11.50 -0.72
CA CYS A 32 -3.10 -12.35 -0.65
C CYS A 32 -4.30 -11.65 -1.28
N GLY A 33 -4.28 -10.33 -1.29
CA GLY A 33 -5.38 -9.57 -1.87
C GLY A 33 -6.52 -9.36 -0.88
N GLY A 34 -6.17 -9.15 0.38
CA GLY A 34 -7.19 -8.94 1.40
C GLY A 34 -7.34 -7.48 1.77
N LYS A 35 -8.55 -7.09 2.17
CA LYS A 35 -8.81 -5.71 2.56
C LYS A 35 -9.32 -5.63 4.00
N HIS A 36 -8.68 -6.40 4.88
CA HIS A 36 -9.05 -6.41 6.29
C HIS A 36 -7.82 -6.23 7.18
N GLU A 37 -8.07 -6.07 8.48
CA GLU A 37 -6.98 -5.88 9.44
C GLU A 37 -6.10 -4.71 9.02
N PRO A 38 -6.67 -3.50 9.03
CA PRO A 38 -5.95 -2.27 8.67
C PRO A 38 -4.90 -1.89 9.70
N ASN A 39 -5.10 -2.34 10.94
CA ASN A 39 -4.17 -2.04 12.01
C ASN A 39 -2.87 -2.82 11.85
N MET A 40 -2.97 -4.03 11.29
CA MET A 40 -1.81 -4.87 11.07
C MET A 40 -1.29 -4.72 9.64
N GLN A 41 -1.55 -3.57 9.04
CA GLN A 41 -1.11 -3.30 7.68
C GLN A 41 0.07 -2.34 7.67
N LEU A 42 1.13 -2.72 6.96
CA LEU A 42 2.34 -1.90 6.86
C LEU A 42 2.35 -1.11 5.56
N LEU A 43 2.46 0.21 5.67
CA LEU A 43 2.51 1.08 4.50
C LEU A 43 3.93 1.40 4.11
N CYS A 44 4.19 1.47 2.80
CA CYS A 44 5.52 1.76 2.29
C CYS A 44 5.74 3.28 2.22
N ASP A 45 6.97 3.71 2.48
CA ASP A 45 7.32 5.12 2.44
C ASP A 45 7.92 5.49 1.09
N GLU A 46 7.53 4.76 0.05
CA GLU A 46 8.05 5.01 -1.29
C GLU A 46 6.93 4.90 -2.32
N CYS A 47 6.28 3.74 -2.36
CA CYS A 47 5.19 3.50 -3.30
C CYS A 47 3.83 3.62 -2.61
N ASN A 48 3.86 3.64 -1.28
CA ASN A 48 2.63 3.75 -0.49
C ASN A 48 1.74 2.54 -0.72
N VAL A 49 2.22 1.37 -0.30
CA VAL A 49 1.45 0.13 -0.46
C VAL A 49 1.24 -0.55 0.89
N ALA A 50 0.02 -1.02 1.12
CA ALA A 50 -0.33 -1.69 2.36
C ALA A 50 -0.08 -3.19 2.26
N TYR A 51 0.72 -3.72 3.18
CA TYR A 51 1.04 -5.15 3.18
C TYR A 51 0.87 -5.73 4.59
N HIS A 52 0.27 -6.92 4.66
CA HIS A 52 0.06 -7.58 5.93
C HIS A 52 1.37 -8.05 6.54
N ILE A 53 1.37 -8.31 7.84
CA ILE A 53 2.57 -8.76 8.54
C ILE A 53 2.80 -10.25 8.32
N TYR A 54 1.78 -10.94 7.82
CA TYR A 54 1.88 -12.37 7.57
C TYR A 54 1.76 -12.67 6.08
N CYS A 55 2.11 -11.69 5.25
CA CYS A 55 2.05 -11.84 3.81
C CYS A 55 3.31 -11.29 3.14
N LEU A 56 4.37 -11.18 3.92
CA LEU A 56 5.65 -10.68 3.40
C LEU A 56 6.52 -11.82 2.90
N ASN A 57 7.73 -11.47 2.45
CA ASN A 57 8.67 -12.45 1.94
C ASN A 57 10.10 -12.04 2.21
N PRO A 58 10.68 -12.54 3.32
CA PRO A 58 9.97 -13.45 4.22
C PRO A 58 8.85 -12.76 4.99
N PRO A 59 8.01 -13.55 5.66
CA PRO A 59 6.88 -13.04 6.45
C PRO A 59 7.35 -12.31 7.71
N LEU A 60 6.39 -11.87 8.53
CA LEU A 60 6.72 -11.17 9.77
C LEU A 60 5.89 -11.71 10.93
N ASP A 61 6.58 -12.23 11.94
CA ASP A 61 5.91 -12.78 13.11
C ASP A 61 4.94 -11.76 13.71
N LYS A 62 5.24 -10.48 13.52
CA LYS A 62 4.39 -9.41 14.04
C LYS A 62 4.71 -8.08 13.37
N VAL A 63 4.11 -7.01 13.88
CA VAL A 63 4.35 -5.67 13.33
C VAL A 63 5.64 -5.08 13.85
N PRO A 64 6.44 -4.50 12.95
CA PRO A 64 7.72 -3.89 13.31
C PRO A 64 7.55 -2.60 14.12
N GLU A 65 8.65 -1.93 14.41
CA GLU A 65 8.63 -0.69 15.17
C GLU A 65 9.92 0.10 14.99
N GLU A 66 10.58 -0.12 13.86
CA GLU A 66 11.83 0.57 13.57
C GLU A 66 11.57 1.98 13.05
N GLU A 67 12.63 2.65 12.60
CA GLU A 67 12.52 4.00 12.08
C GLU A 67 11.44 4.08 11.00
N TYR A 68 11.44 3.11 10.09
CA TYR A 68 10.47 3.07 9.01
C TYR A 68 10.36 1.65 8.44
N TRP A 69 9.33 1.44 7.62
CA TRP A 69 9.10 0.13 7.02
C TRP A 69 8.89 0.27 5.50
N TYR A 70 9.68 -0.45 4.74
CA TYR A 70 9.58 -0.42 3.27
C TYR A 70 9.23 -1.79 2.72
N CYS A 71 8.21 -1.83 1.88
CA CYS A 71 7.77 -3.09 1.26
C CYS A 71 8.96 -3.82 0.62
N PRO A 72 8.83 -5.15 0.49
CA PRO A 72 9.86 -5.99 -0.11
C PRO A 72 10.01 -5.76 -1.60
N SER A 73 9.07 -5.00 -2.17
CA SER A 73 9.09 -4.71 -3.60
C SER A 73 9.93 -3.47 -3.89
N CYS A 74 10.21 -2.69 -2.85
CA CYS A 74 10.99 -1.47 -2.99
C CYS A 74 12.41 -1.68 -2.47
N LYS A 75 12.53 -2.19 -1.25
CA LYS A 75 13.82 -2.44 -0.64
C LYS A 75 14.71 -3.26 -1.57
N THR A 76 15.75 -2.64 -2.12
CA THR A 76 16.66 -3.31 -3.03
C THR A 76 18.10 -3.21 -2.53
N ASP A 77 18.26 -3.11 -1.22
CA ASP A 77 19.58 -3.00 -0.61
C ASP A 77 20.33 -1.76 -1.14
ZN ZN B . -2.42 -10.33 3.16
ZN ZN C . 7.18 0.08 -1.75
ZN ZN D . -7.43 1.43 -4.33
N GLY A 1 5.16 37.40 -18.09
CA GLY A 1 4.53 36.21 -18.63
C GLY A 1 5.49 35.03 -18.68
N SER A 2 5.44 34.19 -17.65
CA SER A 2 6.32 33.02 -17.59
C SER A 2 6.02 32.20 -16.33
N SER A 3 5.21 31.16 -16.50
CA SER A 3 4.84 30.29 -15.39
C SER A 3 5.53 28.94 -15.50
N GLY A 4 6.04 28.45 -14.37
CA GLY A 4 6.72 27.17 -14.36
C GLY A 4 6.74 26.53 -12.98
N SER A 5 5.57 26.41 -12.37
CA SER A 5 5.45 25.82 -11.04
C SER A 5 5.46 24.30 -11.12
N SER A 6 6.62 23.70 -10.89
CA SER A 6 6.76 22.25 -10.93
C SER A 6 5.93 21.59 -9.84
N GLY A 7 4.83 20.97 -10.23
CA GLY A 7 3.97 20.30 -9.26
C GLY A 7 2.63 19.90 -9.86
N ARG A 8 1.92 19.01 -9.17
CA ARG A 8 0.62 18.54 -9.64
C ARG A 8 -0.38 18.50 -8.49
N ASN A 9 -0.09 17.70 -7.48
CA ASN A 9 -0.97 17.58 -6.32
C ASN A 9 -2.32 17.00 -6.73
N ASP A 10 -3.16 16.72 -5.74
CA ASP A 10 -4.48 16.15 -5.99
C ASP A 10 -4.38 14.83 -6.75
N THR A 11 -4.38 13.73 -6.01
CA THR A 11 -4.28 12.40 -6.62
C THR A 11 -5.14 11.39 -5.86
N GLU A 12 -5.67 10.42 -6.59
CA GLU A 12 -6.51 9.39 -5.99
C GLU A 12 -6.12 8.00 -6.49
N CYS A 13 -6.93 7.01 -6.17
CA CYS A 13 -6.68 5.64 -6.59
C CYS A 13 -7.50 5.28 -7.82
N ASP A 14 -6.83 4.74 -8.83
CA ASP A 14 -7.50 4.35 -10.07
C ASP A 14 -7.91 2.88 -10.01
N LEU A 15 -7.13 2.08 -9.31
CA LEU A 15 -7.42 0.65 -9.18
C LEU A 15 -8.86 0.42 -8.72
N CYS A 16 -9.15 0.79 -7.48
CA CYS A 16 -10.48 0.63 -6.93
C CYS A 16 -11.32 1.90 -7.12
N GLY A 17 -10.63 3.04 -7.19
CA GLY A 17 -11.32 4.30 -7.37
C GLY A 17 -11.23 5.20 -6.15
N GLY A 18 -11.49 4.63 -4.98
CA GLY A 18 -11.43 5.39 -3.75
C GLY A 18 -12.61 5.11 -2.83
N ASP A 19 -12.76 3.86 -2.42
CA ASP A 19 -13.85 3.47 -1.54
C ASP A 19 -13.49 2.20 -0.77
N PRO A 20 -14.12 2.03 0.41
CA PRO A 20 -13.89 0.88 1.27
C PRO A 20 -14.43 -0.41 0.67
N GLU A 21 -15.69 -0.37 0.22
CA GLU A 21 -16.34 -1.53 -0.38
C GLU A 21 -15.53 -2.05 -1.56
N LYS A 22 -15.30 -1.18 -2.55
CA LYS A 22 -14.54 -1.55 -3.73
C LYS A 22 -13.18 -2.12 -3.35
N LYS A 23 -13.06 -3.44 -3.40
CA LYS A 23 -11.81 -4.11 -3.07
C LYS A 23 -10.65 -3.53 -3.86
N CYS A 24 -9.43 -3.66 -3.33
CA CYS A 24 -8.24 -3.15 -3.99
C CYS A 24 -7.02 -3.97 -3.61
N HIS A 25 -6.03 -3.99 -4.50
CA HIS A 25 -4.80 -4.73 -4.26
C HIS A 25 -3.69 -3.81 -3.76
N SER A 26 -3.79 -2.54 -4.12
CA SER A 26 -2.78 -1.55 -3.71
C SER A 26 -3.12 -0.98 -2.34
N CYS A 27 -4.34 -0.44 -2.21
CA CYS A 27 -4.79 0.15 -0.96
C CYS A 27 -4.64 -0.84 0.19
N SER A 28 -4.70 -2.13 -0.14
CA SER A 28 -4.59 -3.19 0.86
C SER A 28 -3.53 -4.21 0.46
N CYS A 29 -3.48 -5.31 1.19
CA CYS A 29 -2.51 -6.36 0.91
C CYS A 29 -2.56 -6.78 -0.56
N ARG A 30 -1.40 -6.74 -1.22
CA ARG A 30 -1.31 -7.10 -2.62
C ARG A 30 -0.92 -8.56 -2.78
N VAL A 31 -0.40 -9.15 -1.72
CA VAL A 31 0.02 -10.55 -1.74
C VAL A 31 -1.19 -11.47 -1.79
N CYS A 32 -1.89 -11.59 -0.66
CA CYS A 32 -3.06 -12.45 -0.58
C CYS A 32 -4.29 -11.77 -1.20
N GLY A 33 -4.27 -10.44 -1.22
CA GLY A 33 -5.37 -9.69 -1.78
C GLY A 33 -6.56 -9.62 -0.85
N GLY A 34 -6.34 -9.11 0.36
CA GLY A 34 -7.42 -9.00 1.33
C GLY A 34 -7.55 -7.61 1.90
N LYS A 35 -8.78 -7.24 2.27
CA LYS A 35 -9.04 -5.92 2.83
C LYS A 35 -9.50 -6.02 4.27
N HIS A 36 -8.71 -6.69 5.10
CA HIS A 36 -9.04 -6.87 6.51
C HIS A 36 -7.82 -6.60 7.39
N GLU A 37 -8.06 -6.40 8.68
CA GLU A 37 -6.99 -6.12 9.62
C GLU A 37 -6.13 -4.95 9.16
N PRO A 38 -6.76 -3.76 9.13
CA PRO A 38 -6.07 -2.53 8.70
C PRO A 38 -5.02 -2.07 9.71
N ASN A 39 -5.17 -2.51 10.96
CA ASN A 39 -4.24 -2.14 12.01
C ASN A 39 -2.92 -2.90 11.86
N MET A 40 -2.99 -4.09 11.27
CA MET A 40 -1.80 -4.90 11.06
C MET A 40 -1.27 -4.74 9.63
N GLN A 41 -1.56 -3.60 9.02
CA GLN A 41 -1.12 -3.31 7.67
C GLN A 41 0.06 -2.35 7.66
N LEU A 42 1.11 -2.70 6.94
CA LEU A 42 2.31 -1.87 6.86
C LEU A 42 2.32 -1.06 5.57
N LEU A 43 2.54 0.24 5.69
CA LEU A 43 2.58 1.12 4.52
C LEU A 43 4.01 1.41 4.10
N CYS A 44 4.26 1.39 2.80
CA CYS A 44 5.59 1.65 2.26
C CYS A 44 5.84 3.15 2.15
N ASP A 45 7.08 3.56 2.44
CA ASP A 45 7.45 4.97 2.38
C ASP A 45 8.04 5.30 1.01
N GLU A 46 7.42 4.78 -0.04
CA GLU A 46 7.89 5.03 -1.40
C GLU A 46 6.73 4.91 -2.40
N CYS A 47 6.16 3.72 -2.50
CA CYS A 47 5.04 3.48 -3.41
C CYS A 47 3.71 3.60 -2.69
N ASN A 48 3.76 3.60 -1.36
CA ASN A 48 2.55 3.71 -0.55
C ASN A 48 1.65 2.51 -0.76
N VAL A 49 2.14 1.33 -0.36
CA VAL A 49 1.37 0.10 -0.50
C VAL A 49 1.18 -0.58 0.86
N ALA A 50 -0.04 -1.04 1.11
CA ALA A 50 -0.36 -1.72 2.36
C ALA A 50 -0.11 -3.21 2.26
N TYR A 51 0.70 -3.74 3.17
CA TYR A 51 1.02 -5.16 3.18
C TYR A 51 0.86 -5.75 4.59
N HIS A 52 0.28 -6.94 4.66
CA HIS A 52 0.07 -7.61 5.94
C HIS A 52 1.40 -8.04 6.55
N ILE A 53 1.39 -8.34 7.84
CA ILE A 53 2.60 -8.77 8.54
C ILE A 53 2.85 -10.25 8.34
N TYR A 54 1.83 -10.96 7.85
CA TYR A 54 1.94 -12.39 7.62
C TYR A 54 1.81 -12.71 6.13
N CYS A 55 2.16 -11.76 5.29
CA CYS A 55 2.08 -11.93 3.84
C CYS A 55 3.33 -11.37 3.16
N LEU A 56 4.41 -11.24 3.93
CA LEU A 56 5.66 -10.72 3.40
C LEU A 56 6.56 -11.84 2.91
N ASN A 57 7.75 -11.50 2.44
CA ASN A 57 8.70 -12.49 1.94
C ASN A 57 10.13 -12.04 2.20
N PRO A 58 10.71 -12.53 3.32
CA PRO A 58 10.02 -13.43 4.23
C PRO A 58 8.90 -12.73 5.00
N PRO A 59 8.08 -13.52 5.70
CA PRO A 59 6.95 -12.99 6.48
C PRO A 59 7.42 -12.24 7.73
N LEU A 60 6.47 -11.80 8.54
CA LEU A 60 6.78 -11.07 9.76
C LEU A 60 5.98 -11.62 10.94
N ASP A 61 6.70 -12.08 11.96
CA ASP A 61 6.06 -12.63 13.16
C ASP A 61 5.07 -11.63 13.74
N LYS A 62 5.33 -10.34 13.53
CA LYS A 62 4.46 -9.29 14.03
C LYS A 62 4.76 -7.96 13.36
N VAL A 63 4.17 -6.89 13.87
CA VAL A 63 4.38 -5.56 13.32
C VAL A 63 5.70 -4.96 13.81
N PRO A 64 6.46 -4.37 12.87
CA PRO A 64 7.76 -3.76 13.19
C PRO A 64 7.61 -2.47 14.00
N GLU A 65 8.74 -1.87 14.35
CA GLU A 65 8.72 -0.64 15.13
C GLU A 65 10.02 0.14 14.93
N GLU A 66 10.66 -0.07 13.79
CA GLU A 66 11.91 0.62 13.47
C GLU A 66 11.64 2.02 12.92
N GLU A 67 12.69 2.65 12.40
CA GLU A 67 12.57 3.99 11.84
C GLU A 67 11.44 4.05 10.82
N TYR A 68 11.50 3.15 9.83
CA TYR A 68 10.48 3.10 8.79
C TYR A 68 10.34 1.69 8.23
N TRP A 69 9.31 1.48 7.42
CA TRP A 69 9.07 0.18 6.82
C TRP A 69 8.89 0.29 5.31
N TYR A 70 9.73 -0.43 4.56
CA TYR A 70 9.66 -0.40 3.10
C TYR A 70 9.28 -1.77 2.54
N CYS A 71 8.25 -1.80 1.72
CA CYS A 71 7.78 -3.05 1.12
C CYS A 71 8.93 -3.79 0.44
N PRO A 72 8.80 -5.11 0.32
CA PRO A 72 9.82 -5.96 -0.31
C PRO A 72 9.92 -5.73 -1.81
N SER A 73 8.97 -4.97 -2.36
CA SER A 73 8.95 -4.67 -3.79
C SER A 73 9.78 -3.43 -4.10
N CYS A 74 10.10 -2.66 -3.05
CA CYS A 74 10.90 -1.46 -3.22
C CYS A 74 12.33 -1.68 -2.74
N LYS A 75 12.46 -2.21 -1.53
CA LYS A 75 13.78 -2.47 -0.95
C LYS A 75 14.64 -3.28 -1.92
N THR A 76 15.60 -2.61 -2.54
CA THR A 76 16.49 -3.26 -3.50
C THR A 76 17.86 -3.53 -2.86
N ASP A 77 17.89 -3.64 -1.55
CA ASP A 77 19.13 -3.90 -0.82
C ASP A 77 19.31 -5.39 -0.56
ZN ZN B . -2.39 -10.45 3.21
ZN ZN C . 7.13 0.12 -1.89
ZN ZN D . -7.38 1.40 -4.30
N GLY A 1 -3.50 31.41 -32.85
CA GLY A 1 -3.88 30.02 -33.05
C GLY A 1 -2.80 29.06 -32.61
N SER A 2 -3.10 28.26 -31.60
CA SER A 2 -2.15 27.28 -31.08
C SER A 2 -2.87 26.13 -30.39
N SER A 3 -2.18 24.98 -30.31
CA SER A 3 -2.76 23.80 -29.68
C SER A 3 -1.67 22.94 -29.05
N GLY A 4 -1.86 22.57 -27.79
CA GLY A 4 -0.89 21.75 -27.10
C GLY A 4 -1.48 21.03 -25.89
N SER A 5 -1.84 19.77 -26.08
CA SER A 5 -2.43 18.97 -25.00
C SER A 5 -1.36 18.57 -23.98
N SER A 6 -1.74 18.59 -22.71
CA SER A 6 -0.82 18.23 -21.64
C SER A 6 -1.58 17.75 -20.41
N GLY A 7 -1.64 16.44 -20.22
CA GLY A 7 -2.34 15.87 -19.08
C GLY A 7 -1.40 15.22 -18.09
N ARG A 8 -1.00 15.97 -17.07
CA ARG A 8 -0.09 15.46 -16.05
C ARG A 8 -0.77 15.46 -14.67
N ASN A 9 -2.08 15.27 -14.67
CA ASN A 9 -2.84 15.25 -13.42
C ASN A 9 -3.20 13.82 -13.03
N ASP A 10 -2.83 13.43 -11.82
CA ASP A 10 -3.13 12.10 -11.32
C ASP A 10 -3.34 12.10 -9.81
N THR A 11 -4.54 11.73 -9.38
CA THR A 11 -4.88 11.70 -7.97
C THR A 11 -5.90 10.61 -7.66
N GLU A 12 -6.10 10.33 -6.38
CA GLU A 12 -7.05 9.31 -5.96
C GLU A 12 -6.64 7.94 -6.51
N CYS A 13 -7.45 6.93 -6.21
CA CYS A 13 -7.19 5.57 -6.67
C CYS A 13 -8.22 5.13 -7.68
N ASP A 14 -7.75 4.69 -8.85
CA ASP A 14 -8.65 4.23 -9.91
C ASP A 14 -8.90 2.73 -9.81
N LEU A 15 -7.93 2.01 -9.26
CA LEU A 15 -8.03 0.56 -9.10
C LEU A 15 -9.34 0.19 -8.40
N CYS A 16 -9.75 1.02 -7.44
CA CYS A 16 -10.97 0.77 -6.69
C CYS A 16 -11.92 1.96 -6.81
N GLY A 17 -11.36 3.16 -6.85
CA GLY A 17 -12.17 4.36 -6.95
C GLY A 17 -12.20 5.16 -5.66
N GLY A 18 -11.98 4.47 -4.54
CA GLY A 18 -11.99 5.14 -3.26
C GLY A 18 -13.18 4.73 -2.40
N ASP A 19 -13.28 3.44 -2.11
CA ASP A 19 -14.38 2.93 -1.30
C ASP A 19 -13.98 1.64 -0.61
N PRO A 20 -14.64 1.34 0.53
CA PRO A 20 -14.37 0.14 1.31
C PRO A 20 -14.82 -1.13 0.60
N GLU A 21 -16.05 -1.11 0.09
CA GLU A 21 -16.61 -2.26 -0.61
C GLU A 21 -15.69 -2.69 -1.77
N LYS A 22 -15.40 -1.75 -2.67
CA LYS A 22 -14.55 -2.02 -3.80
C LYS A 22 -13.17 -2.49 -3.36
N LYS A 23 -12.96 -3.80 -3.40
CA LYS A 23 -11.69 -4.39 -3.00
C LYS A 23 -10.56 -3.89 -3.89
N CYS A 24 -9.43 -3.57 -3.27
CA CYS A 24 -8.27 -3.09 -4.00
C CYS A 24 -7.02 -3.89 -3.65
N HIS A 25 -6.07 -3.94 -4.59
CA HIS A 25 -4.82 -4.67 -4.37
C HIS A 25 -3.74 -3.75 -3.85
N SER A 26 -3.82 -2.47 -4.21
CA SER A 26 -2.84 -1.48 -3.78
C SER A 26 -3.18 -0.94 -2.40
N CYS A 27 -4.37 -0.37 -2.28
CA CYS A 27 -4.81 0.20 -1.01
C CYS A 27 -4.69 -0.82 0.12
N SER A 28 -4.80 -2.10 -0.24
CA SER A 28 -4.70 -3.18 0.75
C SER A 28 -3.61 -4.16 0.36
N CYS A 29 -3.57 -5.30 1.06
CA CYS A 29 -2.57 -6.33 0.79
C CYS A 29 -2.58 -6.72 -0.69
N ARG A 30 -1.40 -6.68 -1.31
CA ARG A 30 -1.26 -7.03 -2.72
C ARG A 30 -0.89 -8.49 -2.88
N VAL A 31 -0.36 -9.09 -1.82
CA VAL A 31 0.03 -10.50 -1.85
C VAL A 31 -1.18 -11.41 -1.89
N CYS A 32 -1.87 -11.52 -0.76
CA CYS A 32 -3.06 -12.37 -0.67
C CYS A 32 -4.27 -11.68 -1.29
N GLY A 33 -4.23 -10.35 -1.34
CA GLY A 33 -5.33 -9.59 -1.90
C GLY A 33 -6.47 -9.40 -0.94
N GLY A 34 -6.13 -9.18 0.33
CA GLY A 34 -7.15 -8.97 1.34
C GLY A 34 -7.27 -7.53 1.77
N LYS A 35 -8.48 -7.13 2.16
CA LYS A 35 -8.73 -5.74 2.59
C LYS A 35 -9.18 -5.71 4.05
N HIS A 36 -8.62 -6.59 4.87
CA HIS A 36 -8.96 -6.65 6.28
C HIS A 36 -7.73 -6.44 7.16
N GLU A 37 -7.96 -6.29 8.46
CA GLU A 37 -6.87 -6.07 9.40
C GLU A 37 -6.04 -4.85 9.00
N PRO A 38 -6.68 -3.67 9.02
CA PRO A 38 -6.02 -2.42 8.66
C PRO A 38 -4.99 -1.98 9.70
N ASN A 39 -5.16 -2.45 10.93
CA ASN A 39 -4.25 -2.11 12.01
C ASN A 39 -2.93 -2.87 11.86
N MET A 40 -2.99 -4.05 11.26
CA MET A 40 -1.81 -4.87 11.05
C MET A 40 -1.28 -4.72 9.64
N GLN A 41 -1.56 -3.57 9.02
CA GLN A 41 -1.10 -3.30 7.67
C GLN A 41 0.09 -2.34 7.66
N LEU A 42 1.14 -2.72 6.96
CA LEU A 42 2.34 -1.89 6.87
C LEU A 42 2.36 -1.10 5.57
N LEU A 43 2.47 0.22 5.69
CA LEU A 43 2.51 1.09 4.52
C LEU A 43 3.94 1.40 4.12
N CYS A 44 4.20 1.47 2.82
CA CYS A 44 5.53 1.76 2.31
C CYS A 44 5.75 3.27 2.23
N ASP A 45 6.99 3.68 2.49
CA ASP A 45 7.34 5.10 2.44
C ASP A 45 7.95 5.47 1.10
N GLU A 46 7.56 4.73 0.06
CA GLU A 46 8.07 4.98 -1.29
C GLU A 46 6.95 4.88 -2.31
N CYS A 47 6.30 3.72 -2.36
CA CYS A 47 5.21 3.49 -3.29
C CYS A 47 3.85 3.61 -2.60
N ASN A 48 3.88 3.64 -1.27
CA ASN A 48 2.65 3.75 -0.50
C ASN A 48 1.75 2.55 -0.72
N VAL A 49 2.22 1.37 -0.30
CA VAL A 49 1.45 0.14 -0.45
C VAL A 49 1.22 -0.53 0.90
N ALA A 50 0.00 -1.03 1.10
CA ALA A 50 -0.34 -1.70 2.34
C ALA A 50 -0.10 -3.20 2.25
N TYR A 51 0.71 -3.73 3.16
CA TYR A 51 1.03 -5.15 3.19
C TYR A 51 0.87 -5.73 4.59
N HIS A 52 0.27 -6.92 4.66
CA HIS A 52 0.06 -7.58 5.94
C HIS A 52 1.38 -8.04 6.55
N ILE A 53 1.37 -8.31 7.84
CA ILE A 53 2.57 -8.76 8.54
C ILE A 53 2.81 -10.24 8.33
N TYR A 54 1.79 -10.94 7.84
CA TYR A 54 1.89 -12.37 7.59
C TYR A 54 1.77 -12.68 6.10
N CYS A 55 2.12 -11.70 5.27
CA CYS A 55 2.05 -11.86 3.83
C CYS A 55 3.30 -11.31 3.16
N LEU A 56 4.38 -11.19 3.94
CA LEU A 56 5.65 -10.68 3.43
C LEU A 56 6.54 -11.81 2.93
N ASN A 57 7.73 -11.47 2.47
CA ASN A 57 8.68 -12.45 1.96
C ASN A 57 10.11 -12.02 2.24
N PRO A 58 10.69 -12.52 3.35
CA PRO A 58 9.98 -13.43 4.25
C PRO A 58 8.87 -12.74 5.02
N PRO A 59 8.02 -13.54 5.70
CA PRO A 59 6.90 -13.02 6.48
C PRO A 59 7.36 -12.29 7.74
N LEU A 60 6.41 -11.84 8.55
CA LEU A 60 6.72 -11.13 9.78
C LEU A 60 5.90 -11.68 10.95
N ASP A 61 6.59 -12.18 11.96
CA ASP A 61 5.93 -12.73 13.15
C ASP A 61 4.95 -11.72 13.74
N LYS A 62 5.25 -10.44 13.55
CA LYS A 62 4.40 -9.37 14.07
C LYS A 62 4.73 -8.03 13.39
N VAL A 63 4.13 -6.96 13.90
CA VAL A 63 4.37 -5.62 13.35
C VAL A 63 5.66 -5.04 13.88
N PRO A 64 6.47 -4.46 12.98
CA PRO A 64 7.74 -3.85 13.33
C PRO A 64 7.57 -2.56 14.14
N GLU A 65 8.69 -1.90 14.44
CA GLU A 65 8.65 -0.66 15.21
C GLU A 65 9.96 0.11 15.05
N GLU A 66 10.63 -0.11 13.93
CA GLU A 66 11.89 0.57 13.65
C GLU A 66 11.65 1.97 13.10
N GLU A 67 12.72 2.61 12.62
CA GLU A 67 12.62 3.95 12.06
C GLU A 67 11.51 4.02 11.00
N TYR A 68 11.54 3.08 10.07
CA TYR A 68 10.55 3.04 9.00
C TYR A 68 10.41 1.63 8.43
N TRP A 69 9.38 1.41 7.63
CA TRP A 69 9.14 0.12 7.01
C TRP A 69 8.92 0.25 5.51
N TYR A 70 9.70 -0.48 4.74
CA TYR A 70 9.60 -0.45 3.28
C TYR A 70 9.24 -1.81 2.72
N CYS A 71 8.21 -1.86 1.88
CA CYS A 71 7.76 -3.11 1.28
C CYS A 71 8.93 -3.85 0.63
N PRO A 72 8.80 -5.18 0.51
CA PRO A 72 9.83 -6.03 -0.10
C PRO A 72 9.96 -5.80 -1.59
N SER A 73 9.04 -5.03 -2.16
CA SER A 73 9.05 -4.74 -3.59
C SER A 73 9.90 -3.51 -3.89
N CYS A 74 10.18 -2.73 -2.84
CA CYS A 74 10.97 -1.52 -2.99
C CYS A 74 12.40 -1.74 -2.48
N LYS A 75 12.51 -2.24 -1.26
CA LYS A 75 13.81 -2.50 -0.66
C LYS A 75 14.69 -3.34 -1.59
N THR A 76 15.77 -2.73 -2.08
CA THR A 76 16.68 -3.43 -2.98
C THR A 76 18.11 -3.28 -2.52
N ASP A 77 18.30 -3.08 -1.22
CA ASP A 77 19.63 -2.92 -0.65
C ASP A 77 20.07 -4.20 0.07
ZN ZN B . -2.38 -10.36 3.15
ZN ZN C . 7.18 0.05 -1.74
ZN ZN D . -7.41 1.51 -4.35
#